data_7YKS
#
_entry.id   7YKS
#
_cell.length_a   1.00
_cell.length_b   1.00
_cell.length_c   1.00
_cell.angle_alpha   90.00
_cell.angle_beta   90.00
_cell.angle_gamma   90.00
#
_symmetry.space_group_name_H-M   'P 1'
#
_entity_poly.entity_id   1
_entity_poly.type   'polypeptide(L)'
_entity_poly.pdbx_seq_one_letter_code
;MTSGDKETPKREDFASALRFLMGGCAREPEMTAMAPLNLPKKWARILRMSSTPKIPIVDYLEAAESGNLDDFKRLFMADN
SRIALKDAKGRTAAHQAAARNRVNILRYIRDQNGDFNAKDNAGNTPLHIAVESDAYDALDYLLSIPVDTGVLNEKKQAPV
HLATELNKVKSLRVMGQYRNVIDIQQGGEHGRTALHLAAIYDHEECARILITEFDACPRKPCNNGYYPIHEAAKNASSKT
MEVFFQWGEQRGCTREEMISFYDSEGNVPLHSAVHGGDIKAVELCLKSGAKISTQQHDLSTPVHLACAQGAIDIVKLMFE
MQPMEKRLCLSCTDVQKMTPLHCASMFDHPDIVSYLVAEGADINALDKEHRSPLLLAASRSGWKTVHLLIRLGACISVKD
AAARNVLHFVIMNGGRLTDFAEQVANCQTQAQLKLLLNEKDSMGCSPLHYASRDGHIRSLENLIRLGACINLKNNNNESP
LHFAARYGRYNTVRQLLDSEKGSFIINESDGAGMTPLHISSQQGHTRVVQLLLNRGALLHRDHTGRNPLQLAAMSGYTET
IELLHSVHSHLLDQVDKDGNTALHLATMENKPHAISVLMSMGCKLVYNVLDMSAIDYAIYYKYPEAALAMVTHEERANEV
MALRSDKHPCVTLALIASMPKVFEAVQDKCITKANCKKDSKSFYIKYSFAFLQCPFMFAKIDEKTGESITTASPIPLPAL
NTMVTHGRVELLAHPLSQKYLQMKWNSYGKYFHLANLLIYSIFLVFVTIYSSLMMNNIELKAGDNKTMSQYCNMGWEQLT
MNLSQNPSVASQIRLDSCEERINRTTAILFCAVVIVVYILLNSMRELIQIYQQKLHYILETVNLISWVLYISALVMVTPA
FQPDGGINTIHYSAASIAVFLSWFRLLLFLQRFDQVGIYVVMFLEILQTLIKVLMVFSILIIAFGLAFYILLSKIIDPQP
NHLSFSNIPMSLLRTFSMMLGELDFVGTYVNTYYRDQLKVPMTSFLILSVFMILMPILLMNLLIGLAVGDIESVRRNAQL
KRLAMQVVLHTELERKLPHVWLQRVDKMELIEYPNETKCKLGFCDFILRKWFSNPFTEDSSMDVISFDNNDDYINAELER
QRRKLRDISRMLEQQHHLVRLIVQKMEIKTEADDVDEGISPNELRSVVGLRSAGGNRWNSPRVRNKLRAALSFNKSM
;
_entity_poly.pdbx_strand_id   A,B,C,D
#
# COMPACT_ATOMS: atom_id res chain seq x y z
N ASN A 477 44.57 39.09 10.92
CA ASN A 477 44.66 37.64 10.76
C ASN A 477 45.23 36.86 11.95
N GLU A 478 45.62 35.62 11.72
CA GLU A 478 46.08 34.74 12.78
C GLU A 478 47.60 34.61 12.76
N SER A 479 48.14 34.00 13.81
CA SER A 479 49.57 33.91 14.01
C SER A 479 50.20 32.95 12.98
N PRO A 480 51.47 33.18 12.63
CA PRO A 480 52.14 32.25 11.69
C PRO A 480 52.35 30.85 12.24
N LEU A 481 52.27 30.65 13.55
CA LEU A 481 52.30 29.30 14.11
C LEU A 481 50.92 28.67 14.16
N HIS A 482 49.87 29.48 14.38
CA HIS A 482 48.51 28.96 14.31
C HIS A 482 48.10 28.62 12.88
N PHE A 483 48.71 29.27 11.89
CA PHE A 483 48.46 28.88 10.51
C PHE A 483 49.14 27.57 10.19
N ALA A 484 50.40 27.41 10.61
CA ALA A 484 51.17 26.25 10.21
C ALA A 484 50.73 25.00 10.96
N ALA A 485 50.22 25.15 12.17
CA ALA A 485 49.91 23.96 12.98
C ALA A 485 48.65 23.27 12.52
N ARG A 486 47.71 24.01 11.93
CA ARG A 486 46.44 23.40 11.55
C ARG A 486 46.39 22.90 10.12
N TYR A 487 47.37 23.24 9.28
CA TYR A 487 47.38 22.79 7.90
C TYR A 487 48.56 21.87 7.62
N GLY A 488 48.93 21.05 8.60
CA GLY A 488 50.05 20.14 8.41
C GLY A 488 51.33 20.90 8.59
N ARG A 489 52.06 21.14 7.49
CA ARG A 489 53.04 22.22 7.36
C ARG A 489 54.17 22.08 8.39
N TYR A 490 54.93 21.00 8.23
CA TYR A 490 55.80 20.52 9.29
C TYR A 490 57.09 21.32 9.40
N ASN A 491 57.76 21.59 8.28
CA ASN A 491 59.04 22.29 8.33
C ASN A 491 58.91 23.76 8.70
N THR A 492 57.71 24.33 8.58
CA THR A 492 57.47 25.69 9.04
C THR A 492 57.25 25.72 10.55
N VAL A 493 56.64 24.68 11.11
CA VAL A 493 56.49 24.58 12.56
C VAL A 493 57.84 24.40 13.23
N ARG A 494 58.68 23.53 12.67
CA ARG A 494 60.00 23.27 13.24
C ARG A 494 60.91 24.49 13.12
N GLN A 495 60.69 25.33 12.11
CA GLN A 495 61.51 26.52 11.93
C GLN A 495 61.05 27.67 12.84
N LEU A 496 59.73 27.79 13.08
CA LEU A 496 59.25 28.84 13.97
C LEU A 496 59.58 28.53 15.42
N LEU A 497 59.65 27.27 15.79
CA LEU A 497 60.06 26.89 17.14
C LEU A 497 61.58 26.88 17.29
N ASP A 498 62.32 27.15 16.21
CA ASP A 498 63.76 27.25 16.26
C ASP A 498 64.23 28.68 16.46
N SER A 499 63.34 29.65 16.30
CA SER A 499 63.71 31.05 16.42
C SER A 499 63.78 31.48 17.89
N GLU A 500 64.20 32.74 18.09
CA GLU A 500 64.29 33.28 19.45
C GLU A 500 62.93 33.60 20.02
N LYS A 501 61.93 33.84 19.17
CA LYS A 501 60.57 34.01 19.64
C LYS A 501 59.94 32.67 20.02
N GLY A 502 60.50 31.56 19.54
CA GLY A 502 59.89 30.26 19.70
C GLY A 502 60.01 29.61 21.06
N SER A 503 59.76 30.36 22.11
CA SER A 503 59.72 29.84 23.47
C SER A 503 58.43 30.20 24.18
N PHE A 504 57.89 31.39 23.92
CA PHE A 504 56.59 31.77 24.46
C PHE A 504 55.49 31.79 23.41
N ILE A 505 55.83 31.59 22.13
CA ILE A 505 54.82 31.48 21.08
C ILE A 505 54.21 30.08 21.06
N ILE A 506 54.86 29.11 21.70
CA ILE A 506 54.40 27.73 21.66
C ILE A 506 53.16 27.53 22.53
N ASN A 507 52.92 28.41 23.52
CA ASN A 507 51.83 28.24 24.46
C ASN A 507 50.85 29.41 24.39
N GLU A 508 50.70 30.01 23.23
CA GLU A 508 49.87 31.19 23.06
C GLU A 508 48.50 30.80 22.51
N SER A 509 47.45 31.25 23.16
CA SER A 509 46.09 30.98 22.72
C SER A 509 45.60 32.07 21.79
N ASP A 510 44.49 31.78 21.13
CA ASP A 510 43.81 32.71 20.23
C ASP A 510 42.52 33.19 20.89
N GLY A 511 41.68 33.88 20.11
CA GLY A 511 40.42 34.38 20.62
C GLY A 511 39.46 33.28 21.03
N ALA A 512 39.54 32.12 20.38
CA ALA A 512 38.78 30.96 20.81
C ALA A 512 39.43 30.23 21.97
N GLY A 513 40.67 30.57 22.31
CA GLY A 513 41.34 30.00 23.46
C GLY A 513 42.24 28.83 23.19
N MET A 514 42.42 28.44 21.93
CA MET A 514 43.16 27.23 21.59
C MET A 514 44.63 27.54 21.37
N THR A 515 45.50 26.73 21.96
CA THR A 515 46.93 26.79 21.74
C THR A 515 47.24 26.13 20.39
N PRO A 516 48.48 26.19 19.89
CA PRO A 516 48.84 25.36 18.73
C PRO A 516 48.75 23.87 18.97
N LEU A 517 48.76 23.41 20.22
CA LEU A 517 48.60 21.99 20.49
C LEU A 517 47.15 21.56 20.31
N HIS A 518 46.19 22.46 20.53
CA HIS A 518 44.79 22.14 20.33
C HIS A 518 44.44 22.03 18.85
N ILE A 519 44.94 22.97 18.05
CA ILE A 519 44.47 23.04 16.67
C ILE A 519 45.17 22.00 15.82
N SER A 520 46.37 21.57 16.22
CA SER A 520 47.09 20.53 15.50
C SER A 520 46.42 19.18 15.66
N SER A 521 45.79 18.94 16.81
CA SER A 521 45.14 17.67 17.07
C SER A 521 43.66 17.67 16.75
N GLN A 522 43.02 18.85 16.73
CA GLN A 522 41.66 18.95 16.23
C GLN A 522 41.61 18.60 14.75
N GLN A 523 42.62 19.02 14.00
CA GLN A 523 42.72 18.75 12.58
C GLN A 523 43.37 17.42 12.27
N GLY A 524 43.93 16.74 13.27
CA GLY A 524 44.41 15.39 13.08
C GLY A 524 45.76 15.26 12.45
N HIS A 525 46.67 16.20 12.70
CA HIS A 525 48.03 16.16 12.16
C HIS A 525 48.93 15.52 13.21
N THR A 526 49.28 14.26 13.00
CA THR A 526 49.82 13.46 14.08
C THR A 526 51.33 13.56 14.23
N ARG A 527 52.06 14.02 13.22
CA ARG A 527 53.50 14.23 13.36
C ARG A 527 53.86 15.70 13.55
N VAL A 528 52.87 16.59 13.54
CA VAL A 528 53.08 17.95 13.98
C VAL A 528 52.77 18.09 15.46
N VAL A 529 51.77 17.33 15.95
CA VAL A 529 51.43 17.34 17.37
C VAL A 529 52.49 16.61 18.18
N GLN A 530 53.28 15.74 17.55
CA GLN A 530 54.35 15.06 18.26
C GLN A 530 55.54 15.99 18.49
N LEU A 531 55.86 16.83 17.51
CA LEU A 531 56.96 17.78 17.68
C LEU A 531 56.62 18.85 18.69
N LEU A 532 55.34 19.20 18.84
CA LEU A 532 54.95 20.12 19.90
C LEU A 532 55.09 19.51 21.28
N LEU A 533 55.06 18.17 21.38
CA LEU A 533 55.23 17.51 22.67
C LEU A 533 56.69 17.21 22.97
N ASN A 534 57.53 17.05 21.96
CA ASN A 534 58.96 16.91 22.21
C ASN A 534 59.58 18.23 22.65
N ARG A 535 59.00 19.34 22.26
CA ARG A 535 59.44 20.65 22.73
C ARG A 535 58.74 21.08 24.01
N GLY A 536 57.92 20.22 24.60
CA GLY A 536 57.30 20.50 25.87
C GLY A 536 56.25 21.58 25.88
N ALA A 537 55.12 21.33 25.21
CA ALA A 537 54.01 22.27 25.27
C ALA A 537 53.14 21.98 26.48
N LEU A 538 52.51 23.02 27.00
CA LEU A 538 51.68 22.87 28.18
C LEU A 538 50.28 22.44 27.79
N LEU A 539 49.63 21.71 28.70
CA LEU A 539 48.32 21.12 28.43
C LEU A 539 47.21 22.02 28.97
N HIS A 540 47.11 23.21 28.37
CA HIS A 540 46.07 24.13 28.77
C HIS A 540 44.73 23.70 28.17
N ARG A 541 43.68 24.43 28.56
CA ARG A 541 42.33 24.12 28.14
C ARG A 541 41.70 25.39 27.58
N ASP A 542 40.83 25.23 26.59
CA ASP A 542 40.26 26.36 25.88
C ASP A 542 39.11 26.98 26.68
N HIS A 543 38.34 27.84 26.03
CA HIS A 543 37.22 28.51 26.70
C HIS A 543 36.08 27.55 27.00
N THR A 544 35.94 26.49 26.21
CA THR A 544 34.98 25.45 26.54
C THR A 544 35.54 24.43 27.51
N GLY A 545 36.82 24.50 27.84
CA GLY A 545 37.39 23.64 28.86
C GLY A 545 37.81 22.27 28.38
N ARG A 546 38.26 22.15 27.14
CA ARG A 546 38.57 20.86 26.54
C ARG A 546 40.07 20.71 26.31
N ASN A 547 40.57 19.52 26.59
CA ASN A 547 41.97 19.19 26.37
C ASN A 547 42.17 18.71 24.92
N PRO A 548 43.42 18.48 24.48
CA PRO A 548 43.60 17.93 23.12
C PRO A 548 43.05 16.52 22.88
N LEU A 549 42.71 15.75 23.91
CA LEU A 549 42.07 14.46 23.67
C LEU A 549 40.64 14.64 23.18
N GLN A 550 39.92 15.58 23.76
CA GLN A 550 38.51 15.73 23.45
C GLN A 550 38.28 16.39 22.10
N LEU A 551 39.19 17.26 21.66
CA LEU A 551 39.02 17.89 20.36
C LEU A 551 39.28 16.92 19.24
N ALA A 552 40.25 16.01 19.41
CA ALA A 552 40.50 14.99 18.42
C ALA A 552 39.46 13.90 18.44
N ALA A 553 38.78 13.70 19.56
CA ALA A 553 37.70 12.73 19.64
C ALA A 553 36.43 13.24 18.98
N MET A 554 36.22 14.55 18.96
CA MET A 554 35.08 15.10 18.25
C MET A 554 35.23 14.97 16.74
N SER A 555 36.45 14.88 16.25
CA SER A 555 36.72 14.80 14.83
C SER A 555 37.02 13.39 14.36
N GLY A 556 37.19 12.45 15.27
CA GLY A 556 37.33 11.06 14.89
C GLY A 556 38.69 10.67 14.37
N TYR A 557 39.74 11.36 14.77
CA TYR A 557 41.10 11.02 14.34
C TYR A 557 41.68 10.04 15.35
N THR A 558 41.77 8.78 14.94
CA THR A 558 42.11 7.70 15.85
C THR A 558 43.61 7.63 16.12
N GLU A 559 44.43 7.91 15.10
CA GLU A 559 45.87 7.76 15.26
C GLU A 559 46.49 8.85 16.14
N THR A 560 45.80 9.97 16.35
CA THR A 560 46.35 11.04 17.16
C THR A 560 45.90 11.00 18.62
N ILE A 561 44.91 10.17 18.95
CA ILE A 561 44.58 9.97 20.37
C ILE A 561 45.28 8.75 20.94
N GLU A 562 45.79 7.86 20.09
CA GLU A 562 46.66 6.80 20.57
C GLU A 562 48.07 7.29 20.85
N LEU A 563 48.42 8.46 20.31
CA LEU A 563 49.73 9.07 20.57
C LEU A 563 49.68 9.99 21.77
N LEU A 564 48.59 10.73 21.94
CA LEU A 564 48.46 11.59 23.11
C LEU A 564 48.23 10.79 24.38
N HIS A 565 47.65 9.59 24.28
CA HIS A 565 47.46 8.74 25.44
C HIS A 565 48.76 8.05 25.85
N SER A 566 49.66 7.81 24.89
CA SER A 566 50.92 7.15 25.19
C SER A 566 51.89 8.04 25.96
N VAL A 567 51.73 9.36 25.88
CA VAL A 567 52.62 10.28 26.57
C VAL A 567 51.91 11.00 27.72
N HIS A 568 50.60 11.15 27.68
CA HIS A 568 49.82 11.74 28.78
C HIS A 568 48.61 10.83 28.99
N SER A 569 48.73 9.91 29.94
CA SER A 569 47.66 8.95 30.20
C SER A 569 46.62 9.45 31.18
N HIS A 570 46.67 10.73 31.57
CA HIS A 570 45.72 11.29 32.51
C HIS A 570 44.74 12.26 31.86
N LEU A 571 44.77 12.39 30.53
CA LEU A 571 43.83 13.23 29.82
C LEU A 571 42.60 12.47 29.33
N LEU A 572 42.58 11.15 29.52
CA LEU A 572 41.44 10.35 29.07
C LEU A 572 40.21 10.62 29.90
N ASP A 573 40.36 10.56 31.22
CA ASP A 573 39.23 10.66 32.15
C ASP A 573 39.11 12.09 32.70
N GLN A 574 38.94 13.06 31.80
CA GLN A 574 38.71 14.43 32.23
C GLN A 574 37.40 14.95 31.66
N VAL A 575 36.96 16.07 32.21
CA VAL A 575 35.67 16.66 31.84
C VAL A 575 35.90 18.08 31.34
N ASP A 576 34.81 18.79 31.05
CA ASP A 576 34.88 20.14 30.54
C ASP A 576 33.91 21.02 31.32
N LYS A 577 33.60 22.20 30.77
CA LYS A 577 32.68 23.13 31.40
C LYS A 577 31.27 22.58 31.52
N ASP A 578 30.86 21.72 30.58
CA ASP A 578 29.56 21.06 30.64
C ASP A 578 29.64 19.65 31.23
N GLY A 579 30.79 19.23 31.73
CA GLY A 579 30.93 17.94 32.36
C GLY A 579 31.13 16.77 31.41
N ASN A 580 31.15 17.01 30.11
CA ASN A 580 31.26 15.94 29.13
C ASN A 580 32.69 15.40 29.08
N THR A 581 32.83 14.09 28.98
CA THR A 581 34.11 13.46 28.74
C THR A 581 34.32 13.27 27.25
N ALA A 582 35.30 12.45 26.88
CA ALA A 582 35.57 12.20 25.47
C ALA A 582 34.54 11.25 24.84
N LEU A 583 34.00 10.30 25.62
CA LEU A 583 32.93 9.46 25.11
C LEU A 583 31.64 10.23 24.89
N HIS A 584 31.42 11.29 25.66
CA HIS A 584 30.23 12.11 25.44
C HIS A 584 30.35 12.90 24.15
N LEU A 585 31.55 13.40 23.86
CA LEU A 585 31.74 14.25 22.70
C LEU A 585 31.84 13.45 21.40
N ALA A 586 32.28 12.20 21.47
CA ALA A 586 32.32 11.37 20.28
C ALA A 586 30.95 10.82 19.89
N THR A 587 30.00 10.78 20.81
CA THR A 587 28.65 10.34 20.48
C THR A 587 27.72 11.49 20.11
N MET A 588 28.05 12.71 20.50
CA MET A 588 27.24 13.85 20.05
C MET A 588 27.45 14.16 18.58
N GLU A 589 28.52 13.65 17.98
CA GLU A 589 28.82 13.92 16.58
C GLU A 589 29.01 12.66 15.75
N ASN A 590 28.60 11.50 16.27
CA ASN A 590 28.48 10.23 15.54
C ASN A 590 29.83 9.80 14.94
N LYS A 591 30.76 9.47 15.84
CA LYS A 591 32.09 9.01 15.48
C LYS A 591 32.26 7.58 15.98
N PRO A 592 31.76 6.58 15.24
CA PRO A 592 31.74 5.22 15.78
C PRO A 592 33.11 4.57 15.88
N HIS A 593 34.05 4.95 15.02
CA HIS A 593 35.35 4.30 15.03
C HIS A 593 36.22 4.81 16.18
N ALA A 594 35.91 5.98 16.74
CA ALA A 594 36.63 6.45 17.91
C ALA A 594 36.11 5.81 19.19
N ILE A 595 34.81 5.52 19.26
CA ILE A 595 34.19 4.94 20.45
C ILE A 595 34.77 3.56 20.75
N SER A 596 35.11 2.81 19.70
CA SER A 596 35.76 1.52 19.89
C SER A 596 37.20 1.64 20.36
N VAL A 597 37.79 2.84 20.30
CA VAL A 597 39.17 3.06 20.67
C VAL A 597 39.21 3.80 22.00
N LEU A 598 38.22 4.68 22.22
CA LEU A 598 38.08 5.32 23.53
C LEU A 598 37.76 4.32 24.63
N MET A 599 37.12 3.22 24.31
CA MET A 599 36.73 2.23 25.31
C MET A 599 37.65 1.02 25.37
N SER A 600 38.48 0.79 24.35
CA SER A 600 39.48 -0.25 24.46
C SER A 600 40.67 0.15 25.31
N MET A 601 40.77 1.42 25.71
CA MET A 601 41.81 1.88 26.62
C MET A 601 41.26 2.27 27.98
N GLY A 602 40.01 1.93 28.27
CA GLY A 602 39.47 2.09 29.61
C GLY A 602 39.05 3.50 29.99
N CYS A 603 38.05 4.04 29.31
CA CYS A 603 37.49 5.32 29.70
C CYS A 603 36.44 5.11 30.79
N LYS A 604 36.34 6.06 31.70
CA LYS A 604 35.38 5.98 32.79
C LYS A 604 34.00 6.41 32.31
N LEU A 605 33.00 5.57 32.53
CA LEU A 605 31.62 5.90 32.18
C LEU A 605 31.01 6.71 33.32
N VAL A 606 30.97 8.04 33.14
CA VAL A 606 30.44 8.92 34.17
C VAL A 606 29.28 9.72 33.60
N TYR A 607 28.71 10.59 34.41
CA TYR A 607 27.60 11.45 34.00
C TYR A 607 28.06 12.89 33.92
N ASN A 608 27.32 13.70 33.18
CA ASN A 608 27.63 15.11 33.03
C ASN A 608 26.78 15.94 33.99
N VAL A 609 26.80 17.27 33.80
CA VAL A 609 26.05 18.19 34.64
C VAL A 609 24.55 18.02 34.41
N LEU A 610 24.16 17.74 33.16
CA LEU A 610 22.76 17.44 32.83
C LEU A 610 22.43 15.96 32.94
N ASP A 611 23.13 15.27 33.85
CA ASP A 611 22.94 13.88 34.34
C ASP A 611 22.48 12.89 33.26
N MET A 612 23.17 12.95 32.12
CA MET A 612 23.07 11.95 31.08
C MET A 612 24.40 11.24 30.92
N SER A 613 24.37 10.10 30.24
CA SER A 613 25.56 9.32 29.98
C SER A 613 25.86 9.31 28.49
N ALA A 614 26.88 8.55 28.10
CA ALA A 614 27.21 8.40 26.69
C ALA A 614 26.14 7.59 25.96
N ILE A 615 25.49 6.67 26.64
CA ILE A 615 24.45 5.86 26.01
C ILE A 615 23.18 6.67 25.87
N ASP A 616 22.99 7.65 26.74
CA ASP A 616 21.78 8.46 26.71
C ASP A 616 21.73 9.36 25.49
N TYR A 617 22.88 9.84 25.00
CA TYR A 617 22.87 10.65 23.80
C TYR A 617 22.70 9.81 22.54
N ALA A 618 23.21 8.59 22.52
CA ALA A 618 23.07 7.74 21.35
C ALA A 618 21.65 7.26 21.14
N ILE A 619 20.84 7.23 22.19
CA ILE A 619 19.43 6.86 22.06
C ILE A 619 18.57 8.10 21.83
N TYR A 620 18.94 9.23 22.44
CA TYR A 620 18.17 10.46 22.25
C TYR A 620 18.35 11.02 20.85
N TYR A 621 19.58 11.17 20.40
CA TYR A 621 19.84 11.62 19.04
C TYR A 621 19.56 10.54 18.00
N LYS A 622 19.40 9.28 18.42
CA LYS A 622 19.15 8.11 17.57
C LYS A 622 20.26 7.91 16.55
N TYR A 623 21.46 7.62 17.06
CA TYR A 623 22.54 7.14 16.21
C TYR A 623 22.69 5.66 16.44
N PRO A 624 22.22 4.80 15.53
CA PRO A 624 22.34 3.34 15.77
C PRO A 624 23.78 2.83 15.73
N GLU A 625 24.60 3.26 14.78
CA GLU A 625 25.95 2.73 14.70
C GLU A 625 26.90 3.34 15.72
N ALA A 626 26.46 4.33 16.50
CA ALA A 626 27.24 4.82 17.62
C ALA A 626 26.91 4.08 18.91
N ALA A 627 25.64 3.73 19.10
CA ALA A 627 25.28 2.88 20.24
C ALA A 627 25.74 1.45 20.03
N LEU A 628 25.81 1.00 18.79
CA LEU A 628 26.20 -0.37 18.49
C LEU A 628 27.69 -0.59 18.71
N ALA A 629 28.48 0.48 18.76
CA ALA A 629 29.91 0.36 19.03
C ALA A 629 30.23 0.23 20.50
N MET A 630 29.24 0.29 21.38
CA MET A 630 29.49 0.16 22.82
C MET A 630 28.54 -0.78 23.55
N VAL A 631 27.42 -1.18 22.98
CA VAL A 631 26.67 -2.30 23.55
C VAL A 631 27.07 -3.62 22.93
N THR A 632 27.92 -3.61 21.91
CA THR A 632 28.43 -4.81 21.27
C THR A 632 29.96 -4.81 21.34
N HIS A 633 30.52 -4.08 22.30
CA HIS A 633 31.95 -4.07 22.53
C HIS A 633 32.39 -5.41 23.07
N GLU A 634 33.66 -5.75 22.85
CA GLU A 634 34.12 -7.10 23.15
C GLU A 634 34.33 -7.33 24.65
N GLU A 635 34.82 -6.32 25.37
CA GLU A 635 35.17 -6.52 26.77
C GLU A 635 34.32 -5.73 27.75
N ARG A 636 33.73 -4.60 27.34
CA ARG A 636 33.01 -3.73 28.25
C ARG A 636 31.54 -3.64 27.90
N ALA A 637 31.00 -4.68 27.27
CA ALA A 637 29.58 -4.68 26.90
C ALA A 637 28.69 -4.81 28.13
N ASN A 638 29.14 -5.57 29.12
CA ASN A 638 28.33 -5.82 30.31
C ASN A 638 28.29 -4.61 31.23
N GLU A 639 29.35 -3.80 31.22
CA GLU A 639 29.35 -2.60 32.05
C GLU A 639 28.49 -1.51 31.44
N VAL A 640 28.39 -1.47 30.11
CA VAL A 640 27.53 -0.53 29.42
C VAL A 640 26.06 -0.85 29.67
N MET A 641 25.73 -2.13 29.73
CA MET A 641 24.34 -2.52 29.87
C MET A 641 23.82 -2.33 31.29
N ALA A 642 24.71 -2.19 32.27
CA ALA A 642 24.30 -1.96 33.65
C ALA A 642 24.51 -0.49 34.02
N LEU A 643 23.58 0.35 33.56
CA LEU A 643 23.52 1.75 33.98
C LEU A 643 22.13 2.11 34.48
N ARG A 644 22.11 3.10 35.38
CA ARG A 644 20.89 3.59 36.00
C ARG A 644 20.83 5.10 35.79
N SER A 645 19.75 5.58 35.18
CA SER A 645 19.65 6.99 34.84
C SER A 645 18.26 7.50 35.19
N ASP A 646 17.95 8.70 34.74
CA ASP A 646 16.64 9.32 34.92
C ASP A 646 15.85 9.38 33.62
N LYS A 647 16.52 9.69 32.51
CA LYS A 647 15.86 9.64 31.21
C LYS A 647 15.59 8.19 30.81
N HIS A 648 16.52 7.29 31.12
CA HIS A 648 16.38 5.87 30.80
C HIS A 648 16.78 5.07 32.03
N PRO A 649 15.81 4.62 32.85
CA PRO A 649 16.16 3.86 34.05
C PRO A 649 16.73 2.48 33.78
N CYS A 650 16.46 1.91 32.61
CA CYS A 650 16.99 0.60 32.24
C CYS A 650 17.26 0.64 30.75
N VAL A 651 18.49 0.34 30.34
CA VAL A 651 18.88 0.57 28.96
C VAL A 651 18.34 -0.52 28.03
N THR A 652 18.20 -1.75 28.52
CA THR A 652 17.65 -2.81 27.68
C THR A 652 16.15 -2.70 27.49
N LEU A 653 15.48 -1.87 28.29
CA LEU A 653 14.09 -1.51 28.02
C LEU A 653 13.98 -0.23 27.20
N ALA A 654 15.07 0.51 27.06
CA ALA A 654 15.09 1.72 26.26
C ALA A 654 15.52 1.45 24.83
N LEU A 655 16.29 0.39 24.60
CA LEU A 655 16.67 0.03 23.24
C LEU A 655 15.48 -0.57 22.49
N ILE A 656 14.75 -1.48 23.13
CA ILE A 656 13.61 -2.13 22.49
C ILE A 656 12.42 -1.23 22.30
N ALA A 657 12.41 -0.06 22.94
CA ALA A 657 11.38 0.94 22.68
C ALA A 657 11.78 1.91 21.59
N SER A 658 13.05 2.32 21.54
CA SER A 658 13.48 3.35 20.61
C SER A 658 14.01 2.76 19.30
N MET A 659 15.07 1.95 19.38
CA MET A 659 15.69 1.38 18.19
C MET A 659 15.94 -0.11 18.35
N PRO A 660 15.06 -0.95 17.78
CA PRO A 660 15.16 -2.39 18.02
C PRO A 660 16.22 -3.10 17.21
N LYS A 661 16.74 -2.50 16.13
CA LYS A 661 17.78 -3.17 15.36
C LYS A 661 19.12 -3.18 16.08
N VAL A 662 19.30 -2.31 17.07
CA VAL A 662 20.47 -2.42 17.94
C VAL A 662 20.32 -3.61 18.87
N PHE A 663 19.11 -3.88 19.34
CA PHE A 663 18.89 -5.00 20.25
C PHE A 663 18.85 -6.33 19.51
N GLU A 664 18.63 -6.31 18.19
CA GLU A 664 18.81 -7.51 17.38
C GLU A 664 20.25 -8.03 17.46
N ALA A 665 21.22 -7.11 17.50
CA ALA A 665 22.61 -7.50 17.53
C ALA A 665 23.09 -7.88 18.92
N VAL A 666 22.44 -7.36 19.97
CA VAL A 666 22.77 -7.77 21.32
C VAL A 666 22.30 -9.20 21.57
N GLN A 667 21.17 -9.58 20.98
CA GLN A 667 20.69 -10.95 21.10
C GLN A 667 21.52 -11.92 20.27
N ASP A 668 22.12 -11.46 19.17
CA ASP A 668 22.96 -12.34 18.37
C ASP A 668 24.30 -12.63 19.04
N LYS A 669 24.73 -11.78 19.97
CA LYS A 669 25.95 -12.04 20.73
C LYS A 669 25.73 -13.02 21.88
N CYS A 670 24.48 -13.34 22.20
CA CYS A 670 24.18 -14.23 23.31
C CYS A 670 24.05 -15.69 22.88
N ILE A 671 24.17 -15.99 21.59
CA ILE A 671 24.13 -17.36 21.10
C ILE A 671 25.55 -17.72 20.63
N THR A 672 26.33 -18.27 21.55
CA THR A 672 27.74 -18.56 21.30
C THR A 672 27.90 -20.04 20.98
N LYS A 673 28.19 -20.34 19.72
CA LYS A 673 28.31 -21.72 19.25
C LYS A 673 29.73 -22.22 19.39
N ALA A 674 29.87 -23.48 19.82
CA ALA A 674 31.19 -24.09 19.93
C ALA A 674 31.72 -24.47 18.55
N ASN A 675 33.03 -24.71 18.48
CA ASN A 675 33.72 -24.97 17.23
C ASN A 675 33.96 -26.45 16.96
N CYS A 676 33.22 -27.34 17.60
CA CYS A 676 33.32 -28.77 17.33
C CYS A 676 32.39 -29.09 16.17
N LYS A 677 32.83 -28.77 14.96
CA LYS A 677 31.99 -28.90 13.78
C LYS A 677 31.81 -30.35 13.31
N LYS A 678 32.60 -31.27 13.82
CA LYS A 678 32.62 -32.63 13.28
C LYS A 678 31.54 -33.48 13.95
N ASP A 679 30.73 -34.15 13.12
CA ASP A 679 29.80 -35.23 13.47
C ASP A 679 28.68 -34.82 14.42
N SER A 680 28.55 -33.51 14.74
CA SER A 680 27.70 -33.00 15.82
C SER A 680 27.97 -33.74 17.13
N LYS A 681 29.24 -33.96 17.48
CA LYS A 681 29.56 -34.73 18.71
C LYS A 681 29.65 -33.87 19.97
N SER A 682 30.26 -32.68 19.87
CA SER A 682 30.24 -31.74 20.98
C SER A 682 29.86 -30.34 20.52
N PHE A 683 29.04 -30.26 19.46
CA PHE A 683 28.59 -28.97 18.91
C PHE A 683 27.43 -28.47 19.76
N TYR A 684 27.76 -27.77 20.84
CA TYR A 684 26.75 -27.26 21.76
C TYR A 684 26.59 -25.76 21.58
N ILE A 685 25.34 -25.31 21.58
CA ILE A 685 25.00 -23.89 21.52
C ILE A 685 24.73 -23.44 22.95
N LYS A 686 25.31 -22.31 23.33
CA LYS A 686 25.25 -21.81 24.70
C LYS A 686 24.36 -20.56 24.71
N TYR A 687 23.22 -20.66 25.40
CA TYR A 687 22.24 -19.58 25.47
C TYR A 687 22.37 -18.90 26.82
N SER A 688 22.94 -17.70 26.84
CA SER A 688 23.09 -16.92 28.06
C SER A 688 22.18 -15.71 27.95
N PHE A 689 21.14 -15.67 28.79
CA PHE A 689 20.11 -14.65 28.58
C PHE A 689 20.55 -13.31 29.18
N ALA A 690 20.56 -13.20 30.51
CA ALA A 690 21.25 -12.19 31.30
C ALA A 690 20.82 -10.74 31.08
N PHE A 691 19.97 -10.48 30.08
CA PHE A 691 19.59 -9.16 29.63
C PHE A 691 18.07 -9.11 29.57
N LEU A 692 17.47 -10.26 29.30
CA LEU A 692 16.02 -10.39 29.28
C LEU A 692 15.43 -10.33 30.68
N GLN A 693 16.24 -10.56 31.71
CA GLN A 693 15.83 -10.37 33.10
C GLN A 693 16.42 -9.07 33.61
N CYS A 694 15.55 -8.14 34.00
CA CYS A 694 15.99 -6.86 34.52
C CYS A 694 15.96 -6.92 36.04
N PRO A 695 17.10 -6.86 36.73
CA PRO A 695 17.09 -6.87 38.20
C PRO A 695 16.48 -5.61 38.78
N PHE A 696 16.97 -4.48 38.31
CA PHE A 696 16.44 -3.22 38.81
C PHE A 696 15.18 -2.77 38.08
N MET A 697 15.09 -2.80 36.78
CA MET A 697 13.83 -2.35 36.21
C MET A 697 13.38 -3.20 35.07
N ALA A 712 12.84 -5.27 43.43
CA ALA A 712 12.68 -3.97 42.79
C ALA A 712 11.29 -3.82 42.18
N SER A 713 11.08 -4.44 41.03
CA SER A 713 9.81 -4.38 40.34
C SER A 713 9.11 -5.72 40.42
N PRO A 714 7.82 -5.76 40.81
CA PRO A 714 7.05 -7.01 40.78
C PRO A 714 6.40 -7.28 39.42
N ILE A 715 7.16 -7.12 38.35
CA ILE A 715 6.73 -7.44 37.00
C ILE A 715 7.47 -8.70 36.57
N PRO A 716 6.77 -9.77 36.19
CA PRO A 716 7.43 -11.07 35.99
C PRO A 716 8.37 -11.18 34.79
N LEU A 717 7.90 -10.84 33.59
CA LEU A 717 8.71 -10.88 32.38
C LEU A 717 8.79 -9.45 31.85
N PRO A 718 9.74 -8.65 32.34
CA PRO A 718 9.72 -7.22 31.99
C PRO A 718 10.18 -6.92 30.59
N ALA A 719 11.17 -7.66 30.07
CA ALA A 719 11.69 -7.36 28.74
C ALA A 719 10.73 -7.84 27.65
N LEU A 720 10.11 -9.01 27.84
CA LEU A 720 9.21 -9.53 26.84
C LEU A 720 7.87 -8.81 26.84
N ASN A 721 7.42 -8.32 27.99
CA ASN A 721 6.18 -7.55 28.00
C ASN A 721 6.37 -6.15 27.44
N THR A 722 7.60 -5.66 27.35
CA THR A 722 7.82 -4.35 26.76
C THR A 722 7.83 -4.45 25.25
N MET A 723 8.40 -5.51 24.68
CA MET A 723 8.42 -5.67 23.24
C MET A 723 7.11 -6.22 22.68
N VAL A 724 6.08 -6.34 23.50
CA VAL A 724 4.72 -6.63 23.03
C VAL A 724 3.89 -5.36 22.93
N THR A 725 4.00 -4.47 23.92
CA THR A 725 3.29 -3.19 23.90
C THR A 725 3.79 -2.27 22.79
N HIS A 726 4.99 -2.50 22.27
CA HIS A 726 5.51 -1.75 21.14
C HIS A 726 5.35 -2.48 19.82
N GLY A 727 4.91 -3.73 19.83
CA GLY A 727 4.70 -4.46 18.60
C GLY A 727 5.96 -4.92 17.92
N ARG A 728 7.01 -5.23 18.68
CA ARG A 728 8.30 -5.63 18.14
C ARG A 728 8.27 -7.12 17.85
N VAL A 729 7.71 -7.47 16.69
CA VAL A 729 7.48 -8.88 16.38
C VAL A 729 8.77 -9.58 15.94
N GLU A 730 9.79 -8.85 15.52
CA GLU A 730 11.02 -9.51 15.11
C GLU A 730 11.91 -9.85 16.31
N LEU A 731 11.82 -9.06 17.37
CA LEU A 731 12.53 -9.39 18.61
C LEU A 731 11.91 -10.61 19.29
N LEU A 732 10.58 -10.76 19.20
CA LEU A 732 9.91 -11.89 19.82
C LEU A 732 10.17 -13.18 19.08
N ALA A 733 10.38 -13.12 17.76
CA ALA A 733 10.60 -14.32 16.96
C ALA A 733 12.07 -14.69 16.86
N HIS A 734 12.95 -13.96 17.49
CA HIS A 734 14.37 -14.24 17.47
C HIS A 734 14.68 -15.46 18.33
N PRO A 735 15.64 -16.31 17.92
CA PRO A 735 15.89 -17.56 18.66
C PRO A 735 16.48 -17.40 20.06
N LEU A 736 16.69 -16.19 20.58
CA LEU A 736 17.00 -16.08 22.00
C LEU A 736 15.74 -15.96 22.84
N SER A 737 14.73 -15.26 22.33
CA SER A 737 13.46 -15.16 23.05
C SER A 737 12.68 -16.46 22.99
N GLN A 738 12.79 -17.21 21.89
CA GLN A 738 12.09 -18.48 21.77
C GLN A 738 12.64 -19.52 22.72
N LYS A 739 13.96 -19.56 22.89
CA LYS A 739 14.56 -20.49 23.83
C LYS A 739 14.40 -20.06 25.27
N TYR A 740 14.07 -18.79 25.51
CA TYR A 740 13.76 -18.35 26.86
C TYR A 740 12.33 -18.71 27.24
N LEU A 741 11.42 -18.73 26.27
CA LEU A 741 10.04 -19.11 26.56
C LEU A 741 9.91 -20.61 26.73
N GLN A 742 10.48 -21.40 25.82
CA GLN A 742 10.33 -22.85 25.96
C GLN A 742 11.31 -23.47 26.94
N MET A 743 12.12 -22.66 27.62
CA MET A 743 12.73 -23.13 28.85
C MET A 743 11.77 -22.97 30.02
N LYS A 744 11.03 -21.87 30.05
CA LYS A 744 10.02 -21.66 31.07
C LYS A 744 8.78 -22.52 30.82
N TRP A 745 8.57 -22.94 29.58
CA TRP A 745 7.45 -23.81 29.26
C TRP A 745 7.71 -25.22 29.77
N ASN A 746 8.84 -25.81 29.40
CA ASN A 746 9.16 -27.20 29.73
C ASN A 746 9.57 -27.41 31.19
N SER A 747 9.55 -26.38 32.03
CA SER A 747 9.91 -26.54 33.44
C SER A 747 8.70 -26.54 34.36
N TYR A 748 7.82 -25.56 34.22
CA TYR A 748 6.63 -25.53 35.06
C TYR A 748 5.36 -25.28 34.25
N GLY A 749 5.48 -24.60 33.12
CA GLY A 749 4.31 -24.06 32.44
C GLY A 749 3.57 -25.05 31.58
N LYS A 750 4.23 -26.15 31.21
CA LYS A 750 3.59 -27.16 30.38
C LYS A 750 2.58 -27.96 31.20
N TYR A 751 2.74 -28.01 32.51
CA TYR A 751 1.91 -28.86 33.35
C TYR A 751 0.86 -28.10 34.14
N PHE A 752 0.90 -26.78 34.16
CA PHE A 752 -0.22 -26.00 34.68
C PHE A 752 -1.17 -25.59 33.57
N HIS A 753 -0.92 -26.04 32.34
CA HIS A 753 -1.80 -25.85 31.21
C HIS A 753 -2.43 -27.14 30.73
N LEU A 754 -1.69 -28.24 30.78
CA LEU A 754 -2.26 -29.53 30.45
C LEU A 754 -3.17 -30.04 31.55
N ALA A 755 -2.78 -29.85 32.81
CA ALA A 755 -3.62 -30.29 33.91
C ALA A 755 -4.82 -29.39 34.13
N ASN A 756 -4.81 -28.19 33.58
CA ASN A 756 -5.97 -27.31 33.69
C ASN A 756 -7.01 -27.66 32.64
N LEU A 757 -6.58 -27.98 31.43
CA LEU A 757 -7.49 -28.33 30.35
C LEU A 757 -7.99 -29.76 30.45
N LEU A 758 -7.38 -30.59 31.28
CA LEU A 758 -7.82 -31.97 31.42
C LEU A 758 -8.73 -32.18 32.62
N ILE A 759 -8.65 -31.35 33.65
CA ILE A 759 -9.62 -31.48 34.73
C ILE A 759 -10.88 -30.67 34.46
N TYR A 760 -10.86 -29.76 33.48
CA TYR A 760 -12.10 -29.16 33.03
C TYR A 760 -12.85 -30.09 32.09
N SER A 761 -12.11 -30.84 31.27
CA SER A 761 -12.73 -31.75 30.33
C SER A 761 -13.22 -33.05 30.98
N ILE A 762 -13.00 -33.23 32.28
CA ILE A 762 -13.76 -34.23 33.03
C ILE A 762 -15.10 -33.65 33.47
N PHE A 763 -15.11 -32.36 33.83
CA PHE A 763 -16.36 -31.71 34.21
C PHE A 763 -17.29 -31.54 33.02
N LEU A 764 -16.75 -31.31 31.84
CA LEU A 764 -17.58 -31.10 30.66
C LEU A 764 -18.30 -32.36 30.24
N VAL A 765 -17.74 -33.55 30.52
CA VAL A 765 -18.37 -34.79 30.10
C VAL A 765 -19.26 -35.38 31.17
N PHE A 766 -19.28 -34.82 32.38
CA PHE A 766 -20.26 -35.24 33.37
C PHE A 766 -21.44 -34.29 33.47
N VAL A 767 -21.35 -33.09 32.90
CA VAL A 767 -22.53 -32.25 32.75
C VAL A 767 -23.32 -32.68 31.52
N THR A 768 -22.63 -33.12 30.49
CA THR A 768 -23.29 -33.57 29.26
C THR A 768 -23.99 -34.91 29.47
N ILE A 769 -23.39 -35.81 30.23
CA ILE A 769 -24.02 -37.11 30.50
C ILE A 769 -25.20 -36.95 31.45
N TYR A 770 -25.07 -36.08 32.45
CA TYR A 770 -26.15 -35.92 33.43
C TYR A 770 -27.40 -35.30 32.83
N SER A 771 -27.25 -34.46 31.82
CA SER A 771 -28.42 -33.90 31.17
C SER A 771 -29.11 -34.91 30.27
N SER A 772 -28.35 -35.81 29.65
CA SER A 772 -28.95 -36.83 28.82
C SER A 772 -29.56 -37.95 29.64
N LEU A 773 -29.16 -38.09 30.90
CA LEU A 773 -29.79 -39.05 31.80
C LEU A 773 -31.00 -38.48 32.50
N MET A 774 -31.05 -37.17 32.70
CA MET A 774 -32.21 -36.54 33.31
C MET A 774 -33.39 -36.48 32.34
N MET A 775 -33.12 -36.49 31.04
CA MET A 775 -34.19 -36.43 30.07
C MET A 775 -34.77 -37.80 29.77
N ASN A 776 -33.97 -38.84 29.90
CA ASN A 776 -34.45 -40.20 29.68
C ASN A 776 -34.98 -40.86 30.94
N ASN A 777 -34.89 -40.18 32.08
CA ASN A 777 -35.41 -40.71 33.36
C ASN A 777 -36.29 -39.63 33.98
N ILE A 778 -37.55 -39.59 33.57
CA ILE A 778 -38.52 -38.65 34.11
C ILE A 778 -39.86 -39.38 34.20
N GLU A 779 -40.64 -39.04 35.23
CA GLU A 779 -41.84 -39.81 35.56
C GLU A 779 -43.01 -38.87 35.78
N LEU A 780 -44.16 -39.48 36.04
CA LEU A 780 -45.47 -38.82 36.25
C LEU A 780 -45.85 -37.88 35.11
N GLU A 819 -47.12 -32.47 38.46
CA GLU A 819 -45.94 -32.87 39.21
C GLU A 819 -45.18 -33.95 38.47
N GLU A 820 -43.84 -33.89 38.55
CA GLU A 820 -42.98 -34.90 37.95
C GLU A 820 -41.81 -35.17 38.87
N ARG A 821 -41.12 -36.29 38.63
CA ARG A 821 -40.01 -36.71 39.46
C ARG A 821 -39.03 -37.51 38.63
N ILE A 822 -37.81 -37.63 39.15
CA ILE A 822 -36.74 -38.35 38.47
C ILE A 822 -36.54 -39.71 39.15
N ASN A 823 -36.43 -40.76 38.33
CA ASN A 823 -35.94 -42.04 38.81
C ASN A 823 -34.48 -41.90 39.25
N ARG A 824 -34.23 -41.93 40.55
CA ARG A 824 -32.88 -41.75 41.09
C ARG A 824 -32.11 -43.05 40.87
N THR A 825 -31.44 -43.11 39.73
CA THR A 825 -30.65 -44.27 39.34
C THR A 825 -29.23 -44.13 39.90
N THR A 826 -28.54 -45.27 40.05
CA THR A 826 -27.16 -45.24 40.50
C THR A 826 -26.21 -44.65 39.47
N ALA A 827 -26.62 -44.55 38.20
CA ALA A 827 -25.78 -43.88 37.21
C ALA A 827 -25.97 -42.38 37.24
N ILE A 828 -27.18 -41.89 37.53
CA ILE A 828 -27.37 -40.44 37.64
C ILE A 828 -26.93 -39.92 39.00
N LEU A 829 -26.65 -40.80 39.96
CA LEU A 829 -26.19 -40.37 41.25
C LEU A 829 -24.67 -40.26 41.30
N PHE A 830 -23.98 -41.14 40.58
CA PHE A 830 -22.53 -41.04 40.48
C PHE A 830 -22.12 -39.85 39.64
N CYS A 831 -22.90 -39.51 38.61
CA CYS A 831 -22.65 -38.29 37.85
C CYS A 831 -23.03 -37.05 38.64
N ALA A 832 -23.89 -37.19 39.65
CA ALA A 832 -24.26 -36.06 40.49
C ALA A 832 -23.16 -35.71 41.47
N VAL A 833 -22.46 -36.70 42.01
CA VAL A 833 -21.47 -36.46 43.05
C VAL A 833 -20.20 -35.86 42.46
N VAL A 834 -19.80 -36.29 41.27
CA VAL A 834 -18.61 -35.78 40.60
C VAL A 834 -18.76 -34.30 40.27
N ILE A 835 -19.98 -33.85 39.98
CA ILE A 835 -20.22 -32.44 39.70
C ILE A 835 -20.09 -31.61 40.97
N VAL A 836 -20.69 -32.06 42.06
CA VAL A 836 -20.71 -31.25 43.28
C VAL A 836 -19.34 -31.25 43.98
N VAL A 837 -18.53 -32.29 43.76
CA VAL A 837 -17.16 -32.28 44.27
C VAL A 837 -16.30 -31.30 43.49
N TYR A 838 -16.53 -31.21 42.17
CA TYR A 838 -15.77 -30.26 41.35
C TYR A 838 -16.11 -28.82 41.69
N ILE A 839 -17.35 -28.53 42.11
CA ILE A 839 -17.71 -27.16 42.45
C ILE A 839 -17.03 -26.72 43.73
N LEU A 840 -17.00 -27.59 44.74
CA LEU A 840 -16.39 -27.26 46.02
C LEU A 840 -14.89 -27.12 45.90
N LEU A 841 -14.26 -27.98 45.11
CA LEU A 841 -12.82 -27.91 44.92
C LEU A 841 -12.40 -26.73 44.05
N ASN A 842 -13.27 -26.26 43.17
CA ASN A 842 -12.96 -25.10 42.34
C ASN A 842 -13.57 -23.82 42.91
N SER A 843 -14.25 -23.89 44.05
CA SER A 843 -14.57 -22.68 44.79
C SER A 843 -13.50 -22.35 45.82
N MET A 844 -12.68 -23.34 46.20
CA MET A 844 -11.49 -23.08 47.00
C MET A 844 -10.33 -22.58 46.16
N ARG A 845 -10.49 -22.49 44.84
CA ARG A 845 -9.49 -21.88 43.98
C ARG A 845 -9.86 -20.44 43.66
N GLU A 846 -11.15 -20.13 43.58
CA GLU A 846 -11.59 -18.77 43.26
C GLU A 846 -12.03 -17.99 44.49
N LEU A 847 -11.54 -18.36 45.67
CA LEU A 847 -11.54 -17.49 46.84
C LEU A 847 -10.15 -17.06 47.26
N ILE A 848 -9.14 -17.90 46.98
CA ILE A 848 -7.76 -17.46 47.02
C ILE A 848 -7.51 -16.41 45.94
N GLN A 849 -8.19 -16.54 44.80
CA GLN A 849 -8.04 -15.59 43.70
C GLN A 849 -8.58 -14.21 44.04
N ILE A 850 -9.61 -14.12 44.91
CA ILE A 850 -10.17 -12.83 45.25
C ILE A 850 -9.23 -12.03 46.15
N TYR A 851 -8.40 -12.72 46.95
CA TYR A 851 -7.44 -12.03 47.81
C TYR A 851 -6.35 -11.36 46.97
N GLN A 852 -5.92 -12.00 45.89
CA GLN A 852 -4.89 -11.44 45.04
C GLN A 852 -5.43 -10.49 43.99
N GLN A 853 -6.74 -10.42 43.82
CA GLN A 853 -7.37 -9.63 42.78
C GLN A 853 -8.55 -8.87 43.38
N LYS A 854 -8.30 -8.17 44.48
CA LYS A 854 -9.32 -7.44 45.24
C LYS A 854 -9.97 -6.32 44.43
N LEU A 855 -11.25 -6.49 44.10
CA LEU A 855 -12.17 -5.55 43.44
C LEU A 855 -11.81 -5.26 41.99
N HIS A 856 -10.71 -5.80 41.46
CA HIS A 856 -10.49 -5.90 40.02
C HIS A 856 -10.81 -7.29 39.52
N TYR A 857 -11.50 -8.08 40.33
CA TYR A 857 -11.94 -9.41 39.95
C TYR A 857 -13.17 -9.36 39.04
N ILE A 858 -14.00 -8.34 39.20
CA ILE A 858 -15.23 -8.22 38.43
C ILE A 858 -14.96 -7.73 37.00
N LEU A 859 -13.79 -7.14 36.74
CA LEU A 859 -13.47 -6.62 35.42
C LEU A 859 -12.96 -7.69 34.47
N GLU A 860 -12.80 -8.93 34.91
CA GLU A 860 -12.14 -9.95 34.10
C GLU A 860 -13.05 -10.49 33.01
N THR A 861 -14.35 -10.72 33.35
CA THR A 861 -15.48 -11.12 32.52
C THR A 861 -15.39 -12.60 32.12
N VAL A 862 -14.25 -13.24 32.40
CA VAL A 862 -14.14 -14.68 32.23
C VAL A 862 -14.48 -15.37 33.56
N ASN A 863 -14.29 -14.66 34.68
CA ASN A 863 -14.69 -15.21 35.97
C ASN A 863 -16.19 -15.19 36.16
N LEU A 864 -16.88 -14.19 35.59
CA LEU A 864 -18.34 -14.14 35.75
C LEU A 864 -19.03 -15.21 34.93
N ILE A 865 -18.41 -15.69 33.86
CA ILE A 865 -18.90 -16.86 33.16
C ILE A 865 -18.81 -18.09 34.06
N SER A 866 -17.75 -18.16 34.87
CA SER A 866 -17.54 -19.33 35.71
C SER A 866 -18.45 -19.32 36.94
N TRP A 867 -18.92 -18.15 37.39
CA TRP A 867 -19.81 -18.16 38.54
C TRP A 867 -21.26 -18.45 38.15
N VAL A 868 -21.67 -18.06 36.94
CA VAL A 868 -23.00 -18.43 36.48
C VAL A 868 -23.03 -19.92 36.16
N LEU A 869 -21.92 -20.47 35.68
CA LEU A 869 -21.84 -21.89 35.34
C LEU A 869 -21.87 -22.77 36.59
N TYR A 870 -21.26 -22.32 37.69
CA TYR A 870 -21.17 -23.19 38.86
C TYR A 870 -22.45 -23.16 39.68
N ILE A 871 -23.13 -22.01 39.73
CA ILE A 871 -24.39 -21.92 40.45
C ILE A 871 -25.48 -22.67 39.70
N SER A 872 -25.51 -22.57 38.37
CA SER A 872 -26.54 -23.23 37.58
C SER A 872 -26.36 -24.74 37.56
N ALA A 873 -25.13 -25.23 37.67
CA ALA A 873 -24.90 -26.66 37.73
C ALA A 873 -25.18 -27.24 39.11
N LEU A 874 -25.36 -26.40 40.12
CA LEU A 874 -25.84 -26.86 41.42
C LEU A 874 -27.35 -26.94 41.48
N VAL A 875 -28.05 -25.99 40.84
CA VAL A 875 -29.51 -26.03 40.81
C VAL A 875 -29.98 -27.20 39.96
N MET A 876 -29.23 -27.54 38.91
CA MET A 876 -29.53 -28.69 38.07
C MET A 876 -29.45 -30.01 38.83
N VAL A 877 -28.55 -30.09 39.80
CA VAL A 877 -28.16 -31.37 40.38
C VAL A 877 -28.92 -31.68 41.68
N THR A 878 -29.65 -30.71 42.24
CA THR A 878 -30.38 -30.95 43.48
C THR A 878 -31.54 -31.97 43.45
N PRO A 879 -32.26 -32.25 42.35
CA PRO A 879 -33.28 -33.32 42.43
C PRO A 879 -32.72 -34.73 42.57
N ALA A 880 -31.42 -34.93 42.41
CA ALA A 880 -30.82 -36.24 42.66
C ALA A 880 -30.45 -36.44 44.12
N PHE A 881 -30.61 -35.41 44.95
CA PHE A 881 -30.21 -35.45 46.34
C PHE A 881 -31.39 -35.43 47.32
N GLN A 882 -32.59 -35.22 46.84
CA GLN A 882 -33.74 -35.17 47.72
C GLN A 882 -34.48 -36.50 47.71
N PRO A 883 -35.15 -36.86 48.82
CA PRO A 883 -35.95 -38.09 48.83
C PRO A 883 -37.14 -38.00 47.88
N ASP A 884 -37.89 -36.90 47.98
CA ASP A 884 -38.89 -36.57 46.98
C ASP A 884 -38.16 -35.88 45.85
N GLY A 885 -37.59 -36.67 44.94
CA GLY A 885 -36.79 -36.12 43.86
C GLY A 885 -37.63 -35.47 42.78
N GLY A 886 -38.28 -34.36 43.11
CA GLY A 886 -39.18 -33.71 42.19
C GLY A 886 -38.47 -32.72 41.28
N ILE A 887 -39.09 -32.44 40.16
CA ILE A 887 -38.54 -31.55 39.16
C ILE A 887 -39.48 -30.36 39.01
N ASN A 888 -38.94 -29.24 38.53
CA ASN A 888 -39.72 -28.04 38.24
C ASN A 888 -39.16 -27.40 36.98
N THR A 889 -39.75 -26.27 36.58
CA THR A 889 -39.24 -25.55 35.43
C THR A 889 -38.04 -24.67 35.76
N ILE A 890 -37.56 -24.67 37.00
CA ILE A 890 -36.30 -24.02 37.33
C ILE A 890 -35.13 -24.98 37.15
N HIS A 891 -35.39 -26.28 37.05
CA HIS A 891 -34.33 -27.25 36.85
C HIS A 891 -34.07 -27.51 35.38
N TYR A 892 -35.11 -27.42 34.55
CA TYR A 892 -34.91 -27.46 33.11
C TYR A 892 -34.19 -26.21 32.62
N SER A 893 -34.47 -25.07 33.25
CA SER A 893 -33.84 -23.83 32.83
C SER A 893 -32.40 -23.77 33.30
N ALA A 894 -32.10 -24.33 34.47
CA ALA A 894 -30.73 -24.36 34.95
C ALA A 894 -29.89 -25.37 34.18
N ALA A 895 -30.51 -26.45 33.70
CA ALA A 895 -29.77 -27.43 32.93
C ALA A 895 -29.39 -26.92 31.56
N SER A 896 -30.21 -26.05 30.97
CA SER A 896 -29.90 -25.54 29.65
C SER A 896 -28.88 -24.41 29.70
N ILE A 897 -28.80 -23.68 30.81
CA ILE A 897 -27.77 -22.68 30.96
C ILE A 897 -26.42 -23.32 31.30
N ALA A 898 -26.45 -24.42 32.06
CA ALA A 898 -25.22 -25.11 32.44
C ALA A 898 -24.59 -25.82 31.26
N VAL A 899 -25.40 -26.41 30.38
CA VAL A 899 -24.86 -27.13 29.24
C VAL A 899 -24.37 -26.18 28.16
N PHE A 900 -25.03 -25.04 27.99
CA PHE A 900 -24.56 -24.05 27.03
C PHE A 900 -23.25 -23.41 27.48
N LEU A 901 -23.17 -22.99 28.75
CA LEU A 901 -21.97 -22.33 29.22
C LEU A 901 -20.80 -23.28 29.47
N SER A 902 -21.06 -24.59 29.58
CA SER A 902 -19.96 -25.53 29.71
C SER A 902 -19.22 -25.70 28.39
N TRP A 903 -19.96 -25.70 27.29
CA TRP A 903 -19.36 -25.82 25.97
C TRP A 903 -18.89 -24.47 25.42
N PHE A 904 -19.47 -23.38 25.88
CA PHE A 904 -18.98 -22.08 25.43
C PHE A 904 -17.67 -21.72 26.11
N ARG A 905 -17.43 -22.25 27.31
CA ARG A 905 -16.19 -22.00 28.02
C ARG A 905 -15.06 -22.88 27.51
N LEU A 906 -15.38 -23.92 26.75
CA LEU A 906 -14.34 -24.73 26.11
C LEU A 906 -13.69 -23.97 24.96
N LEU A 907 -14.41 -23.04 24.32
CA LEU A 907 -13.80 -22.21 23.28
C LEU A 907 -12.75 -21.26 23.83
N LEU A 908 -12.82 -20.93 25.12
CA LEU A 908 -11.84 -20.03 25.69
C LEU A 908 -10.52 -20.74 25.98
N PHE A 909 -10.50 -22.07 25.95
CA PHE A 909 -9.26 -22.82 26.05
C PHE A 909 -8.59 -23.03 24.70
N LEU A 910 -9.35 -23.05 23.62
CA LEU A 910 -8.81 -23.30 22.29
C LEU A 910 -8.27 -22.06 21.61
N GLN A 911 -8.16 -20.94 22.33
CA GLN A 911 -7.49 -19.77 21.77
C GLN A 911 -6.01 -20.01 21.57
N ARG A 912 -5.43 -20.91 22.36
CA ARG A 912 -3.99 -20.97 22.54
C ARG A 912 -3.35 -22.15 21.83
N PHE A 913 -4.05 -22.77 20.89
CA PHE A 913 -3.48 -23.84 20.10
C PHE A 913 -3.04 -23.29 18.74
N ASP A 914 -2.62 -24.19 17.85
CA ASP A 914 -2.12 -23.81 16.54
C ASP A 914 -3.07 -24.33 15.47
N GLN A 915 -3.35 -23.45 14.50
CA GLN A 915 -4.27 -23.61 13.37
C GLN A 915 -5.75 -23.67 13.77
N VAL A 916 -6.04 -23.69 15.07
CA VAL A 916 -7.42 -23.68 15.55
C VAL A 916 -7.52 -22.63 16.64
N GLY A 917 -6.54 -21.76 16.72
CA GLY A 917 -6.51 -20.78 17.78
C GLY A 917 -6.66 -19.36 17.25
N ILE A 918 -6.39 -19.19 15.96
CA ILE A 918 -6.57 -17.88 15.36
C ILE A 918 -8.02 -17.62 15.01
N TYR A 919 -8.83 -18.68 14.87
CA TYR A 919 -10.23 -18.50 14.51
C TYR A 919 -11.13 -18.24 15.70
N VAL A 920 -10.63 -18.46 16.91
CA VAL A 920 -11.36 -18.07 18.10
C VAL A 920 -11.02 -16.63 18.48
N VAL A 921 -9.83 -16.16 18.11
CA VAL A 921 -9.49 -14.76 18.29
C VAL A 921 -10.30 -13.88 17.34
N MET A 922 -10.57 -14.38 16.12
CA MET A 922 -11.44 -13.67 15.20
C MET A 922 -12.89 -13.66 15.67
N PHE A 923 -13.33 -14.72 16.35
CA PHE A 923 -14.69 -14.81 16.84
C PHE A 923 -14.93 -13.83 17.97
N LEU A 924 -14.00 -13.77 18.92
CA LEU A 924 -14.15 -12.92 20.10
C LEU A 924 -13.75 -11.48 19.86
N GLU A 925 -13.26 -11.14 18.68
CA GLU A 925 -13.00 -9.75 18.33
C GLU A 925 -14.13 -9.14 17.52
N ILE A 926 -14.79 -9.90 16.65
CA ILE A 926 -16.02 -9.39 16.03
C ILE A 926 -17.22 -9.53 16.94
N LEU A 927 -17.07 -10.14 18.11
CA LEU A 927 -18.09 -10.12 19.15
C LEU A 927 -18.00 -8.88 20.02
N GLN A 928 -16.80 -8.31 20.19
CA GLN A 928 -16.68 -7.09 20.97
C GLN A 928 -17.19 -5.88 20.21
N THR A 929 -17.07 -5.88 18.88
CA THR A 929 -17.61 -4.80 18.08
C THR A 929 -19.13 -4.90 17.99
N LEU A 930 -19.64 -6.11 17.89
CA LEU A 930 -21.07 -6.34 17.71
C LEU A 930 -21.89 -6.08 18.98
N ILE A 931 -21.25 -6.00 20.14
CA ILE A 931 -21.97 -5.58 21.34
C ILE A 931 -22.07 -4.06 21.39
N LYS A 932 -21.01 -3.36 20.96
CA LYS A 932 -21.05 -1.90 20.93
C LYS A 932 -21.96 -1.35 19.85
N VAL A 933 -22.35 -2.15 18.86
CA VAL A 933 -23.17 -1.67 17.76
C VAL A 933 -24.60 -2.20 17.83
N LEU A 934 -24.87 -3.22 18.65
CA LEU A 934 -26.24 -3.63 18.89
C LEU A 934 -26.81 -3.04 20.18
N MET A 935 -26.12 -2.09 20.79
CA MET A 935 -26.75 -1.23 21.77
C MET A 935 -27.03 0.16 21.23
N VAL A 936 -26.28 0.59 20.22
CA VAL A 936 -26.62 1.81 19.51
C VAL A 936 -27.83 1.60 18.63
N PHE A 937 -27.84 0.49 17.88
CA PHE A 937 -28.92 0.18 16.97
C PHE A 937 -29.91 -0.80 17.55
N SER A 938 -30.06 -0.79 18.87
CA SER A 938 -31.30 -1.22 19.50
C SER A 938 -32.29 -0.08 19.60
N ILE A 939 -31.90 1.10 19.13
CA ILE A 939 -32.83 2.23 19.01
C ILE A 939 -33.71 2.04 17.79
N LEU A 940 -33.20 1.40 16.74
CA LEU A 940 -34.02 1.11 15.58
C LEU A 940 -34.93 -0.11 15.77
N ILE A 941 -34.71 -0.91 16.81
CA ILE A 941 -35.65 -1.98 17.08
C ILE A 941 -36.79 -1.48 17.98
N ILE A 942 -36.51 -0.52 18.85
CA ILE A 942 -37.57 0.14 19.60
C ILE A 942 -38.38 1.05 18.68
N ALA A 943 -37.75 1.59 17.63
CA ALA A 943 -38.45 2.46 16.70
C ALA A 943 -39.46 1.68 15.87
N PHE A 944 -39.03 0.59 15.24
CA PHE A 944 -39.93 -0.21 14.43
C PHE A 944 -40.83 -1.09 15.29
N GLY A 945 -40.32 -1.62 16.40
CA GLY A 945 -41.09 -2.53 17.20
C GLY A 945 -42.27 -1.89 17.90
N LEU A 946 -42.17 -0.60 18.20
CA LEU A 946 -43.33 0.13 18.67
C LEU A 946 -44.21 0.60 17.54
N ALA A 947 -43.66 0.77 16.34
CA ALA A 947 -44.48 1.18 15.20
C ALA A 947 -45.35 0.05 14.71
N PHE A 948 -44.87 -1.19 14.76
CA PHE A 948 -45.70 -2.33 14.38
C PHE A 948 -46.69 -2.70 15.47
N TYR A 949 -46.48 -2.26 16.71
CA TYR A 949 -47.46 -2.48 17.76
C TYR A 949 -48.66 -1.56 17.60
N ILE A 950 -48.45 -0.34 17.12
CA ILE A 950 -49.55 0.59 16.89
C ILE A 950 -50.43 0.09 15.75
N LEU A 951 -49.82 -0.48 14.72
CA LEU A 951 -50.51 -0.75 13.47
C LEU A 951 -51.14 -2.13 13.40
N LEU A 952 -50.59 -3.12 14.09
CA LEU A 952 -50.94 -4.51 13.83
C LEU A 952 -51.45 -5.24 15.07
N SER A 953 -51.87 -4.53 16.11
CA SER A 953 -52.28 -5.21 17.34
C SER A 953 -53.79 -5.27 17.52
N LYS A 954 -54.55 -4.34 16.96
CA LYS A 954 -56.00 -4.36 17.06
C LYS A 954 -56.66 -4.92 15.82
N ILE A 955 -56.05 -5.90 15.18
CA ILE A 955 -56.66 -6.58 14.05
C ILE A 955 -57.70 -7.56 14.57
N ILE A 956 -58.93 -7.43 14.08
CA ILE A 956 -60.04 -8.27 14.54
C ILE A 956 -59.86 -9.68 14.00
N ASP A 957 -60.17 -10.68 14.86
CA ASP A 957 -59.89 -12.10 14.70
C ASP A 957 -58.39 -12.28 14.54
N PRO A 958 -57.59 -12.13 15.61
CA PRO A 958 -56.13 -12.27 15.48
C PRO A 958 -55.70 -13.69 15.16
N GLN A 959 -55.18 -13.87 13.96
CA GLN A 959 -54.66 -15.14 13.52
C GLN A 959 -53.34 -15.44 14.23
N PRO A 960 -52.83 -16.69 14.14
CA PRO A 960 -51.45 -16.98 14.57
C PRO A 960 -50.34 -16.12 13.97
N ASN A 961 -50.61 -15.49 12.82
CA ASN A 961 -49.66 -14.54 12.24
C ASN A 961 -49.50 -13.30 13.10
N HIS A 962 -50.61 -12.63 13.41
CA HIS A 962 -50.59 -11.35 14.10
C HIS A 962 -50.66 -11.49 15.60
N LEU A 963 -50.45 -12.68 16.13
CA LEU A 963 -50.51 -12.88 17.56
C LEU A 963 -49.19 -12.52 18.22
N SER A 964 -48.16 -12.23 17.43
CA SER A 964 -46.85 -11.84 17.92
C SER A 964 -46.65 -10.34 17.99
N PHE A 965 -47.66 -9.55 17.64
CA PHE A 965 -47.61 -8.10 17.80
C PHE A 965 -48.61 -7.61 18.85
N SER A 966 -49.00 -8.47 19.79
CA SER A 966 -50.00 -8.09 20.78
C SER A 966 -49.38 -7.57 22.06
N ASN A 967 -48.06 -7.61 22.20
CA ASN A 967 -47.35 -7.03 23.32
C ASN A 967 -46.24 -6.11 22.80
N ILE A 968 -45.70 -5.30 23.70
CA ILE A 968 -44.48 -4.56 23.42
C ILE A 968 -43.23 -5.44 23.58
N PRO A 969 -43.07 -6.31 24.59
CA PRO A 969 -41.89 -7.21 24.57
C PRO A 969 -41.92 -8.27 23.49
N MET A 970 -43.09 -8.63 22.97
CA MET A 970 -43.15 -9.63 21.92
C MET A 970 -42.97 -9.00 20.54
N SER A 971 -43.29 -7.72 20.40
CA SER A 971 -43.04 -7.01 19.15
C SER A 971 -41.57 -6.68 18.95
N LEU A 972 -40.80 -6.65 20.02
CA LEU A 972 -39.38 -6.35 19.88
C LEU A 972 -38.58 -7.61 19.53
N LEU A 973 -39.07 -8.79 19.91
CA LEU A 973 -38.47 -10.03 19.45
C LEU A 973 -38.87 -10.35 18.02
N ARG A 974 -40.08 -10.00 17.63
CA ARG A 974 -40.54 -10.28 16.28
C ARG A 974 -39.81 -9.41 15.28
N THR A 975 -39.59 -8.13 15.63
CA THR A 975 -38.88 -7.19 14.76
C THR A 975 -37.43 -7.60 14.59
N PHE A 976 -36.82 -8.19 15.62
CA PHE A 976 -35.46 -8.66 15.49
C PHE A 976 -35.35 -9.95 14.69
N SER A 977 -36.42 -10.74 14.64
CA SER A 977 -36.35 -11.97 13.87
C SER A 977 -36.67 -11.76 12.41
N MET A 978 -37.40 -10.70 12.07
CA MET A 978 -37.80 -10.44 10.69
C MET A 978 -36.82 -9.55 9.97
N MET A 979 -35.66 -9.27 10.57
CA MET A 979 -34.52 -8.76 9.83
C MET A 979 -33.53 -9.87 9.50
N LEU A 980 -33.76 -11.08 9.99
CA LEU A 980 -32.96 -12.24 9.63
C LEU A 980 -33.55 -13.02 8.47
N GLY A 981 -34.74 -12.65 7.99
CA GLY A 981 -35.26 -13.25 6.78
C GLY A 981 -36.71 -13.66 6.81
N GLU A 982 -37.29 -13.81 7.99
CA GLU A 982 -38.68 -14.29 8.11
C GLU A 982 -39.61 -13.10 8.20
N LEU A 983 -39.86 -12.49 7.06
CA LEU A 983 -40.62 -11.25 7.03
C LEU A 983 -42.11 -11.48 6.87
N ASP A 984 -42.49 -12.59 6.22
CA ASP A 984 -43.87 -13.06 6.07
C ASP A 984 -44.75 -12.00 5.40
N PHE A 985 -44.39 -11.66 4.17
CA PHE A 985 -45.08 -10.59 3.46
C PHE A 985 -46.48 -11.01 3.05
N VAL A 986 -46.64 -12.23 2.55
CA VAL A 986 -47.91 -12.66 1.99
C VAL A 986 -48.75 -13.44 2.99
N GLY A 987 -48.47 -13.33 4.28
CA GLY A 987 -49.31 -13.98 5.26
C GLY A 987 -49.85 -13.00 6.28
N THR A 988 -49.15 -11.90 6.48
CA THR A 988 -49.51 -10.90 7.47
C THR A 988 -49.94 -9.58 6.87
N TYR A 989 -49.66 -9.34 5.60
CA TYR A 989 -50.01 -8.10 4.95
C TYR A 989 -50.91 -8.28 3.74
N VAL A 990 -50.67 -9.30 2.92
CA VAL A 990 -51.42 -9.43 1.68
C VAL A 990 -52.78 -10.07 1.92
N ASN A 991 -52.82 -11.20 2.63
CA ASN A 991 -54.10 -11.89 2.79
C ASN A 991 -55.02 -11.21 3.78
N THR A 992 -54.50 -10.38 4.67
CA THR A 992 -55.37 -9.61 5.53
C THR A 992 -55.83 -8.32 4.88
N TYR A 993 -55.18 -7.88 3.81
CA TYR A 993 -55.64 -6.69 3.11
C TYR A 993 -56.81 -7.01 2.19
N TYR A 994 -56.80 -8.19 1.58
CA TYR A 994 -57.88 -8.60 0.69
C TYR A 994 -59.05 -9.25 1.42
N ARG A 995 -58.88 -9.64 2.68
CA ARG A 995 -60.01 -9.99 3.51
C ARG A 995 -60.60 -8.78 4.22
N ASP A 996 -60.09 -7.59 3.93
CA ASP A 996 -60.49 -6.31 4.54
C ASP A 996 -60.34 -6.36 6.07
N GLN A 997 -59.20 -6.89 6.52
CA GLN A 997 -58.92 -7.02 7.94
C GLN A 997 -57.73 -6.21 8.41
N LEU A 998 -56.93 -5.67 7.49
CA LEU A 998 -55.78 -4.87 7.89
C LEU A 998 -56.30 -3.51 8.35
N LYS A 999 -55.90 -3.11 9.56
CA LYS A 999 -56.54 -1.99 10.24
C LYS A 999 -56.18 -0.66 9.59
N VAL A 1000 -54.89 -0.38 9.44
CA VAL A 1000 -54.43 0.85 8.79
C VAL A 1000 -53.71 0.45 7.52
N PRO A 1001 -54.39 0.41 6.37
CA PRO A 1001 -53.81 -0.20 5.17
C PRO A 1001 -52.59 0.51 4.57
N MET A 1002 -52.72 1.78 4.22
CA MET A 1002 -51.67 2.44 3.45
C MET A 1002 -50.43 2.79 4.26
N THR A 1003 -50.54 2.85 5.58
CA THR A 1003 -49.39 3.14 6.42
C THR A 1003 -48.65 1.86 6.80
N SER A 1004 -49.36 0.74 6.86
CA SER A 1004 -48.71 -0.54 7.13
C SER A 1004 -47.79 -0.96 5.99
N PHE A 1005 -48.11 -0.56 4.76
CA PHE A 1005 -47.21 -0.79 3.64
C PHE A 1005 -46.15 0.28 3.50
N LEU A 1006 -46.21 1.34 4.28
CA LEU A 1006 -45.16 2.36 4.30
C LEU A 1006 -44.11 2.09 5.36
N ILE A 1007 -44.54 1.66 6.55
CA ILE A 1007 -43.60 1.29 7.59
C ILE A 1007 -42.87 0.00 7.22
N LEU A 1008 -43.56 -0.92 6.53
CA LEU A 1008 -42.91 -2.15 6.08
C LEU A 1008 -41.92 -1.89 4.96
N SER A 1009 -42.24 -0.95 4.07
CA SER A 1009 -41.36 -0.64 2.96
C SER A 1009 -40.10 0.06 3.44
N VAL A 1010 -40.22 0.96 4.41
CA VAL A 1010 -39.03 1.59 4.97
C VAL A 1010 -38.31 0.65 5.93
N PHE A 1011 -39.00 -0.38 6.43
CA PHE A 1011 -38.32 -1.42 7.19
C PHE A 1011 -37.37 -2.20 6.30
N MET A 1012 -37.83 -2.64 5.13
CA MET A 1012 -37.05 -3.50 4.25
C MET A 1012 -35.85 -2.78 3.66
N ILE A 1013 -35.89 -1.45 3.57
CA ILE A 1013 -34.76 -0.69 3.07
C ILE A 1013 -33.60 -0.75 4.06
N LEU A 1014 -33.87 -0.56 5.34
CA LEU A 1014 -32.78 -0.32 6.26
C LEU A 1014 -32.57 -1.37 7.35
N MET A 1015 -33.57 -2.17 7.71
CA MET A 1015 -33.19 -3.20 8.67
C MET A 1015 -32.61 -4.47 8.04
N PRO A 1016 -33.25 -5.20 7.09
CA PRO A 1016 -32.59 -6.40 6.59
C PRO A 1016 -31.59 -6.15 5.48
N ILE A 1017 -31.62 -5.00 4.83
CA ILE A 1017 -30.60 -4.67 3.85
C ILE A 1017 -29.49 -3.89 4.56
N LEU A 1018 -29.80 -2.70 5.07
CA LEU A 1018 -28.73 -1.76 5.38
C LEU A 1018 -28.08 -2.03 6.73
N LEU A 1019 -28.83 -2.51 7.72
CA LEU A 1019 -28.20 -2.81 9.00
C LEU A 1019 -27.46 -4.14 8.97
N MET A 1020 -27.96 -5.11 8.21
CA MET A 1020 -27.24 -6.37 8.08
C MET A 1020 -26.01 -6.23 7.20
N ASN A 1021 -25.96 -5.22 6.33
CA ASN A 1021 -24.74 -4.96 5.58
C ASN A 1021 -23.74 -4.14 6.36
N LEU A 1022 -24.19 -3.40 7.37
CA LEU A 1022 -23.25 -2.77 8.30
C LEU A 1022 -22.51 -3.82 9.10
N LEU A 1023 -23.20 -4.88 9.50
CA LEU A 1023 -22.57 -5.91 10.32
C LEU A 1023 -21.64 -6.80 9.50
N ILE A 1024 -21.94 -7.00 8.21
CA ILE A 1024 -21.01 -7.73 7.35
C ILE A 1024 -19.75 -6.92 7.12
N GLY A 1025 -19.90 -5.61 6.87
CA GLY A 1025 -18.75 -4.79 6.56
C GLY A 1025 -17.85 -4.52 7.74
N LEU A 1026 -18.39 -4.59 8.96
CA LEU A 1026 -17.55 -4.49 10.15
C LEU A 1026 -16.79 -5.77 10.41
N ALA A 1027 -17.33 -6.90 9.97
CA ALA A 1027 -16.69 -8.18 10.23
C ALA A 1027 -15.65 -8.52 9.17
N VAL A 1028 -15.78 -7.98 7.96
CA VAL A 1028 -14.73 -8.17 6.96
C VAL A 1028 -13.49 -7.39 7.33
N GLY A 1029 -13.67 -6.21 7.92
CA GLY A 1029 -12.54 -5.38 8.31
C GLY A 1029 -11.83 -5.86 9.55
N ASP A 1030 -12.53 -6.52 10.46
CA ASP A 1030 -11.90 -7.03 11.67
C ASP A 1030 -11.14 -8.33 11.41
N ILE A 1031 -11.56 -9.11 10.41
CA ILE A 1031 -10.86 -10.34 10.12
C ILE A 1031 -9.55 -10.07 9.38
N GLU A 1032 -9.55 -9.10 8.47
CA GLU A 1032 -8.30 -8.75 7.79
C GLU A 1032 -7.38 -7.90 8.66
N SER A 1033 -7.80 -7.54 9.86
CA SER A 1033 -6.91 -6.91 10.83
C SER A 1033 -6.27 -7.92 11.76
N VAL A 1034 -6.96 -9.02 12.08
CA VAL A 1034 -6.34 -10.10 12.82
C VAL A 1034 -5.37 -10.87 11.93
N ARG A 1035 -5.72 -10.99 10.65
CA ARG A 1035 -4.93 -11.82 9.75
C ARG A 1035 -3.61 -11.16 9.38
N ARG A 1036 -3.56 -9.83 9.32
CA ARG A 1036 -2.27 -9.16 9.15
C ARG A 1036 -1.40 -9.28 10.39
N ASN A 1037 -2.01 -9.15 11.58
CA ASN A 1037 -1.30 -9.21 12.84
C ASN A 1037 -1.36 -10.59 13.46
N ALA A 1038 -1.36 -11.64 12.65
CA ALA A 1038 -1.54 -12.99 13.17
C ALA A 1038 -0.28 -13.51 13.82
N GLN A 1039 0.88 -13.14 13.30
CA GLN A 1039 2.15 -13.65 13.80
C GLN A 1039 2.61 -12.91 15.05
N LEU A 1040 1.96 -11.81 15.40
CA LEU A 1040 2.17 -11.10 16.66
C LEU A 1040 1.19 -11.52 17.74
N LYS A 1041 -0.07 -11.78 17.37
CA LYS A 1041 -1.06 -12.22 18.35
C LYS A 1041 -0.79 -13.62 18.87
N ARG A 1042 -0.10 -14.46 18.11
CA ARG A 1042 0.32 -15.75 18.63
C ARG A 1042 1.45 -15.60 19.63
N LEU A 1043 2.34 -14.63 19.42
CA LEU A 1043 3.47 -14.43 20.31
C LEU A 1043 3.09 -13.60 21.53
N ALA A 1044 2.17 -12.65 21.37
CA ALA A 1044 1.70 -11.88 22.51
C ALA A 1044 0.83 -12.69 23.45
N MET A 1045 0.25 -13.78 22.96
CA MET A 1045 -0.55 -14.66 23.80
C MET A 1045 0.31 -15.68 24.51
N GLN A 1046 1.44 -16.06 23.91
CA GLN A 1046 2.40 -16.96 24.56
C GLN A 1046 3.06 -16.29 25.75
N VAL A 1047 3.29 -14.99 25.70
CA VAL A 1047 3.95 -14.30 26.79
C VAL A 1047 2.97 -13.90 27.89
N VAL A 1048 1.70 -13.64 27.56
CA VAL A 1048 0.73 -13.31 28.60
C VAL A 1048 0.25 -14.57 29.31
N LEU A 1049 0.48 -15.75 28.72
CA LEU A 1049 0.23 -17.01 29.42
C LEU A 1049 1.19 -17.16 30.60
N HIS A 1050 2.48 -16.92 30.35
CA HIS A 1050 3.46 -17.04 31.43
C HIS A 1050 3.40 -15.88 32.39
N THR A 1051 2.97 -14.70 31.93
CA THR A 1051 2.95 -13.51 32.78
C THR A 1051 1.90 -13.65 33.87
N GLU A 1052 0.68 -14.07 33.51
CA GLU A 1052 -0.37 -14.29 34.50
C GLU A 1052 -0.11 -15.51 35.36
N LEU A 1053 0.75 -16.42 34.93
CA LEU A 1053 1.00 -17.63 35.68
C LEU A 1053 2.09 -17.45 36.73
N GLU A 1054 3.02 -16.52 36.49
CA GLU A 1054 4.03 -16.18 37.49
C GLU A 1054 3.41 -15.50 38.70
N ARG A 1055 2.37 -14.70 38.50
CA ARG A 1055 1.77 -13.94 39.59
C ARG A 1055 1.01 -14.83 40.57
N LYS A 1056 0.61 -16.03 40.15
CA LYS A 1056 -0.15 -16.93 41.01
C LYS A 1056 0.74 -17.76 41.91
N LEU A 1057 1.87 -18.22 41.39
CA LEU A 1057 2.78 -19.10 42.10
C LEU A 1057 3.59 -18.31 43.13
N PRO A 1058 4.02 -18.97 44.21
CA PRO A 1058 4.95 -18.31 45.14
C PRO A 1058 6.35 -18.20 44.54
N HIS A 1059 7.04 -17.12 44.90
CA HIS A 1059 8.34 -16.83 44.32
C HIS A 1059 9.44 -17.78 44.77
N VAL A 1060 9.23 -18.50 45.89
CA VAL A 1060 10.24 -19.42 46.38
C VAL A 1060 10.36 -20.67 45.51
N TRP A 1061 9.31 -21.01 44.77
CA TRP A 1061 9.39 -22.16 43.87
C TRP A 1061 10.05 -21.80 42.55
N LEU A 1062 9.97 -20.52 42.15
CA LEU A 1062 10.41 -20.13 40.82
C LEU A 1062 11.94 -20.12 40.70
N GLN A 1063 12.63 -19.61 41.72
CA GLN A 1063 14.06 -19.38 41.62
C GLN A 1063 14.87 -20.67 41.55
N ARG A 1064 14.31 -21.80 41.98
CA ARG A 1064 14.95 -23.08 41.72
C ARG A 1064 14.86 -23.45 40.24
N VAL A 1065 13.71 -23.20 39.61
CA VAL A 1065 13.49 -23.55 38.21
C VAL A 1065 13.68 -22.37 37.28
N ASP A 1066 14.14 -21.22 37.79
CA ASP A 1066 14.46 -20.08 36.93
C ASP A 1066 15.92 -20.21 36.52
N LYS A 1067 16.17 -21.00 35.48
CA LYS A 1067 17.52 -21.27 35.03
C LYS A 1067 18.11 -20.05 34.33
N MET A 1068 19.43 -19.92 34.44
CA MET A 1068 20.20 -18.94 33.71
C MET A 1068 21.34 -19.66 33.01
N GLU A 1069 21.75 -19.13 31.85
CA GLU A 1069 22.82 -19.68 31.02
C GLU A 1069 22.53 -21.13 30.62
N LEU A 1070 21.49 -21.29 29.81
CA LEU A 1070 21.13 -22.60 29.29
C LEU A 1070 22.20 -23.13 28.34
N ILE A 1071 22.60 -24.39 28.54
CA ILE A 1071 23.50 -25.09 27.64
C ILE A 1071 22.70 -26.19 26.95
N GLU A 1072 22.76 -26.21 25.62
CA GLU A 1072 22.06 -27.22 24.82
C GLU A 1072 23.07 -27.97 23.97
N TYR A 1073 23.24 -29.27 24.26
CA TYR A 1073 24.28 -30.06 23.61
C TYR A 1073 23.95 -30.39 22.16
N PRO A 1074 22.67 -30.59 21.82
CA PRO A 1074 22.42 -30.91 20.41
C PRO A 1074 22.12 -29.66 19.58
N ASN A 1109 2.63 -3.63 5.75
CA ASN A 1109 3.56 -4.28 4.85
C ASN A 1109 5.03 -3.96 5.21
N ASN A 1110 5.85 -3.65 4.21
CA ASN A 1110 7.24 -3.32 4.48
C ASN A 1110 7.39 -1.84 4.80
N ASP A 1111 6.51 -1.33 5.66
CA ASP A 1111 6.57 0.07 6.05
C ASP A 1111 7.73 0.34 7.00
N ASP A 1112 8.16 -0.68 7.74
CA ASP A 1112 9.29 -0.55 8.64
C ASP A 1112 10.62 -0.87 7.96
N TYR A 1113 10.62 -1.11 6.66
CA TYR A 1113 11.86 -1.25 5.90
C TYR A 1113 12.13 -0.07 4.99
N ILE A 1114 11.08 0.54 4.44
CA ILE A 1114 11.25 1.77 3.69
C ILE A 1114 11.61 2.92 4.62
N ASN A 1115 10.98 2.96 5.80
CA ASN A 1115 11.27 4.02 6.76
C ASN A 1115 12.57 3.80 7.50
N ALA A 1116 13.16 2.60 7.42
CA ALA A 1116 14.44 2.33 8.04
C ALA A 1116 15.58 2.33 7.03
N GLU A 1117 15.30 2.62 5.77
CA GLU A 1117 16.34 2.79 4.76
C GLU A 1117 16.40 4.22 4.24
N LEU A 1118 15.24 4.89 4.15
CA LEU A 1118 15.24 6.33 3.93
C LEU A 1118 15.87 7.08 5.09
N GLU A 1119 15.75 6.55 6.31
CA GLU A 1119 16.43 7.15 7.45
C GLU A 1119 17.92 6.88 7.41
N ARG A 1120 18.33 5.78 6.78
CA ARG A 1120 19.75 5.46 6.67
C ARG A 1120 20.42 6.31 5.60
N GLN A 1121 19.73 6.58 4.49
CA GLN A 1121 20.29 7.44 3.45
C GLN A 1121 20.31 8.91 3.86
N ARG A 1122 19.51 9.30 4.85
CA ARG A 1122 19.57 10.68 5.33
C ARG A 1122 20.85 10.92 6.12
N ARG A 1123 21.29 9.93 6.89
CA ARG A 1123 22.57 10.05 7.60
C ARG A 1123 23.76 9.91 6.66
N LYS A 1124 23.59 9.30 5.49
CA LYS A 1124 24.69 9.19 4.55
C LYS A 1124 24.89 10.47 3.76
N LEU A 1125 23.79 11.12 3.35
CA LEU A 1125 23.88 12.40 2.67
C LEU A 1125 24.35 13.51 3.61
N ARG A 1126 24.20 13.34 4.92
CA ARG A 1126 24.74 14.32 5.85
C ARG A 1126 26.25 14.18 5.98
N ASP A 1127 26.77 12.96 5.84
CA ASP A 1127 28.22 12.77 5.89
C ASP A 1127 28.89 13.23 4.61
N ILE A 1128 28.23 13.08 3.47
CA ILE A 1128 28.78 13.55 2.21
C ILE A 1128 28.78 15.08 2.19
N SER A 1129 27.75 15.71 2.75
CA SER A 1129 27.68 17.16 2.75
C SER A 1129 28.69 17.78 3.71
N ARG A 1130 29.02 17.11 4.80
CA ARG A 1130 30.01 17.67 5.72
C ARG A 1130 31.44 17.44 5.23
N MET A 1131 31.70 16.33 4.55
CA MET A 1131 33.01 16.10 3.97
C MET A 1131 33.26 17.06 2.81
N LEU A 1132 32.21 17.44 2.09
CA LEU A 1132 32.36 18.30 0.92
C LEU A 1132 32.51 19.76 1.30
N GLU A 1133 31.99 20.16 2.47
CA GLU A 1133 32.18 21.53 2.93
C GLU A 1133 33.56 21.73 3.58
N GLN A 1134 34.12 20.68 4.18
CA GLN A 1134 35.47 20.78 4.71
C GLN A 1134 36.50 20.80 3.59
N GLN A 1135 36.18 20.16 2.48
CA GLN A 1135 37.08 20.14 1.33
C GLN A 1135 36.98 21.41 0.52
N HIS A 1136 35.79 22.00 0.44
CA HIS A 1136 35.59 23.26 -0.26
C HIS A 1136 36.28 24.41 0.44
N HIS A 1137 36.54 24.31 1.75
CA HIS A 1137 37.32 25.30 2.44
C HIS A 1137 38.80 25.21 2.07
N LEU A 1138 39.30 24.00 1.82
CA LEU A 1138 40.71 23.84 1.52
C LEU A 1138 41.05 24.19 0.07
N VAL A 1139 40.17 23.82 -0.87
CA VAL A 1139 40.37 24.16 -2.28
C VAL A 1139 40.33 25.67 -2.47
N ARG A 1140 39.45 26.33 -1.73
CA ARG A 1140 39.36 27.78 -1.75
C ARG A 1140 40.54 28.45 -1.05
N LEU A 1141 41.22 27.73 -0.16
CA LEU A 1141 42.43 28.27 0.46
C LEU A 1141 43.62 28.18 -0.49
N ILE A 1142 43.65 27.14 -1.34
CA ILE A 1142 44.79 26.93 -2.24
C ILE A 1142 44.92 28.09 -3.22
N VAL A 1143 43.80 28.53 -3.80
CA VAL A 1143 43.85 29.62 -4.76
C VAL A 1143 44.13 30.97 -4.10
N GLN A 1144 44.01 31.07 -2.78
CA GLN A 1144 44.40 32.30 -2.10
C GLN A 1144 45.90 32.39 -1.92
N LYS A 1145 46.59 31.26 -1.85
CA LYS A 1145 48.01 31.21 -1.52
C LYS A 1145 48.81 30.41 -2.53
N MET A 1146 48.28 30.21 -3.72
CA MET A 1146 49.00 29.54 -4.78
C MET A 1146 49.97 30.51 -5.43
N GLU A 1147 51.14 29.99 -5.79
CA GLU A 1147 52.17 30.77 -6.47
C GLU A 1147 51.85 30.81 -7.96
N ILE A 1148 51.72 32.01 -8.52
CA ILE A 1148 51.41 32.19 -9.94
C ILE A 1148 52.47 33.10 -10.54
N LYS A 1149 53.36 32.54 -11.35
CA LYS A 1149 54.40 33.31 -12.03
C LYS A 1149 54.33 33.21 -13.54
N THR A 1150 54.34 32.00 -14.09
CA THR A 1150 54.41 31.83 -15.54
C THR A 1150 53.06 32.13 -16.19
N GLU A 1151 51.97 31.70 -15.56
CA GLU A 1151 50.64 31.86 -16.12
C GLU A 1151 49.94 33.12 -15.62
N ALA A 1152 50.70 34.11 -15.17
CA ALA A 1152 50.12 35.38 -14.76
C ALA A 1152 49.76 36.20 -15.98
N ASP A 1153 48.60 36.87 -15.90
CA ASP A 1153 48.13 37.70 -16.99
C ASP A 1153 48.96 38.97 -17.12
N ASN B 477 58.78 9.62 9.33
CA ASN B 477 58.07 9.53 8.05
C ASN B 477 58.53 8.42 7.10
N GLU B 478 58.15 8.51 5.84
CA GLU B 478 58.42 7.48 4.86
C GLU B 478 59.57 7.91 3.94
N SER B 479 60.04 6.95 3.15
CA SER B 479 61.21 7.16 2.31
C SER B 479 60.89 8.11 1.15
N PRO B 480 61.89 8.85 0.65
CA PRO B 480 61.65 9.73 -0.51
C PRO B 480 61.29 9.00 -1.78
N LEU B 481 61.58 7.71 -1.89
CA LEU B 481 61.12 6.94 -3.04
C LEU B 481 59.72 6.39 -2.84
N HIS B 482 59.36 6.05 -1.59
CA HIS B 482 57.99 5.63 -1.31
C HIS B 482 57.01 6.80 -1.39
N PHE B 483 57.48 8.02 -1.18
CA PHE B 483 56.62 9.18 -1.38
C PHE B 483 56.40 9.43 -2.86
N ALA B 484 57.46 9.35 -3.66
CA ALA B 484 57.36 9.72 -5.06
C ALA B 484 56.65 8.66 -5.87
N ALA B 485 56.71 7.40 -5.47
CA ALA B 485 56.16 6.33 -6.29
C ALA B 485 54.64 6.28 -6.20
N ARG B 486 54.06 6.71 -5.08
CA ARG B 486 52.63 6.59 -4.91
C ARG B 486 51.85 7.84 -5.33
N TYR B 487 52.52 8.96 -5.57
CA TYR B 487 51.83 10.18 -5.97
C TYR B 487 52.22 10.59 -7.39
N GLY B 488 52.43 9.63 -8.27
CA GLY B 488 52.80 9.95 -9.63
C GLY B 488 54.26 10.28 -9.67
N ARG B 489 54.60 11.56 -9.88
CA ARG B 489 55.87 12.17 -9.49
C ARG B 489 57.05 11.49 -10.19
N TYR B 490 57.06 11.65 -11.52
CA TYR B 490 57.88 10.81 -12.39
C TYR B 490 59.34 11.21 -12.40
N ASN B 491 59.63 12.51 -12.54
CA ASN B 491 61.01 12.95 -12.64
C ASN B 491 61.76 12.84 -11.32
N THR B 492 61.06 12.73 -10.19
CA THR B 492 61.70 12.48 -8.92
C THR B 492 62.06 11.01 -8.75
N VAL B 493 61.24 10.11 -9.30
CA VAL B 493 61.56 8.68 -9.29
C VAL B 493 62.77 8.40 -10.16
N ARG B 494 62.82 9.00 -11.35
CA ARG B 494 63.93 8.79 -12.27
C ARG B 494 65.22 9.39 -11.72
N GLN B 495 65.13 10.44 -10.91
CA GLN B 495 66.32 11.06 -10.34
C GLN B 495 66.83 10.29 -9.12
N LEU B 496 65.93 9.72 -8.32
CA LEU B 496 66.37 8.94 -7.16
C LEU B 496 66.97 7.61 -7.56
N LEU B 497 66.52 7.04 -8.68
CA LEU B 497 67.12 5.83 -9.20
C LEU B 497 68.37 6.11 -10.02
N ASP B 498 68.72 7.37 -10.21
CA ASP B 498 69.94 7.76 -10.89
C ASP B 498 71.10 7.96 -9.93
N SER B 499 70.83 8.05 -8.63
CA SER B 499 71.86 8.32 -7.64
C SER B 499 72.63 7.03 -7.31
N GLU B 500 73.66 7.20 -6.47
CA GLU B 500 74.47 6.05 -6.06
C GLU B 500 73.73 5.18 -5.04
N LYS B 501 72.77 5.75 -4.32
CA LYS B 501 71.92 4.96 -3.44
C LYS B 501 70.88 4.18 -4.23
N GLY B 502 70.61 4.56 -5.47
CA GLY B 502 69.52 4.00 -6.25
C GLY B 502 69.76 2.64 -6.85
N SER B 503 70.29 1.72 -6.06
CA SER B 503 70.47 0.32 -6.47
C SER B 503 69.86 -0.64 -5.46
N PHE B 504 69.93 -0.32 -4.18
CA PHE B 504 69.27 -1.11 -3.15
C PHE B 504 68.04 -0.43 -2.56
N ILE B 505 67.79 0.82 -2.92
CA ILE B 505 66.57 1.50 -2.48
C ILE B 505 65.38 1.10 -3.33
N ILE B 506 65.62 0.49 -4.51
CA ILE B 506 64.55 0.13 -5.42
C ILE B 506 63.76 -1.08 -4.91
N ASN B 507 64.34 -1.90 -4.04
CA ASN B 507 63.71 -3.13 -3.58
C ASN B 507 63.49 -3.12 -2.07
N GLU B 508 63.28 -1.94 -1.49
CA GLU B 508 63.15 -1.79 -0.05
C GLU B 508 61.68 -1.74 0.33
N SER B 509 61.29 -2.57 1.29
CA SER B 509 59.92 -2.58 1.78
C SER B 509 59.76 -1.63 2.95
N ASP B 510 58.51 -1.38 3.30
CA ASP B 510 58.13 -0.56 4.44
C ASP B 510 57.55 -1.45 5.54
N GLY B 511 56.98 -0.81 6.56
CA GLY B 511 56.39 -1.56 7.67
C GLY B 511 55.21 -2.41 7.25
N ALA B 512 54.48 -2.00 6.22
CA ALA B 512 53.43 -2.83 5.67
C ALA B 512 53.99 -3.89 4.71
N GLY B 513 55.26 -3.79 4.33
CA GLY B 513 55.90 -4.80 3.51
C GLY B 513 55.93 -4.51 2.03
N MET B 514 55.45 -3.34 1.59
CA MET B 514 55.32 -3.05 0.18
C MET B 514 56.58 -2.37 -0.36
N THR B 515 57.06 -2.85 -1.50
CA THR B 515 58.16 -2.21 -2.22
C THR B 515 57.62 -0.98 -2.96
N PRO B 516 58.48 -0.16 -3.57
CA PRO B 516 57.94 0.88 -4.48
C PRO B 516 57.20 0.34 -5.69
N LEU B 517 57.41 -0.91 -6.07
CA LEU B 517 56.66 -1.48 -7.17
C LEU B 517 55.23 -1.80 -6.77
N HIS B 518 55.00 -2.10 -5.49
CA HIS B 518 53.64 -2.37 -5.01
C HIS B 518 52.82 -1.10 -4.93
N ILE B 519 53.41 -0.02 -4.41
CA ILE B 519 52.60 1.15 -4.12
C ILE B 519 52.36 1.96 -5.39
N SER B 520 53.24 1.83 -6.38
CA SER B 520 53.04 2.52 -7.65
C SER B 520 51.89 1.92 -8.43
N SER B 521 51.65 0.62 -8.28
CA SER B 521 50.59 -0.06 -9.02
C SER B 521 49.31 -0.17 -8.22
N GLN B 522 49.38 -0.11 -6.88
CA GLN B 522 48.18 0.01 -6.08
C GLN B 522 47.46 1.32 -6.36
N GLN B 523 48.22 2.38 -6.56
CA GLN B 523 47.68 3.71 -6.84
C GLN B 523 47.42 3.91 -8.33
N GLY B 524 47.87 3.01 -9.18
CA GLY B 524 47.51 3.06 -10.58
C GLY B 524 48.32 4.01 -11.43
N HIS B 525 49.59 4.21 -11.12
CA HIS B 525 50.46 5.10 -11.89
C HIS B 525 51.23 4.24 -12.88
N THR B 526 50.80 4.30 -14.14
CA THR B 526 51.19 3.27 -15.11
C THR B 526 52.50 3.58 -15.83
N ARG B 527 52.96 4.83 -15.84
CA ARG B 527 54.27 5.13 -16.43
C ARG B 527 55.35 5.33 -15.37
N VAL B 528 55.01 5.23 -14.10
CA VAL B 528 56.01 5.14 -13.05
C VAL B 528 56.33 3.68 -12.76
N VAL B 529 55.33 2.80 -12.85
CA VAL B 529 55.53 1.37 -12.65
C VAL B 529 56.29 0.77 -13.82
N GLN B 530 56.26 1.42 -14.98
CA GLN B 530 57.02 0.93 -16.13
C GLN B 530 58.51 1.21 -15.97
N LEU B 531 58.86 2.39 -15.45
CA LEU B 531 60.27 2.72 -15.24
C LEU B 531 60.87 1.88 -14.13
N LEU B 532 60.07 1.44 -13.16
CA LEU B 532 60.58 0.51 -12.16
C LEU B 532 60.85 -0.87 -12.74
N LEU B 533 60.20 -1.22 -13.84
CA LEU B 533 60.45 -2.51 -14.49
C LEU B 533 61.56 -2.45 -15.52
N ASN B 534 61.80 -1.29 -16.12
CA ASN B 534 62.96 -1.14 -17.00
C ASN B 534 64.26 -1.14 -16.22
N ARG B 535 64.22 -0.73 -14.96
CA ARG B 535 65.40 -0.80 -14.09
C ARG B 535 65.48 -2.11 -13.34
N GLY B 536 64.59 -3.05 -13.61
CA GLY B 536 64.67 -4.38 -13.04
C GLY B 536 64.38 -4.47 -11.56
N ALA B 537 63.13 -4.21 -11.18
CA ALA B 537 62.73 -4.40 -9.79
C ALA B 537 62.30 -5.84 -9.56
N LEU B 538 62.50 -6.31 -8.34
CA LEU B 538 62.16 -7.69 -8.01
C LEU B 538 60.70 -7.80 -7.61
N LEU B 539 60.13 -8.97 -7.88
CA LEU B 539 58.69 -9.20 -7.68
C LEU B 539 58.44 -9.83 -6.32
N HIS B 540 58.75 -9.08 -5.27
CA HIS B 540 58.52 -9.57 -3.93
C HIS B 540 57.04 -9.48 -3.59
N ARG B 541 56.70 -9.98 -2.41
CA ARG B 541 55.33 -10.03 -1.94
C ARG B 541 55.27 -9.44 -0.54
N ASP B 542 54.16 -8.78 -0.23
CA ASP B 542 54.03 -8.07 1.03
C ASP B 542 53.69 -9.03 2.18
N HIS B 543 53.29 -8.47 3.32
CA HIS B 543 52.97 -9.29 4.48
C HIS B 543 51.68 -10.07 4.28
N THR B 544 50.76 -9.57 3.47
CA THR B 544 49.59 -10.35 3.10
C THR B 544 49.85 -11.30 1.94
N GLY B 545 51.03 -11.23 1.32
CA GLY B 545 51.39 -12.19 0.30
C GLY B 545 50.88 -11.88 -1.09
N ARG B 546 50.76 -10.61 -1.45
CA ARG B 546 50.15 -10.20 -2.70
C ARG B 546 51.19 -9.59 -3.63
N ASN B 547 51.10 -9.94 -4.90
CA ASN B 547 51.97 -9.41 -5.94
C ASN B 547 51.40 -8.08 -6.47
N PRO B 548 52.13 -7.35 -7.33
CA PRO B 548 51.54 -6.12 -7.91
C PRO B 548 50.31 -6.32 -8.79
N LEU B 549 50.01 -7.53 -9.26
CA LEU B 549 48.76 -7.74 -10.01
C LEU B 549 47.55 -7.64 -9.10
N GLN B 550 47.65 -8.21 -7.91
CA GLN B 550 46.49 -8.28 -7.04
C GLN B 550 46.19 -6.95 -6.37
N LEU B 551 47.20 -6.12 -6.13
CA LEU B 551 46.94 -4.83 -5.52
C LEU B 551 46.28 -3.88 -6.49
N ALA B 552 46.66 -3.94 -7.77
CA ALA B 552 46.01 -3.12 -8.77
C ALA B 552 44.63 -3.65 -9.14
N ALA B 553 44.38 -4.93 -8.93
CA ALA B 553 43.06 -5.50 -9.18
C ALA B 553 42.08 -5.13 -8.07
N MET B 554 42.56 -4.93 -6.85
CA MET B 554 41.69 -4.47 -5.78
C MET B 554 41.22 -3.04 -6.00
N SER B 555 42.00 -2.25 -6.73
CA SER B 555 41.68 -0.85 -6.95
C SER B 555 41.06 -0.59 -8.31
N GLY B 556 41.02 -1.58 -9.18
CA GLY B 556 40.32 -1.45 -10.43
C GLY B 556 41.03 -0.65 -11.50
N TYR B 557 42.36 -0.60 -11.47
CA TYR B 557 43.11 0.12 -12.49
C TYR B 557 43.43 -0.85 -13.62
N THR B 558 42.73 -0.68 -14.74
CA THR B 558 42.77 -1.65 -15.83
C THR B 558 44.02 -1.48 -16.69
N GLU B 559 44.47 -0.25 -16.89
CA GLU B 559 45.60 -0.02 -17.79
C GLU B 559 46.93 -0.47 -17.20
N THR B 560 47.01 -0.65 -15.88
CA THR B 560 48.27 -1.06 -15.26
C THR B 560 48.37 -2.56 -15.04
N ILE B 561 47.29 -3.32 -15.20
CA ILE B 561 47.39 -4.77 -15.18
C ILE B 561 47.54 -5.34 -16.58
N GLU B 562 47.21 -4.57 -17.61
CA GLU B 562 47.53 -4.97 -18.97
C GLU B 562 49.00 -4.74 -19.31
N LEU B 563 49.69 -3.92 -18.52
CA LEU B 563 51.11 -3.68 -18.69
C LEU B 563 51.95 -4.65 -17.88
N LEU B 564 51.52 -4.98 -16.66
CA LEU B 564 52.23 -5.95 -15.85
C LEU B 564 52.09 -7.37 -16.40
N HIS B 565 50.98 -7.65 -17.10
CA HIS B 565 50.80 -8.97 -17.70
C HIS B 565 51.62 -9.11 -18.98
N SER B 566 51.90 -8.00 -19.67
CA SER B 566 52.68 -8.06 -20.90
C SER B 566 54.15 -8.34 -20.67
N VAL B 567 54.65 -8.06 -19.47
CA VAL B 567 56.06 -8.29 -19.16
C VAL B 567 56.26 -9.43 -18.16
N HIS B 568 55.26 -9.73 -17.32
CA HIS B 568 55.32 -10.88 -16.41
C HIS B 568 53.97 -11.59 -16.52
N SER B 569 53.92 -12.63 -17.35
CA SER B 569 52.68 -13.34 -17.59
C SER B 569 52.43 -14.47 -16.60
N HIS B 570 53.24 -14.57 -15.55
CA HIS B 570 53.08 -15.62 -14.55
C HIS B 570 52.57 -15.10 -13.22
N LEU B 571 52.21 -13.82 -13.13
CA LEU B 571 51.63 -13.25 -11.93
C LEU B 571 50.12 -13.29 -11.92
N LEU B 572 49.50 -13.72 -13.02
CA LEU B 572 48.04 -13.76 -13.10
C LEU B 572 47.47 -14.84 -12.19
N ASP B 573 48.00 -16.05 -12.31
CA ASP B 573 47.48 -17.22 -11.61
C ASP B 573 48.27 -17.51 -10.34
N GLN B 574 48.32 -16.54 -9.44
CA GLN B 574 48.98 -16.73 -8.16
C GLN B 574 47.99 -16.47 -7.02
N VAL B 575 48.38 -16.90 -5.82
CA VAL B 575 47.54 -16.80 -4.65
C VAL B 575 48.25 -15.99 -3.58
N ASP B 576 47.65 -15.90 -2.39
CA ASP B 576 48.22 -15.14 -1.29
C ASP B 576 48.13 -15.98 -0.02
N LYS B 577 48.30 -15.33 1.13
CA LYS B 577 48.26 -16.00 2.42
C LYS B 577 46.89 -16.61 2.71
N ASP B 578 45.81 -16.01 2.19
CA ASP B 578 44.46 -16.56 2.33
C ASP B 578 44.02 -17.35 1.11
N GLY B 579 44.91 -17.59 0.14
CA GLY B 579 44.58 -18.37 -1.03
C GLY B 579 43.84 -17.66 -2.12
N ASN B 580 43.52 -16.37 -1.95
CA ASN B 580 42.75 -15.63 -2.93
C ASN B 580 43.60 -15.27 -4.14
N THR B 581 43.02 -15.38 -5.33
CA THR B 581 43.65 -14.93 -6.55
C THR B 581 43.21 -13.50 -6.84
N ALA B 582 43.46 -13.03 -8.06
CA ALA B 582 43.06 -11.68 -8.43
C ALA B 582 41.56 -11.55 -8.68
N LEU B 583 40.92 -12.62 -9.18
CA LEU B 583 39.47 -12.59 -9.34
C LEU B 583 38.76 -12.60 -7.99
N HIS B 584 39.37 -13.19 -6.97
CA HIS B 584 38.76 -13.16 -5.64
C HIS B 584 38.81 -11.77 -5.06
N LEU B 585 39.92 -11.06 -5.27
CA LEU B 585 40.10 -9.75 -4.67
C LEU B 585 39.35 -8.66 -5.40
N ALA B 586 39.09 -8.84 -6.71
CA ALA B 586 38.31 -7.86 -7.44
C ALA B 586 36.81 -7.98 -7.18
N THR B 587 36.34 -9.13 -6.69
CA THR B 587 34.93 -9.27 -6.34
C THR B 587 34.64 -8.97 -4.88
N MET B 588 35.65 -9.02 -4.01
CA MET B 588 35.43 -8.61 -2.63
C MET B 588 35.24 -7.11 -2.50
N GLU B 589 35.65 -6.34 -3.50
CA GLU B 589 35.54 -4.88 -3.44
C GLU B 589 34.78 -4.29 -4.61
N ASN B 590 34.05 -5.12 -5.38
CA ASN B 590 33.07 -4.70 -6.39
C ASN B 590 33.72 -3.84 -7.49
N LYS B 591 34.61 -4.48 -8.25
CA LYS B 591 35.32 -3.86 -9.36
C LYS B 591 34.90 -4.55 -10.65
N PRO B 592 33.75 -4.19 -11.23
CA PRO B 592 33.23 -4.96 -12.37
C PRO B 592 34.04 -4.80 -13.64
N HIS B 593 34.69 -3.65 -13.84
CA HIS B 593 35.42 -3.42 -15.08
C HIS B 593 36.74 -4.16 -15.10
N ALA B 594 37.26 -4.55 -13.95
CA ALA B 594 38.48 -5.36 -13.92
C ALA B 594 38.18 -6.83 -14.18
N ILE B 595 37.01 -7.31 -13.73
CA ILE B 595 36.64 -8.72 -13.87
C ILE B 595 36.51 -9.09 -15.34
N SER B 596 36.05 -8.16 -16.17
CA SER B 596 35.98 -8.40 -17.60
C SER B 596 37.36 -8.41 -18.27
N VAL B 597 38.39 -7.96 -17.56
CA VAL B 597 39.73 -7.89 -18.12
C VAL B 597 40.58 -8.99 -17.50
N LEU B 598 40.32 -9.30 -16.23
CA LEU B 598 40.96 -10.45 -15.59
C LEU B 598 40.59 -11.76 -16.26
N MET B 599 39.41 -11.85 -16.86
CA MET B 599 38.95 -13.09 -17.47
C MET B 599 39.10 -13.12 -18.98
N SER B 600 39.29 -11.98 -19.63
CA SER B 600 39.61 -11.99 -21.04
C SER B 600 41.05 -12.38 -21.33
N MET B 601 41.89 -12.49 -20.31
CA MET B 601 43.26 -12.96 -20.46
C MET B 601 43.48 -14.32 -19.83
N GLY B 602 42.41 -15.01 -19.44
CA GLY B 602 42.52 -16.39 -19.00
C GLY B 602 43.02 -16.60 -17.60
N CYS B 603 42.26 -16.14 -16.60
CA CYS B 603 42.59 -16.43 -15.22
C CYS B 603 42.01 -17.78 -14.82
N LYS B 604 42.72 -18.49 -13.95
CA LYS B 604 42.29 -19.80 -13.50
C LYS B 604 41.24 -19.65 -12.40
N LEU B 605 40.09 -20.30 -12.58
CA LEU B 605 39.04 -20.30 -11.56
C LEU B 605 39.35 -21.37 -10.53
N VAL B 606 39.92 -20.97 -9.40
CA VAL B 606 40.29 -21.92 -8.36
C VAL B 606 39.56 -21.57 -7.07
N TYR B 607 39.82 -22.32 -6.01
CA TYR B 607 39.23 -22.08 -4.71
C TYR B 607 40.29 -21.60 -3.73
N ASN B 608 39.85 -20.96 -2.66
CA ASN B 608 40.76 -20.47 -1.64
C ASN B 608 40.83 -21.45 -0.47
N VAL B 609 41.45 -21.02 0.64
CA VAL B 609 41.59 -21.85 1.83
C VAL B 609 40.22 -22.08 2.47
N LEU B 610 39.35 -21.08 2.44
CA LEU B 610 37.98 -21.21 2.94
C LEU B 610 37.02 -21.68 1.86
N ASP B 611 37.54 -22.48 0.91
CA ASP B 611 36.85 -23.26 -0.15
C ASP B 611 35.63 -22.56 -0.76
N MET B 612 35.82 -21.29 -1.09
CA MET B 612 34.88 -20.52 -1.89
C MET B 612 35.54 -20.12 -3.21
N SER B 613 34.71 -19.71 -4.16
CA SER B 613 35.17 -19.28 -5.47
C SER B 613 34.90 -17.79 -5.64
N ALA B 614 35.21 -17.29 -6.83
CA ALA B 614 34.91 -15.90 -7.14
C ALA B 614 33.42 -15.65 -7.26
N ILE B 615 32.66 -16.67 -7.70
CA ILE B 615 31.22 -16.50 -7.83
C ILE B 615 30.56 -16.58 -6.46
N ASP B 616 31.20 -17.27 -5.52
CA ASP B 616 30.64 -17.42 -4.19
C ASP B 616 30.62 -16.11 -3.41
N TYR B 617 31.62 -15.25 -3.63
CA TYR B 617 31.61 -13.96 -2.95
C TYR B 617 30.62 -12.99 -3.58
N ALA B 618 30.42 -13.06 -4.90
CA ALA B 618 29.49 -12.15 -5.54
C ALA B 618 28.04 -12.44 -5.19
N ILE B 619 27.73 -13.67 -4.77
CA ILE B 619 26.38 -14.02 -4.33
C ILE B 619 26.24 -13.80 -2.83
N TYR B 620 27.30 -14.06 -2.06
CA TYR B 620 27.24 -13.88 -0.62
C TYR B 620 27.18 -12.40 -0.24
N TYR B 621 28.10 -11.59 -0.80
CA TYR B 621 28.06 -10.16 -0.56
C TYR B 621 26.96 -9.46 -1.34
N LYS B 622 26.35 -10.15 -2.31
CA LYS B 622 25.26 -9.63 -3.17
C LYS B 622 25.69 -8.40 -3.94
N TYR B 623 26.68 -8.59 -4.82
CA TYR B 623 27.01 -7.58 -5.81
C TYR B 623 26.48 -8.04 -7.16
N PRO B 624 25.35 -7.48 -7.63
CA PRO B 624 24.81 -7.94 -8.92
C PRO B 624 25.68 -7.61 -10.13
N GLU B 625 26.23 -6.40 -10.21
CA GLU B 625 27.01 -6.05 -11.39
C GLU B 625 28.43 -6.62 -11.36
N ALA B 626 28.83 -7.29 -10.29
CA ALA B 626 30.08 -8.03 -10.28
C ALA B 626 29.88 -9.47 -10.72
N ALA B 627 28.76 -10.08 -10.34
CA ALA B 627 28.42 -11.41 -10.84
C ALA B 627 28.01 -11.36 -12.29
N LEU B 628 27.42 -10.26 -12.74
CA LEU B 628 26.96 -10.13 -14.11
C LEU B 628 28.11 -9.96 -15.08
N ALA B 629 29.28 -9.58 -14.60
CA ALA B 629 30.44 -9.45 -15.46
C ALA B 629 31.13 -10.77 -15.73
N MET B 630 30.68 -11.87 -15.13
CA MET B 630 31.30 -13.17 -15.37
C MET B 630 30.33 -14.31 -15.65
N VAL B 631 29.02 -14.15 -15.39
CA VAL B 631 28.06 -15.12 -15.92
C VAL B 631 27.51 -14.68 -17.26
N THR B 632 27.85 -13.47 -17.72
CA THR B 632 27.44 -12.96 -19.02
C THR B 632 28.69 -12.59 -19.83
N HIS B 633 29.82 -13.20 -19.50
CA HIS B 633 31.04 -13.01 -20.25
C HIS B 633 30.91 -13.65 -21.63
N GLU B 634 31.68 -13.15 -22.58
CA GLU B 634 31.47 -13.55 -23.97
C GLU B 634 32.02 -14.95 -24.25
N GLU B 635 33.16 -15.30 -23.67
CA GLU B 635 33.82 -16.56 -24.01
C GLU B 635 33.87 -17.57 -22.87
N ARG B 636 33.83 -17.13 -21.63
CA ARG B 636 34.00 -18.02 -20.49
C ARG B 636 32.75 -18.09 -19.62
N ALA B 637 31.58 -17.85 -20.22
CA ALA B 637 30.33 -17.91 -19.45
C ALA B 637 29.97 -19.34 -19.09
N ASN B 638 30.29 -20.29 -19.96
CA ASN B 638 29.91 -21.68 -19.72
C ASN B 638 30.81 -22.33 -18.66
N GLU B 639 32.05 -21.87 -18.54
CA GLU B 639 32.93 -22.43 -17.52
C GLU B 639 32.59 -21.88 -16.14
N VAL B 640 32.08 -20.65 -16.09
CA VAL B 640 31.63 -20.06 -14.83
C VAL B 640 30.39 -20.77 -14.32
N MET B 641 29.49 -21.16 -15.22
CA MET B 641 28.24 -21.76 -14.81
C MET B 641 28.41 -23.20 -14.35
N ALA B 642 29.51 -23.86 -14.70
CA ALA B 642 29.78 -25.22 -14.27
C ALA B 642 30.79 -25.24 -13.13
N LEU B 643 30.32 -24.91 -11.93
CA LEU B 643 31.12 -25.05 -10.72
C LEU B 643 30.37 -25.84 -9.66
N ARG B 644 31.14 -26.50 -8.80
CA ARG B 644 30.63 -27.35 -7.72
C ARG B 644 31.26 -26.88 -6.43
N SER B 645 30.44 -26.51 -5.45
CA SER B 645 30.94 -25.95 -4.20
C SER B 645 30.21 -26.57 -3.03
N ASP B 646 30.42 -26.01 -1.85
CA ASP B 646 29.74 -26.43 -0.63
C ASP B 646 28.71 -25.42 -0.17
N LYS B 647 29.02 -24.13 -0.27
CA LYS B 647 28.03 -23.10 0.02
C LYS B 647 26.95 -23.08 -1.06
N HIS B 648 27.34 -23.28 -2.31
CA HIS B 648 26.42 -23.29 -3.45
C HIS B 648 26.75 -24.49 -4.33
N PRO B 649 26.04 -25.60 -4.17
CA PRO B 649 26.34 -26.79 -4.99
C PRO B 649 26.01 -26.63 -6.46
N CYS B 650 25.11 -25.72 -6.81
CA CYS B 650 24.76 -25.45 -8.21
C CYS B 650 24.48 -23.97 -8.34
N VAL B 651 25.17 -23.30 -9.25
CA VAL B 651 25.13 -21.85 -9.27
C VAL B 651 23.85 -21.34 -9.93
N THR B 652 23.28 -22.07 -10.88
CA THR B 652 22.03 -21.63 -11.49
C THR B 652 20.82 -21.85 -10.59
N LEU B 653 20.96 -22.64 -9.53
CA LEU B 653 19.96 -22.70 -8.49
C LEU B 653 20.23 -21.73 -7.35
N ALA B 654 21.43 -21.15 -7.31
CA ALA B 654 21.76 -20.16 -6.31
C ALA B 654 21.51 -18.74 -6.78
N LEU B 655 21.51 -18.50 -8.10
CA LEU B 655 21.16 -17.19 -8.61
C LEU B 655 19.66 -16.94 -8.50
N ILE B 656 18.84 -17.92 -8.86
CA ILE B 656 17.39 -17.75 -8.81
C ILE B 656 16.83 -17.74 -7.41
N ALA B 657 17.63 -18.12 -6.41
CA ALA B 657 17.21 -17.99 -5.03
C ALA B 657 17.65 -16.66 -4.42
N SER B 658 18.85 -16.19 -4.75
CA SER B 658 19.39 -14.99 -4.13
C SER B 658 19.09 -13.72 -4.92
N MET B 659 19.54 -13.65 -6.17
CA MET B 659 19.35 -12.46 -6.99
C MET B 659 18.85 -12.83 -8.38
N PRO B 660 17.54 -12.70 -8.64
CA PRO B 660 16.98 -13.17 -9.90
C PRO B 660 17.19 -12.23 -11.08
N LYS B 661 17.54 -10.96 -10.86
CA LYS B 661 17.77 -10.07 -11.99
C LYS B 661 19.08 -10.37 -12.70
N VAL B 662 20.00 -11.09 -12.05
CA VAL B 662 21.17 -11.60 -12.76
C VAL B 662 20.77 -12.74 -13.69
N PHE B 663 19.82 -13.58 -13.25
CA PHE B 663 19.40 -14.70 -14.07
C PHE B 663 18.45 -14.28 -15.18
N GLU B 664 17.83 -13.09 -15.06
CA GLU B 664 17.11 -12.50 -16.19
C GLU B 664 18.02 -12.28 -17.39
N ALA B 665 19.26 -11.87 -17.13
CA ALA B 665 20.19 -11.57 -18.22
C ALA B 665 20.85 -12.83 -18.76
N VAL B 666 20.95 -13.89 -17.98
CA VAL B 666 21.47 -15.15 -18.49
C VAL B 666 20.46 -15.78 -19.45
N GLN B 667 19.17 -15.62 -19.16
CA GLN B 667 18.15 -16.13 -20.07
C GLN B 667 18.05 -15.30 -21.34
N ASP B 668 18.38 -14.01 -21.27
CA ASP B 668 18.34 -13.19 -22.48
C ASP B 668 19.48 -13.49 -23.43
N LYS B 669 20.56 -14.09 -22.94
CA LYS B 669 21.66 -14.51 -23.80
C LYS B 669 21.39 -15.84 -24.49
N CYS B 670 20.34 -16.56 -24.09
CA CYS B 670 20.03 -17.84 -24.68
C CYS B 670 19.05 -17.76 -25.84
N ILE B 671 18.56 -16.57 -26.17
CA ILE B 671 17.68 -16.37 -27.32
C ILE B 671 18.46 -15.61 -28.38
N THR B 672 19.13 -16.35 -29.26
CA THR B 672 20.03 -15.78 -30.26
C THR B 672 19.29 -15.71 -31.59
N LYS B 673 18.95 -14.50 -32.02
CA LYS B 673 18.19 -14.29 -33.25
C LYS B 673 19.13 -14.12 -34.44
N ALA B 674 18.76 -14.72 -35.57
CA ALA B 674 19.53 -14.57 -36.79
C ALA B 674 19.31 -13.19 -37.41
N ASN B 675 20.21 -12.81 -38.32
CA ASN B 675 20.19 -11.48 -38.91
C ASN B 675 19.55 -11.43 -40.29
N CYS B 676 18.74 -12.43 -40.64
CA CYS B 676 18.01 -12.41 -41.92
C CYS B 676 16.71 -11.64 -41.69
N LYS B 677 16.81 -10.31 -41.67
CA LYS B 677 15.68 -9.45 -41.34
C LYS B 677 14.66 -9.35 -42.47
N LYS B 678 15.00 -9.77 -43.68
CA LYS B 678 14.15 -9.54 -44.83
C LYS B 678 13.08 -10.62 -44.97
N ASP B 679 11.83 -10.19 -45.12
CA ASP B 679 10.66 -10.99 -45.52
C ASP B 679 10.30 -12.13 -44.56
N SER B 680 10.95 -12.21 -43.39
CA SER B 680 10.91 -13.37 -42.49
C SER B 680 11.19 -14.67 -43.25
N LYS B 681 12.22 -14.68 -44.10
CA LYS B 681 12.51 -15.90 -44.92
C LYS B 681 13.43 -16.88 -44.22
N SER B 682 14.46 -16.40 -43.55
CA SER B 682 15.30 -17.27 -42.73
C SER B 682 15.54 -16.67 -41.35
N PHE B 683 14.58 -15.90 -40.85
CA PHE B 683 14.67 -15.26 -39.54
C PHE B 683 14.29 -16.29 -38.48
N TYR B 684 15.26 -17.09 -38.06
CA TYR B 684 15.02 -18.13 -37.07
C TYR B 684 15.59 -17.73 -35.72
N ILE B 685 14.82 -17.99 -34.67
CA ILE B 685 15.24 -17.77 -33.30
C ILE B 685 15.73 -19.09 -32.75
N LYS B 686 16.89 -19.08 -32.11
CA LYS B 686 17.56 -20.29 -31.63
C LYS B 686 17.48 -20.32 -30.11
N TYR B 687 16.76 -21.30 -29.57
CA TYR B 687 16.54 -21.44 -28.13
C TYR B 687 17.44 -22.54 -27.62
N SER B 688 18.50 -22.17 -26.91
CA SER B 688 19.42 -23.14 -26.31
C SER B 688 19.26 -23.07 -24.81
N PHE B 689 18.75 -24.13 -24.20
CA PHE B 689 18.37 -24.03 -22.80
C PHE B 689 19.59 -24.21 -21.89
N ALA B 690 20.10 -25.44 -21.80
CA ALA B 690 21.43 -25.80 -21.30
C ALA B 690 21.73 -25.44 -19.85
N PHE B 691 20.84 -24.70 -19.18
CA PHE B 691 21.05 -24.13 -17.87
C PHE B 691 19.85 -24.49 -17.01
N LEU B 692 18.70 -24.62 -17.67
CA LEU B 692 17.47 -25.03 -17.00
C LEU B 692 17.50 -26.50 -16.63
N GLN B 693 18.39 -27.29 -17.24
CA GLN B 693 18.62 -28.67 -16.85
C GLN B 693 19.92 -28.74 -16.05
N CYS B 694 19.82 -29.18 -14.81
CA CYS B 694 20.99 -29.31 -13.95
C CYS B 694 21.45 -30.76 -13.97
N PRO B 695 22.63 -31.07 -14.53
CA PRO B 695 23.11 -32.45 -14.51
C PRO B 695 23.47 -32.93 -13.11
N PHE B 696 24.25 -32.15 -12.43
CA PHE B 696 24.63 -32.52 -11.08
C PHE B 696 23.60 -32.11 -10.03
N MET B 697 23.08 -30.91 -10.03
CA MET B 697 22.10 -30.64 -8.96
C MET B 697 20.93 -29.87 -9.46
N ALA B 712 22.30 -38.28 -10.83
CA ALA B 712 22.61 -37.47 -9.66
C ALA B 712 21.37 -37.26 -8.79
N SER B 713 20.50 -36.35 -9.21
CA SER B 713 19.27 -36.05 -8.48
C SER B 713 18.07 -36.57 -9.25
N PRO B 714 17.17 -37.31 -8.59
CA PRO B 714 15.91 -37.73 -9.23
C PRO B 714 14.79 -36.69 -9.12
N ILE B 715 15.13 -35.43 -9.41
CA ILE B 715 14.16 -34.34 -9.46
C ILE B 715 13.98 -33.98 -10.93
N PRO B 716 12.75 -34.01 -11.46
CA PRO B 716 12.56 -33.89 -12.91
C PRO B 716 12.85 -32.52 -13.52
N LEU B 717 12.24 -31.46 -12.98
CA LEU B 717 12.45 -30.10 -13.47
C LEU B 717 13.06 -29.30 -12.32
N PRO B 718 14.38 -29.34 -12.15
CA PRO B 718 14.96 -28.76 -10.93
C PRO B 718 15.01 -27.23 -10.94
N ALA B 719 15.25 -26.62 -12.10
CA ALA B 719 15.35 -25.16 -12.13
C ALA B 719 13.99 -24.50 -12.03
N LEU B 720 12.97 -25.07 -12.69
CA LEU B 720 11.65 -24.48 -12.66
C LEU B 720 10.94 -24.72 -11.33
N ASN B 721 11.21 -25.84 -10.66
CA ASN B 721 10.62 -26.06 -9.35
C ASN B 721 11.28 -25.21 -8.27
N THR B 722 12.48 -24.69 -8.52
CA THR B 722 13.12 -23.82 -7.55
C THR B 722 12.56 -22.40 -7.65
N MET B 723 12.29 -21.92 -8.84
CA MET B 723 11.74 -20.59 -9.02
C MET B 723 10.23 -20.54 -8.78
N VAL B 724 9.62 -21.62 -8.32
CA VAL B 724 8.24 -21.61 -7.84
C VAL B 724 8.18 -21.51 -6.33
N THR B 725 9.05 -22.25 -5.63
CA THR B 725 9.12 -22.18 -4.17
C THR B 725 9.60 -20.83 -3.66
N HIS B 726 10.26 -20.04 -4.51
CA HIS B 726 10.67 -18.69 -4.16
C HIS B 726 9.73 -17.63 -4.71
N GLY B 727 8.76 -18.01 -5.53
CA GLY B 727 7.81 -17.04 -6.05
C GLY B 727 8.34 -16.13 -7.13
N ARG B 728 9.29 -16.62 -7.93
CA ARG B 728 9.94 -15.82 -8.96
C ARG B 728 9.07 -15.84 -10.21
N VAL B 729 8.05 -14.96 -10.22
CA VAL B 729 7.06 -15.01 -11.29
C VAL B 729 7.57 -14.37 -12.58
N GLU B 730 8.63 -13.55 -12.51
CA GLU B 730 9.14 -12.94 -13.73
C GLU B 730 10.07 -13.88 -14.47
N LEU B 731 10.77 -14.76 -13.75
CA LEU B 731 11.58 -15.78 -14.41
C LEU B 731 10.70 -16.84 -15.08
N LEU B 732 9.55 -17.15 -14.50
CA LEU B 732 8.66 -18.14 -15.10
C LEU B 732 7.95 -17.60 -16.34
N ALA B 733 7.71 -16.30 -16.40
CA ALA B 733 7.03 -15.71 -17.54
C ALA B 733 7.96 -15.27 -18.65
N HIS B 734 9.25 -15.48 -18.49
CA HIS B 734 10.24 -15.10 -19.50
C HIS B 734 10.16 -16.07 -20.68
N PRO B 735 10.36 -15.57 -21.91
CA PRO B 735 10.19 -16.43 -23.09
C PRO B 735 11.20 -17.56 -23.26
N LEU B 736 12.16 -17.75 -22.35
CA LEU B 736 12.94 -18.98 -22.41
C LEU B 736 12.29 -20.11 -21.63
N SER B 737 11.65 -19.79 -20.49
CA SER B 737 10.94 -20.79 -19.73
C SER B 737 9.64 -21.20 -20.41
N GLN B 738 8.99 -20.28 -21.12
CA GLN B 738 7.75 -20.60 -21.80
C GLN B 738 7.99 -21.53 -22.97
N LYS B 739 9.08 -21.34 -23.71
CA LYS B 739 9.40 -22.23 -24.81
C LYS B 739 9.98 -23.55 -24.34
N TYR B 740 10.44 -23.62 -23.09
CA TYR B 740 10.86 -24.90 -22.55
C TYR B 740 9.69 -25.72 -22.08
N LEU B 741 8.61 -25.08 -21.62
CA LEU B 741 7.43 -25.80 -21.20
C LEU B 741 6.62 -26.29 -22.40
N GLN B 742 6.38 -25.42 -23.38
CA GLN B 742 5.57 -25.86 -24.51
C GLN B 742 6.38 -26.63 -25.55
N MET B 743 7.66 -26.89 -25.30
CA MET B 743 8.33 -27.97 -26.01
C MET B 743 8.03 -29.31 -25.35
N LYS B 744 8.02 -29.33 -24.02
CA LYS B 744 7.66 -30.54 -23.30
C LYS B 744 6.16 -30.81 -23.36
N TRP B 745 5.35 -29.78 -23.62
CA TRP B 745 3.91 -29.96 -23.76
C TRP B 745 3.59 -30.64 -25.08
N ASN B 746 4.08 -30.09 -26.18
CA ASN B 746 3.75 -30.57 -27.52
C ASN B 746 4.45 -31.86 -27.91
N SER B 747 5.24 -32.47 -27.02
CA SER B 747 5.92 -33.71 -27.34
C SER B 747 5.28 -34.92 -26.68
N TYR B 748 5.02 -34.86 -25.38
CA TYR B 748 4.37 -35.98 -24.70
C TYR B 748 3.20 -35.52 -23.82
N GLY B 749 3.26 -34.30 -23.32
CA GLY B 749 2.37 -33.89 -22.26
C GLY B 749 0.99 -33.47 -22.70
N LYS B 750 0.85 -33.14 -23.98
CA LYS B 750 -0.44 -32.74 -24.52
C LYS B 750 -1.39 -33.93 -24.64
N TYR B 751 -0.83 -35.14 -24.74
CA TYR B 751 -1.63 -36.32 -25.02
C TYR B 751 -1.83 -37.22 -23.80
N PHE B 752 -1.12 -36.97 -22.71
CA PHE B 752 -1.46 -37.63 -21.45
C PHE B 752 -2.38 -36.78 -20.60
N HIS B 753 -2.82 -35.64 -21.12
CA HIS B 753 -3.80 -34.77 -20.50
C HIS B 753 -5.12 -34.75 -21.27
N LEU B 754 -5.06 -34.80 -22.59
CA LEU B 754 -6.28 -34.90 -23.38
C LEU B 754 -6.88 -36.28 -23.30
N ALA B 755 -6.04 -37.32 -23.34
CA ALA B 755 -6.57 -38.68 -23.26
C ALA B 755 -7.00 -39.05 -21.84
N ASN B 756 -6.57 -38.30 -20.84
CA ASN B 756 -7.02 -38.56 -19.48
C ASN B 756 -8.39 -37.94 -19.24
N LEU B 757 -8.61 -36.74 -19.75
CA LEU B 757 -9.88 -36.04 -19.56
C LEU B 757 -10.95 -36.55 -20.50
N LEU B 758 -10.59 -37.31 -21.52
CA LEU B 758 -11.59 -37.82 -22.45
C LEU B 758 -12.02 -39.24 -22.13
N ILE B 759 -11.19 -40.04 -21.46
CA ILE B 759 -11.66 -41.36 -21.03
C ILE B 759 -12.35 -41.30 -19.69
N TYR B 760 -12.22 -40.20 -18.95
CA TYR B 760 -13.06 -40.02 -17.77
C TYR B 760 -14.44 -39.52 -18.17
N SER B 761 -14.51 -38.69 -19.20
CA SER B 761 -15.78 -38.14 -19.65
C SER B 761 -16.59 -39.13 -20.48
N ILE B 762 -16.07 -40.33 -20.73
CA ILE B 762 -16.91 -41.44 -21.17
C ILE B 762 -17.54 -42.11 -19.96
N PHE B 763 -16.79 -42.21 -18.86
CA PHE B 763 -17.32 -42.80 -17.63
C PHE B 763 -18.38 -41.92 -17.00
N LEU B 764 -18.24 -40.60 -17.12
CA LEU B 764 -19.20 -39.69 -16.51
C LEU B 764 -20.56 -39.74 -17.20
N VAL B 765 -20.59 -40.06 -18.49
CA VAL B 765 -21.86 -40.08 -19.21
C VAL B 765 -22.51 -41.45 -19.21
N PHE B 766 -21.83 -42.48 -18.72
CA PHE B 766 -22.49 -43.77 -18.53
C PHE B 766 -22.92 -44.02 -17.10
N VAL B 767 -22.44 -43.24 -16.15
CA VAL B 767 -23.01 -43.27 -14.81
C VAL B 767 -24.26 -42.42 -14.76
N THR B 768 -24.29 -41.32 -15.52
CA THR B 768 -25.46 -40.45 -15.55
C THR B 768 -26.62 -41.09 -16.30
N ILE B 769 -26.33 -41.82 -17.38
CA ILE B 769 -27.38 -42.48 -18.13
C ILE B 769 -27.93 -43.69 -17.36
N TYR B 770 -27.05 -44.43 -16.68
CA TYR B 770 -27.50 -45.62 -15.96
C TYR B 770 -28.38 -45.29 -14.77
N SER B 771 -28.19 -44.14 -14.15
CA SER B 771 -29.06 -43.74 -13.06
C SER B 771 -30.42 -43.28 -13.56
N SER B 772 -30.47 -42.66 -14.73
CA SER B 772 -31.74 -42.23 -15.28
C SER B 772 -32.51 -43.40 -15.89
N LEU B 773 -31.85 -44.50 -16.21
CA LEU B 773 -32.53 -45.70 -16.67
C LEU B 773 -32.96 -46.60 -15.53
N MET B 774 -32.28 -46.53 -14.40
CA MET B 774 -32.67 -47.32 -13.23
C MET B 774 -33.91 -46.73 -12.56
N MET B 775 -34.14 -45.43 -12.72
CA MET B 775 -35.30 -44.81 -12.12
C MET B 775 -36.55 -44.95 -12.98
N ASN B 776 -36.39 -45.05 -14.29
CA ASN B 776 -37.52 -45.23 -15.17
C ASN B 776 -37.85 -46.69 -15.43
N ASN B 777 -37.06 -47.62 -14.89
CA ASN B 777 -37.30 -49.05 -15.05
C ASN B 777 -37.25 -49.68 -13.66
N ILE B 778 -38.37 -49.65 -12.96
CA ILE B 778 -38.49 -50.25 -11.64
C ILE B 778 -39.89 -50.84 -11.53
N GLU B 779 -40.00 -51.97 -10.83
CA GLU B 779 -41.22 -52.76 -10.83
C GLU B 779 -41.61 -53.13 -9.40
N LEU B 780 -42.75 -53.81 -9.29
CA LEU B 780 -43.38 -54.25 -8.05
C LEU B 780 -43.61 -53.10 -7.06
N GLU B 819 -40.78 -55.59 -1.78
CA GLU B 819 -39.78 -56.04 -2.73
C GLU B 819 -39.96 -55.34 -4.07
N GLU B 820 -38.85 -55.02 -4.72
CA GLU B 820 -38.85 -54.40 -6.04
C GLU B 820 -37.75 -55.00 -6.89
N ARG B 821 -37.85 -54.79 -8.20
CA ARG B 821 -36.90 -55.34 -9.15
C ARG B 821 -36.80 -54.44 -10.36
N ILE B 822 -35.71 -54.59 -11.11
CA ILE B 822 -35.44 -53.79 -12.30
C ILE B 822 -35.74 -54.63 -13.53
N ASN B 823 -36.44 -54.03 -14.50
CA ASN B 823 -36.54 -54.59 -15.84
C ASN B 823 -35.16 -54.56 -16.49
N ARG B 824 -34.53 -55.73 -16.64
CA ARG B 824 -33.19 -55.82 -17.20
C ARG B 824 -33.30 -55.64 -18.71
N THR B 825 -33.18 -54.39 -19.14
CA THR B 825 -33.27 -54.02 -20.55
C THR B 825 -31.88 -54.13 -21.18
N THR B 826 -31.85 -54.28 -22.51
CA THR B 826 -30.57 -54.32 -23.22
C THR B 826 -29.87 -52.97 -23.25
N ALA B 827 -30.57 -51.87 -22.95
CA ALA B 827 -29.91 -50.58 -22.85
C ALA B 827 -29.30 -50.36 -21.47
N ILE B 828 -29.91 -50.89 -20.41
CA ILE B 828 -29.31 -50.79 -19.08
C ILE B 828 -28.24 -51.83 -18.87
N LEU B 829 -28.13 -52.82 -19.74
CA LEU B 829 -27.11 -53.83 -19.62
C LEU B 829 -25.83 -53.42 -20.34
N PHE B 830 -25.96 -52.72 -21.46
CA PHE B 830 -24.79 -52.20 -22.15
C PHE B 830 -24.15 -51.07 -21.37
N CYS B 831 -24.95 -50.26 -20.68
CA CYS B 831 -24.40 -49.25 -19.79
C CYS B 831 -23.82 -49.86 -18.53
N ALA B 832 -24.23 -51.07 -18.18
CA ALA B 832 -23.67 -51.75 -17.02
C ALA B 832 -22.28 -52.30 -17.29
N VAL B 833 -22.05 -52.80 -18.51
CA VAL B 833 -20.78 -53.45 -18.83
C VAL B 833 -19.66 -52.44 -19.00
N VAL B 834 -19.98 -51.28 -19.59
CA VAL B 834 -18.99 -50.22 -19.80
C VAL B 834 -18.49 -49.67 -18.48
N ILE B 835 -19.34 -49.67 -17.45
CA ILE B 835 -18.91 -49.19 -16.13
C ILE B 835 -17.97 -50.19 -15.49
N VAL B 836 -18.29 -51.48 -15.52
CA VAL B 836 -17.49 -52.47 -14.82
C VAL B 836 -16.17 -52.75 -15.55
N VAL B 837 -16.11 -52.50 -16.87
CA VAL B 837 -14.84 -52.61 -17.59
C VAL B 837 -13.93 -51.43 -17.22
N TYR B 838 -14.51 -50.25 -17.04
CA TYR B 838 -13.71 -49.08 -16.65
C TYR B 838 -13.15 -49.22 -15.25
N ILE B 839 -13.84 -49.91 -14.34
CA ILE B 839 -13.33 -50.07 -12.98
C ILE B 839 -12.13 -51.01 -12.96
N LEU B 840 -12.22 -52.12 -13.70
CA LEU B 840 -11.12 -53.09 -13.73
C LEU B 840 -9.89 -52.52 -14.43
N LEU B 841 -10.09 -51.76 -15.50
CA LEU B 841 -8.98 -51.17 -16.22
C LEU B 841 -8.35 -50.02 -15.45
N ASN B 842 -9.10 -49.33 -14.59
CA ASN B 842 -8.55 -48.24 -13.78
C ASN B 842 -8.21 -48.71 -12.37
N SER B 843 -8.40 -49.99 -12.07
CA SER B 843 -7.79 -50.54 -10.86
C SER B 843 -6.43 -51.15 -11.15
N MET B 844 -6.15 -51.47 -12.41
CA MET B 844 -4.80 -51.84 -12.82
C MET B 844 -3.91 -50.63 -13.03
N ARG B 845 -4.44 -49.41 -12.88
CA ARG B 845 -3.62 -48.20 -12.90
C ARG B 845 -3.30 -47.74 -11.49
N GLU B 846 -4.21 -47.96 -10.54
CA GLU B 846 -3.99 -47.53 -9.16
C GLU B 846 -3.52 -48.67 -8.25
N LEU B 847 -2.92 -49.70 -8.83
CA LEU B 847 -2.10 -50.64 -8.07
C LEU B 847 -0.63 -50.57 -8.46
N ILE B 848 -0.34 -50.18 -9.70
CA ILE B 848 1.00 -49.75 -10.07
C ILE B 848 1.35 -48.46 -9.32
N GLN B 849 0.36 -47.61 -9.08
CA GLN B 849 0.58 -46.34 -8.37
C GLN B 849 0.96 -46.55 -6.92
N ILE B 850 0.48 -47.65 -6.29
CA ILE B 850 0.80 -47.88 -4.88
C ILE B 850 2.25 -48.31 -4.71
N TYR B 851 2.83 -48.97 -5.72
CA TYR B 851 4.24 -49.36 -5.63
C TYR B 851 5.16 -48.15 -5.67
N GLN B 852 4.81 -47.13 -6.46
CA GLN B 852 5.63 -45.93 -6.55
C GLN B 852 5.32 -44.92 -5.45
N GLN B 853 4.25 -45.11 -4.70
CA GLN B 853 3.79 -44.15 -3.71
C GLN B 853 3.44 -44.91 -2.42
N LYS B 854 4.36 -45.75 -1.96
CA LYS B 854 4.17 -46.61 -0.79
C LYS B 854 3.94 -45.82 0.49
N LEU B 855 2.73 -45.90 1.03
CA LEU B 855 2.24 -45.35 2.30
C LEU B 855 2.18 -43.83 2.35
N HIS B 856 2.60 -43.14 1.30
CA HIS B 856 2.25 -41.74 1.09
C HIS B 856 1.12 -41.60 0.08
N TYR B 857 0.44 -42.72 -0.21
CA TYR B 857 -0.70 -42.74 -1.11
C TYR B 857 -1.96 -42.22 -0.41
N ILE B 858 -2.05 -42.41 0.90
CA ILE B 858 -3.24 -42.00 1.65
C ILE B 858 -3.26 -40.50 1.90
N LEU B 859 -2.12 -39.81 1.77
CA LEU B 859 -2.05 -38.38 2.03
C LEU B 859 -2.50 -37.54 0.84
N GLU B 860 -2.84 -38.15 -0.29
CA GLU B 860 -3.11 -37.40 -1.51
C GLU B 860 -4.48 -36.73 -1.49
N THR B 861 -5.50 -37.45 -0.99
CA THR B 861 -6.90 -37.06 -0.73
C THR B 861 -7.69 -36.95 -2.04
N VAL B 862 -7.01 -37.00 -3.18
CA VAL B 862 -7.70 -37.10 -4.46
C VAL B 862 -7.87 -38.57 -4.84
N ASN B 863 -6.99 -39.43 -4.34
CA ASN B 863 -7.14 -40.86 -4.57
C ASN B 863 -8.26 -41.47 -3.74
N LEU B 864 -8.51 -40.93 -2.55
CA LEU B 864 -9.58 -41.48 -1.72
C LEU B 864 -10.95 -41.11 -2.26
N ILE B 865 -11.05 -40.01 -3.02
CA ILE B 865 -12.27 -39.72 -3.74
C ILE B 865 -12.50 -40.78 -4.82
N SER B 866 -11.42 -41.25 -5.44
CA SER B 866 -11.56 -42.21 -6.53
C SER B 866 -11.87 -43.61 -6.03
N TRP B 867 -11.50 -43.95 -4.79
CA TRP B 867 -11.83 -45.29 -4.30
C TRP B 867 -13.25 -45.37 -3.78
N VAL B 868 -13.80 -44.28 -3.23
CA VAL B 868 -15.20 -44.29 -2.84
C VAL B 868 -16.09 -44.28 -4.08
N LEU B 869 -15.63 -43.63 -5.15
CA LEU B 869 -16.39 -43.56 -6.39
C LEU B 869 -16.44 -44.90 -7.11
N TYR B 870 -15.35 -45.67 -7.05
CA TYR B 870 -15.32 -46.92 -7.81
C TYR B 870 -16.05 -48.04 -7.09
N ILE B 871 -15.99 -48.07 -5.76
CA ILE B 871 -16.71 -49.08 -5.00
C ILE B 871 -18.21 -48.82 -5.06
N SER B 872 -18.63 -47.56 -4.97
CA SER B 872 -20.05 -47.22 -4.99
C SER B 872 -20.67 -47.44 -6.36
N ALA B 873 -19.89 -47.29 -7.43
CA ALA B 873 -20.40 -47.56 -8.77
C ALA B 873 -20.45 -49.04 -9.09
N LEU B 874 -19.84 -49.90 -8.27
CA LEU B 874 -20.02 -51.33 -8.39
C LEU B 874 -21.24 -51.83 -7.63
N VAL B 875 -21.54 -51.25 -6.47
CA VAL B 875 -22.72 -51.63 -5.74
C VAL B 875 -23.98 -51.19 -6.47
N MET B 876 -23.91 -50.06 -7.17
CA MET B 876 -25.01 -49.56 -7.99
C MET B 876 -25.34 -50.50 -9.15
N VAL B 877 -24.32 -51.18 -9.69
CA VAL B 877 -24.46 -51.87 -10.97
C VAL B 877 -24.79 -53.35 -10.81
N THR B 878 -24.69 -53.90 -9.61
CA THR B 878 -24.99 -55.33 -9.40
C THR B 878 -26.42 -55.81 -9.65
N PRO B 879 -27.51 -55.03 -9.49
CA PRO B 879 -28.83 -55.60 -9.86
C PRO B 879 -29.04 -55.83 -11.35
N ALA B 880 -28.16 -55.35 -12.22
CA ALA B 880 -28.25 -55.67 -13.64
C ALA B 880 -27.56 -56.98 -13.99
N PHE B 881 -26.90 -57.62 -13.02
CA PHE B 881 -26.13 -58.82 -13.25
C PHE B 881 -26.72 -60.06 -12.60
N GLN B 882 -27.75 -59.91 -11.79
CA GLN B 882 -28.33 -61.05 -11.12
C GLN B 882 -29.59 -61.50 -11.84
N PRO B 883 -29.93 -62.80 -11.78
CA PRO B 883 -31.18 -63.27 -12.39
C PRO B 883 -32.40 -62.70 -11.69
N ASP B 884 -32.41 -62.80 -10.37
CA ASP B 884 -33.39 -62.07 -9.54
C ASP B 884 -32.84 -60.66 -9.37
N GLY B 885 -33.08 -59.80 -10.35
CA GLY B 885 -32.55 -58.46 -10.32
C GLY B 885 -33.25 -57.55 -9.34
N GLY B 886 -33.11 -57.84 -8.05
CA GLY B 886 -33.80 -57.10 -7.02
C GLY B 886 -33.05 -55.86 -6.59
N ILE B 887 -33.79 -54.92 -6.02
CA ILE B 887 -33.24 -53.65 -5.58
C ILE B 887 -33.45 -53.55 -4.07
N ASN B 888 -32.61 -52.74 -3.43
CA ASN B 888 -32.73 -52.46 -2.00
C ASN B 888 -32.40 -51.00 -1.76
N THR B 889 -32.44 -50.58 -0.51
CA THR B 889 -32.05 -49.22 -0.17
C THR B 889 -30.55 -49.02 -0.07
N ILE B 890 -29.75 -50.06 -0.31
CA ILE B 890 -28.31 -49.89 -0.44
C ILE B 890 -27.92 -49.56 -1.87
N HIS B 891 -28.81 -49.80 -2.83
CA HIS B 891 -28.51 -49.49 -4.22
C HIS B 891 -28.94 -48.08 -4.60
N TYR B 892 -30.01 -47.58 -3.98
CA TYR B 892 -30.35 -46.17 -4.13
C TYR B 892 -29.31 -45.28 -3.47
N SER B 893 -28.76 -45.73 -2.35
CA SER B 893 -27.78 -44.92 -1.63
C SER B 893 -26.43 -44.95 -2.35
N ALA B 894 -26.10 -46.07 -2.97
CA ALA B 894 -24.84 -46.14 -3.72
C ALA B 894 -24.94 -45.38 -5.03
N ALA B 895 -26.14 -45.30 -5.62
CA ALA B 895 -26.30 -44.56 -6.86
C ALA B 895 -26.21 -43.06 -6.64
N SER B 896 -26.63 -42.57 -5.48
CA SER B 896 -26.57 -41.15 -5.22
C SER B 896 -25.18 -40.69 -4.82
N ILE B 897 -24.37 -41.58 -4.23
CA ILE B 897 -22.98 -41.24 -3.93
C ILE B 897 -22.13 -41.30 -5.19
N ALA B 898 -22.45 -42.24 -6.09
CA ALA B 898 -21.68 -42.38 -7.32
C ALA B 898 -21.94 -41.23 -8.28
N VAL B 899 -23.17 -40.74 -8.35
CA VAL B 899 -23.50 -39.65 -9.27
C VAL B 899 -22.99 -38.32 -8.74
N PHE B 900 -23.01 -38.13 -7.42
CA PHE B 900 -22.45 -36.90 -6.85
C PHE B 900 -20.94 -36.84 -7.00
N LEU B 901 -20.24 -37.93 -6.69
CA LEU B 901 -18.79 -37.92 -6.77
C LEU B 901 -18.26 -38.00 -8.19
N SER B 902 -19.07 -38.42 -9.15
CA SER B 902 -18.62 -38.40 -10.54
C SER B 902 -18.57 -37.00 -11.08
N TRP B 903 -19.53 -36.16 -10.71
CA TRP B 903 -19.56 -34.78 -11.14
C TRP B 903 -18.70 -33.88 -10.25
N PHE B 904 -18.45 -34.26 -9.01
CA PHE B 904 -17.56 -33.46 -8.19
C PHE B 904 -16.11 -33.66 -8.58
N ARG B 905 -15.78 -34.83 -9.14
CA ARG B 905 -14.42 -35.09 -9.58
C ARG B 905 -14.14 -34.46 -10.94
N LEU B 906 -15.17 -34.03 -11.66
CA LEU B 906 -14.97 -33.29 -12.89
C LEU B 906 -14.46 -31.88 -12.61
N LEU B 907 -14.78 -31.31 -11.45
CA LEU B 907 -14.24 -30.00 -11.09
C LEU B 907 -12.74 -30.05 -10.85
N LEU B 908 -12.20 -31.21 -10.51
CA LEU B 908 -10.77 -31.31 -10.27
C LEU B 908 -9.97 -31.34 -11.57
N PHE B 909 -10.63 -31.55 -12.72
CA PHE B 909 -9.98 -31.45 -14.01
C PHE B 909 -10.01 -30.03 -14.56
N LEU B 910 -11.00 -29.23 -14.17
CA LEU B 910 -11.14 -27.88 -14.69
C LEU B 910 -10.31 -26.85 -13.94
N GLN B 911 -9.42 -27.29 -13.04
CA GLN B 911 -8.49 -26.34 -12.42
C GLN B 911 -7.50 -25.79 -13.43
N ARG B 912 -7.22 -26.54 -14.48
CA ARG B 912 -6.05 -26.32 -15.30
C ARG B 912 -6.37 -25.69 -16.65
N PHE B 913 -7.55 -25.12 -16.80
CA PHE B 913 -7.90 -24.42 -18.02
C PHE B 913 -7.74 -22.91 -17.81
N ASP B 914 -8.15 -22.13 -18.80
CA ASP B 914 -8.02 -20.68 -18.76
C ASP B 914 -9.38 -20.04 -18.70
N GLN B 915 -9.51 -19.04 -17.82
CA GLN B 915 -10.71 -18.26 -17.47
C GLN B 915 -11.77 -19.07 -16.73
N VAL B 916 -11.58 -20.38 -16.57
CA VAL B 916 -12.50 -21.22 -15.84
C VAL B 916 -11.69 -22.07 -14.87
N GLY B 917 -10.44 -21.70 -14.66
CA GLY B 917 -9.58 -22.51 -13.84
C GLY B 917 -9.17 -21.79 -12.58
N ILE B 918 -9.29 -20.46 -12.58
CA ILE B 918 -8.98 -19.69 -11.39
C ILE B 918 -10.14 -19.73 -10.40
N TYR B 919 -11.35 -20.02 -10.85
CA TYR B 919 -12.50 -20.04 -9.96
C TYR B 919 -12.68 -21.37 -9.25
N VAL B 920 -11.99 -22.41 -9.69
CA VAL B 920 -11.97 -23.66 -8.95
C VAL B 920 -10.85 -23.64 -7.92
N VAL B 921 -9.80 -22.87 -8.16
CA VAL B 921 -8.76 -22.68 -7.16
C VAL B 921 -9.29 -21.85 -6.00
N MET B 922 -10.16 -20.88 -6.28
CA MET B 922 -10.82 -20.12 -5.22
C MET B 922 -11.80 -20.97 -4.44
N PHE B 923 -12.46 -21.93 -5.09
CA PHE B 923 -13.42 -22.79 -4.43
C PHE B 923 -12.73 -23.73 -3.46
N LEU B 924 -11.64 -24.36 -3.89
CA LEU B 924 -10.94 -25.34 -3.09
C LEU B 924 -9.98 -24.74 -2.09
N GLU B 925 -9.81 -23.42 -2.08
CA GLU B 925 -9.03 -22.77 -1.04
C GLU B 925 -9.90 -22.20 0.08
N ILE B 926 -11.11 -21.71 -0.22
CA ILE B 926 -12.03 -21.37 0.85
C ILE B 926 -12.76 -22.59 1.38
N LEU B 927 -12.55 -23.76 0.80
CA LEU B 927 -12.99 -25.03 1.38
C LEU B 927 -12.01 -25.59 2.38
N GLN B 928 -10.71 -25.31 2.22
CA GLN B 928 -9.74 -25.77 3.20
C GLN B 928 -9.81 -24.97 4.49
N THR B 929 -10.16 -23.70 4.41
CA THR B 929 -10.31 -22.89 5.61
C THR B 929 -11.60 -23.24 6.33
N LEU B 930 -12.66 -23.53 5.58
CA LEU B 930 -13.97 -23.80 6.15
C LEU B 930 -14.06 -25.16 6.82
N ILE B 931 -13.12 -26.08 6.56
CA ILE B 931 -13.08 -27.32 7.31
C ILE B 931 -12.37 -27.11 8.65
N LYS B 932 -11.33 -26.28 8.67
CA LYS B 932 -10.64 -25.98 9.91
C LYS B 932 -11.45 -25.12 10.86
N VAL B 933 -12.50 -24.45 10.38
CA VAL B 933 -13.29 -23.55 11.22
C VAL B 933 -14.66 -24.11 11.53
N LEU B 934 -15.12 -25.16 10.83
CA LEU B 934 -16.33 -25.85 11.22
C LEU B 934 -16.05 -27.11 12.03
N MET B 935 -14.82 -27.30 12.47
CA MET B 935 -14.56 -28.25 13.55
C MET B 935 -14.27 -27.55 14.86
N VAL B 936 -13.80 -26.32 14.81
CA VAL B 936 -13.69 -25.51 16.02
C VAL B 936 -15.06 -25.05 16.48
N PHE B 937 -15.87 -24.57 15.54
CA PHE B 937 -17.20 -24.06 15.85
C PHE B 937 -18.29 -25.08 15.56
N SER B 938 -17.96 -26.36 15.66
CA SER B 938 -18.94 -27.38 15.96
C SER B 938 -19.13 -27.54 17.46
N ILE B 939 -18.39 -26.76 18.25
CA ILE B 939 -18.60 -26.70 19.68
C ILE B 939 -19.81 -25.84 20.00
N LEU B 940 -20.09 -24.82 19.18
CA LEU B 940 -21.29 -24.02 19.34
C LEU B 940 -22.54 -24.68 18.81
N ILE B 941 -22.41 -25.75 18.03
CA ILE B 941 -23.61 -26.48 17.63
C ILE B 941 -23.96 -27.54 18.66
N ILE B 942 -22.96 -28.11 19.33
CA ILE B 942 -23.23 -28.99 20.47
C ILE B 942 -23.73 -28.17 21.65
N ALA B 943 -23.31 -26.92 21.77
CA ALA B 943 -23.75 -26.06 22.87
C ALA B 943 -25.23 -25.72 22.74
N PHE B 944 -25.64 -25.20 21.58
CA PHE B 944 -27.04 -24.86 21.39
C PHE B 944 -27.90 -26.08 21.13
N GLY B 945 -27.37 -27.08 20.42
CA GLY B 945 -28.18 -28.23 20.07
C GLY B 945 -28.56 -29.09 21.25
N LEU B 946 -27.74 -29.09 22.29
CA LEU B 946 -28.13 -29.74 23.54
C LEU B 946 -28.99 -28.82 24.39
N ALA B 947 -28.87 -27.51 24.23
CA ALA B 947 -29.70 -26.59 25.00
C ALA B 947 -31.13 -26.58 24.50
N PHE B 948 -31.35 -26.73 23.19
CA PHE B 948 -32.70 -26.83 22.68
C PHE B 948 -33.31 -28.20 22.91
N TYR B 949 -32.50 -29.23 23.18
CA TYR B 949 -33.04 -30.52 23.53
C TYR B 949 -33.59 -30.54 24.95
N ILE B 950 -32.97 -29.80 25.87
CA ILE B 950 -33.47 -29.71 27.24
C ILE B 950 -34.80 -28.98 27.27
N LEU B 951 -34.95 -27.95 26.45
CA LEU B 951 -36.06 -27.02 26.59
C LEU B 951 -37.28 -27.39 25.76
N LEU B 952 -37.10 -28.07 24.63
CA LEU B 952 -38.16 -28.20 23.64
C LEU B 952 -38.51 -29.64 23.30
N SER B 953 -38.14 -30.60 24.14
CA SER B 953 -38.39 -32.00 23.81
C SER B 953 -39.57 -32.62 24.56
N LYS B 954 -39.89 -32.12 25.76
CA LYS B 954 -41.02 -32.63 26.52
C LYS B 954 -42.25 -31.74 26.38
N ILE B 955 -42.47 -31.16 25.21
CA ILE B 955 -43.68 -30.40 24.95
C ILE B 955 -44.82 -31.37 24.69
N ILE B 956 -45.91 -31.22 25.45
CA ILE B 956 -47.05 -32.13 25.35
C ILE B 956 -47.79 -31.84 24.04
N ASP B 957 -48.25 -32.91 23.38
CA ASP B 957 -48.80 -32.96 22.02
C ASP B 957 -47.75 -32.42 21.07
N PRO B 958 -46.67 -33.19 20.78
CA PRO B 958 -45.62 -32.67 19.89
C PRO B 958 -46.09 -32.53 18.45
N GLN B 959 -46.17 -31.28 18.01
CA GLN B 959 -46.54 -30.95 16.64
C GLN B 959 -45.40 -31.32 15.69
N PRO B 960 -45.66 -31.32 14.37
CA PRO B 960 -44.56 -31.40 13.39
C PRO B 960 -43.45 -30.35 13.52
N ASN B 961 -43.72 -29.23 14.18
CA ASN B 961 -42.70 -28.23 14.46
C ASN B 961 -41.66 -28.77 15.44
N HIS B 962 -42.10 -29.23 16.61
CA HIS B 962 -41.21 -29.65 17.68
C HIS B 962 -40.83 -31.11 17.62
N LEU B 963 -41.09 -31.77 16.50
CA LEU B 963 -40.74 -33.17 16.38
C LEU B 963 -39.29 -33.35 15.98
N SER B 964 -38.60 -32.26 15.67
CA SER B 964 -37.19 -32.28 15.30
C SER B 964 -36.26 -32.01 16.46
N PHE B 965 -36.79 -31.81 17.67
CA PHE B 965 -35.96 -31.68 18.86
C PHE B 965 -36.16 -32.85 19.82
N SER B 966 -36.59 -34.00 19.32
CA SER B 966 -36.84 -35.15 20.18
C SER B 966 -35.65 -36.08 20.31
N ASN B 967 -34.58 -35.85 19.56
CA ASN B 967 -33.35 -36.59 19.68
C ASN B 967 -32.19 -35.62 19.86
N ILE B 968 -31.04 -36.16 20.27
CA ILE B 968 -29.79 -35.41 20.23
C ILE B 968 -29.19 -35.37 18.83
N PRO B 969 -29.15 -36.45 18.01
CA PRO B 969 -28.66 -36.26 16.64
C PRO B 969 -29.58 -35.45 15.74
N MET B 970 -30.88 -35.36 16.05
CA MET B 970 -31.77 -34.58 15.23
C MET B 970 -31.78 -33.11 15.65
N SER B 971 -31.45 -32.83 16.90
CA SER B 971 -31.33 -31.45 17.35
C SER B 971 -30.05 -30.79 16.85
N LEU B 972 -29.05 -31.57 16.47
CA LEU B 972 -27.82 -30.99 15.95
C LEU B 972 -27.93 -30.67 14.46
N LEU B 973 -28.78 -31.39 13.73
CA LEU B 973 -29.07 -31.02 12.36
C LEU B 973 -30.04 -29.85 12.28
N ARG B 974 -30.97 -29.76 13.23
CA ARG B 974 -31.93 -28.67 13.22
C ARG B 974 -31.25 -27.35 13.56
N THR B 975 -30.33 -27.39 14.53
CA THR B 975 -29.58 -26.19 14.92
C THR B 975 -28.68 -25.70 13.81
N PHE B 976 -28.15 -26.60 13.00
CA PHE B 976 -27.34 -26.19 11.87
C PHE B 976 -28.17 -25.65 10.72
N SER B 977 -29.44 -26.05 10.61
CA SER B 977 -30.26 -25.55 9.53
C SER B 977 -30.91 -24.22 9.86
N MET B 978 -31.07 -23.90 11.15
CA MET B 978 -31.72 -22.68 11.56
C MET B 978 -30.74 -21.54 11.78
N MET B 979 -29.48 -21.73 11.42
CA MET B 979 -28.56 -20.62 11.21
C MET B 979 -28.44 -20.24 9.75
N LEU B 980 -29.07 -20.99 8.86
CA LEU B 980 -29.14 -20.66 7.44
C LEU B 980 -30.39 -19.88 7.09
N GLY B 981 -31.30 -19.69 8.04
CA GLY B 981 -32.43 -18.81 7.79
C GLY B 981 -33.78 -19.32 8.23
N GLU B 982 -33.92 -20.62 8.42
CA GLU B 982 -35.22 -21.21 8.75
C GLU B 982 -35.34 -21.34 10.26
N LEU B 983 -35.63 -20.23 10.90
CA LEU B 983 -35.61 -20.17 12.35
C LEU B 983 -36.97 -20.48 12.95
N ASP B 984 -38.05 -20.19 12.22
CA ASP B 984 -39.45 -20.52 12.55
C ASP B 984 -39.84 -19.95 13.91
N PHE B 985 -39.80 -18.61 13.99
CA PHE B 985 -40.05 -17.93 15.26
C PHE B 985 -41.52 -18.03 15.66
N VAL B 986 -42.42 -17.84 14.71
CA VAL B 986 -43.83 -17.74 15.01
C VAL B 986 -44.57 -19.07 14.81
N GLY B 987 -43.84 -20.18 14.77
CA GLY B 987 -44.50 -21.46 14.68
C GLY B 987 -44.11 -22.38 15.81
N THR B 988 -42.92 -22.17 16.36
CA THR B 988 -42.37 -23.02 17.41
C THR B 988 -42.26 -22.33 18.75
N TYR B 989 -42.34 -21.00 18.78
CA TYR B 989 -42.23 -20.25 20.03
C TYR B 989 -43.44 -19.40 20.33
N VAL B 990 -44.04 -18.76 19.33
CA VAL B 990 -45.12 -17.82 19.61
C VAL B 990 -46.44 -18.56 19.81
N ASN B 991 -46.81 -19.44 18.87
CA ASN B 991 -48.11 -20.08 18.98
C ASN B 991 -48.17 -21.15 20.06
N THR B 992 -47.04 -21.68 20.50
CA THR B 992 -47.05 -22.59 21.61
C THR B 992 -47.00 -21.88 22.95
N TYR B 993 -46.61 -20.60 22.96
CA TYR B 993 -46.62 -19.83 24.20
C TYR B 993 -48.03 -19.37 24.55
N TYR B 994 -48.82 -19.01 23.55
CA TYR B 994 -50.19 -18.55 23.77
C TYR B 994 -51.20 -19.70 23.84
N ARG B 995 -50.83 -20.90 23.44
CA ARG B 995 -51.63 -22.07 23.76
C ARG B 995 -51.26 -22.68 25.10
N ASP B 996 -50.34 -22.02 25.84
CA ASP B 996 -49.82 -22.48 27.13
C ASP B 996 -49.21 -23.87 27.02
N GLN B 997 -48.41 -24.09 25.98
CA GLN B 997 -47.77 -25.37 25.74
C GLN B 997 -46.25 -25.32 25.78
N LEU B 998 -45.66 -24.13 25.79
CA LEU B 998 -44.21 -24.03 25.87
C LEU B 998 -43.78 -24.35 27.29
N LYS B 999 -42.85 -25.30 27.44
CA LYS B 999 -42.57 -25.91 28.73
C LYS B 999 -41.84 -24.95 29.66
N VAL B 1000 -40.73 -24.39 29.21
CA VAL B 1000 -39.96 -23.42 29.98
C VAL B 1000 -40.03 -22.09 29.24
N PRO B 1001 -40.97 -21.21 29.56
CA PRO B 1001 -41.23 -20.02 28.72
C PRO B 1001 -40.10 -19.00 28.67
N MET B 1002 -39.67 -18.46 29.81
CA MET B 1002 -38.77 -17.31 29.79
C MET B 1002 -37.34 -17.67 29.44
N THR B 1003 -36.95 -18.93 29.56
CA THR B 1003 -35.60 -19.34 29.19
C THR B 1003 -35.52 -19.74 27.73
N SER B 1004 -36.63 -20.19 27.15
CA SER B 1004 -36.66 -20.51 25.73
C SER B 1004 -36.53 -19.26 24.88
N PHE B 1005 -36.99 -18.12 25.37
CA PHE B 1005 -36.79 -16.85 24.68
C PHE B 1005 -35.45 -16.22 25.00
N LEU B 1006 -34.69 -16.77 25.96
CA LEU B 1006 -33.35 -16.30 26.26
C LEU B 1006 -32.28 -17.05 25.47
N ILE B 1007 -32.44 -18.37 25.35
CA ILE B 1007 -31.51 -19.16 24.54
C ILE B 1007 -31.72 -18.84 23.06
N LEU B 1008 -32.95 -18.57 22.65
CA LEU B 1008 -33.21 -18.20 21.25
C LEU B 1008 -32.66 -16.81 20.94
N SER B 1009 -32.75 -15.90 21.90
CA SER B 1009 -32.28 -14.54 21.67
C SER B 1009 -30.75 -14.50 21.59
N VAL B 1010 -30.07 -15.27 22.43
CA VAL B 1010 -28.62 -15.36 22.33
C VAL B 1010 -28.19 -16.24 21.17
N PHE B 1011 -29.08 -17.09 20.67
CA PHE B 1011 -28.82 -17.81 19.42
C PHE B 1011 -28.74 -16.85 18.25
N MET B 1012 -29.73 -15.96 18.12
CA MET B 1012 -29.84 -15.08 16.96
C MET B 1012 -28.72 -14.05 16.92
N ILE B 1013 -28.12 -13.74 18.07
CA ILE B 1013 -26.99 -12.80 18.10
C ILE B 1013 -25.78 -13.42 17.43
N LEU B 1014 -25.46 -14.66 17.75
CA LEU B 1014 -24.15 -15.18 17.38
C LEU B 1014 -24.14 -16.34 16.40
N MET B 1015 -25.21 -17.12 16.26
CA MET B 1015 -25.11 -18.11 15.20
C MET B 1015 -25.50 -17.59 13.80
N PRO B 1016 -26.68 -17.02 13.52
CA PRO B 1016 -26.94 -16.58 12.14
C PRO B 1016 -26.40 -15.21 11.81
N ILE B 1017 -26.07 -14.39 12.80
CA ILE B 1017 -25.40 -13.12 12.52
C ILE B 1017 -23.91 -13.32 12.59
N LEU B 1018 -23.39 -13.66 13.76
CA LEU B 1018 -21.95 -13.49 13.99
C LEU B 1018 -21.11 -14.62 13.43
N LEU B 1019 -21.61 -15.86 13.43
CA LEU B 1019 -20.82 -16.94 12.85
C LEU B 1019 -20.91 -16.96 11.34
N MET B 1020 -22.06 -16.56 10.78
CA MET B 1020 -22.17 -16.47 9.33
C MET B 1020 -21.40 -15.28 8.78
N ASN B 1021 -21.16 -14.25 9.59
CA ASN B 1021 -20.31 -13.15 9.15
C ASN B 1021 -18.83 -13.45 9.32
N LEU B 1022 -18.48 -14.39 10.20
CA LEU B 1022 -17.11 -14.87 10.24
C LEU B 1022 -16.76 -15.62 8.96
N LEU B 1023 -17.71 -16.40 8.43
CA LEU B 1023 -17.44 -17.18 7.24
C LEU B 1023 -17.43 -16.33 5.98
N ILE B 1024 -18.20 -15.23 5.95
CA ILE B 1024 -18.12 -14.30 4.83
C ILE B 1024 -16.79 -13.58 4.84
N GLY B 1025 -16.34 -13.12 6.02
CA GLY B 1025 -15.11 -12.36 6.10
C GLY B 1025 -13.86 -13.18 5.86
N LEU B 1026 -13.92 -14.49 6.10
CA LEU B 1026 -12.79 -15.34 5.76
C LEU B 1026 -12.74 -15.62 4.27
N ALA B 1027 -13.88 -15.58 3.59
CA ALA B 1027 -13.94 -15.87 2.17
C ALA B 1027 -13.63 -14.65 1.31
N VAL B 1028 -13.86 -13.45 1.83
CA VAL B 1028 -13.48 -12.25 1.10
C VAL B 1028 -11.97 -12.10 1.10
N GLY B 1029 -11.32 -12.48 2.20
CA GLY B 1029 -9.88 -12.37 2.29
C GLY B 1029 -9.13 -13.44 1.52
N ASP B 1030 -9.71 -14.62 1.36
CA ASP B 1030 -9.05 -15.67 0.59
C ASP B 1030 -9.19 -15.46 -0.90
N ILE B 1031 -10.25 -14.78 -1.36
CA ILE B 1031 -10.40 -14.54 -2.79
C ILE B 1031 -9.48 -13.43 -3.25
N GLU B 1032 -9.29 -12.39 -2.44
CA GLU B 1032 -8.36 -11.34 -2.83
C GLU B 1032 -6.90 -11.73 -2.58
N SER B 1033 -6.65 -12.91 -2.04
CA SER B 1033 -5.30 -13.46 -1.98
C SER B 1033 -4.98 -14.34 -3.17
N VAL B 1034 -5.98 -15.04 -3.73
CA VAL B 1034 -5.77 -15.77 -4.96
C VAL B 1034 -5.68 -14.80 -6.14
N ARG B 1035 -6.46 -13.73 -6.08
CA ARG B 1035 -6.54 -12.81 -7.21
C ARG B 1035 -5.28 -11.96 -7.35
N ARG B 1036 -4.60 -11.65 -6.26
CA ARG B 1036 -3.29 -11.00 -6.38
C ARG B 1036 -2.25 -11.95 -6.93
N ASN B 1037 -2.27 -13.20 -6.49
CA ASN B 1037 -1.30 -14.21 -6.91
C ASN B 1037 -1.83 -15.07 -8.03
N ALA B 1038 -2.63 -14.50 -8.93
CA ALA B 1038 -3.27 -15.30 -9.96
C ALA B 1038 -2.30 -15.66 -11.07
N GLN B 1039 -1.37 -14.76 -11.39
CA GLN B 1039 -0.45 -14.98 -12.50
C GLN B 1039 0.72 -15.89 -12.10
N LEU B 1040 0.87 -16.19 -10.82
CA LEU B 1040 1.82 -17.19 -10.32
C LEU B 1040 1.18 -18.55 -10.14
N LYS B 1041 -0.08 -18.61 -9.70
CA LYS B 1041 -0.75 -19.89 -9.52
C LYS B 1041 -1.07 -20.57 -10.84
N ARG B 1042 -1.19 -19.82 -11.94
CA ARG B 1042 -1.32 -20.45 -13.24
C ARG B 1042 -0.01 -21.04 -13.71
N LEU B 1043 1.12 -20.40 -13.37
CA LEU B 1043 2.41 -20.89 -13.79
C LEU B 1043 2.94 -21.98 -12.87
N ALA B 1044 2.63 -21.91 -11.58
CA ALA B 1044 3.03 -22.97 -10.66
C ALA B 1044 2.24 -24.25 -10.88
N MET B 1045 1.07 -24.17 -11.49
CA MET B 1045 0.27 -25.34 -11.80
C MET B 1045 0.69 -25.96 -13.12
N GLN B 1046 1.20 -25.15 -14.05
CA GLN B 1046 1.73 -25.65 -15.31
C GLN B 1046 3.00 -26.46 -15.10
N VAL B 1047 3.81 -26.11 -14.10
CA VAL B 1047 5.06 -26.82 -13.88
C VAL B 1047 4.85 -28.06 -13.00
N VAL B 1048 3.86 -28.06 -12.10
CA VAL B 1048 3.60 -29.24 -11.30
C VAL B 1048 2.83 -30.28 -12.10
N LEU B 1049 2.23 -29.88 -13.22
CA LEU B 1049 1.63 -30.85 -14.15
C LEU B 1049 2.72 -31.71 -14.77
N HIS B 1050 3.78 -31.09 -15.27
CA HIS B 1050 4.86 -31.83 -15.88
C HIS B 1050 5.73 -32.54 -14.86
N THR B 1051 5.82 -32.00 -13.64
CA THR B 1051 6.68 -32.59 -12.61
C THR B 1051 6.14 -33.95 -12.15
N GLU B 1052 4.85 -34.02 -11.86
CA GLU B 1052 4.24 -35.28 -11.47
C GLU B 1052 4.11 -36.26 -12.62
N LEU B 1053 4.21 -35.79 -13.87
CA LEU B 1053 4.05 -36.64 -15.02
C LEU B 1053 5.37 -37.29 -15.43
N GLU B 1054 6.49 -36.63 -15.16
CA GLU B 1054 7.80 -37.22 -15.39
C GLU B 1054 8.07 -38.41 -14.48
N ARG B 1055 7.57 -38.36 -13.24
CA ARG B 1055 7.84 -39.42 -12.27
C ARG B 1055 7.12 -40.71 -12.60
N LYS B 1056 6.05 -40.65 -13.40
CA LYS B 1056 5.29 -41.84 -13.74
C LYS B 1056 5.88 -42.60 -14.92
N LEU B 1057 6.38 -41.88 -15.92
CA LEU B 1057 6.91 -42.47 -17.14
C LEU B 1057 8.29 -43.06 -16.90
N PRO B 1058 8.68 -44.07 -17.68
CA PRO B 1058 10.06 -44.56 -17.61
C PRO B 1058 11.02 -43.59 -18.27
N HIS B 1059 12.24 -43.53 -17.72
CA HIS B 1059 13.22 -42.56 -18.18
C HIS B 1059 13.78 -42.85 -19.56
N VAL B 1060 13.63 -44.10 -20.05
CA VAL B 1060 14.14 -44.45 -21.36
C VAL B 1060 13.32 -43.84 -22.49
N TRP B 1061 12.06 -43.50 -22.23
CA TRP B 1061 11.24 -42.86 -23.25
C TRP B 1061 11.50 -41.35 -23.31
N LEU B 1062 11.94 -40.76 -22.20
CA LEU B 1062 12.03 -39.31 -22.12
C LEU B 1062 13.21 -38.77 -22.92
N GLN B 1063 14.37 -39.44 -22.85
CA GLN B 1063 15.59 -38.90 -23.43
C GLN B 1063 15.57 -38.84 -24.95
N ARG B 1064 14.70 -39.62 -25.60
CA ARG B 1064 14.48 -39.44 -27.02
C ARG B 1064 13.72 -38.15 -27.30
N VAL B 1065 12.72 -37.84 -26.48
CA VAL B 1065 11.90 -36.65 -26.68
C VAL B 1065 12.33 -35.48 -25.78
N ASP B 1066 13.43 -35.61 -25.06
CA ASP B 1066 13.98 -34.50 -24.28
C ASP B 1066 14.94 -33.73 -25.18
N LYS B 1067 14.38 -32.83 -25.98
CA LYS B 1067 15.17 -32.08 -26.94
C LYS B 1067 16.01 -31.01 -26.24
N MET B 1068 17.17 -30.74 -26.83
CA MET B 1068 18.03 -29.64 -26.42
C MET B 1068 18.34 -28.80 -27.65
N GLU B 1069 18.54 -27.50 -27.43
CA GLU B 1069 18.83 -26.51 -28.47
C GLU B 1069 17.73 -26.50 -29.55
N LEU B 1070 16.55 -26.05 -29.13
CA LEU B 1070 15.43 -25.91 -30.04
C LEU B 1070 15.70 -24.83 -31.08
N ILE B 1071 15.46 -25.14 -32.36
CA ILE B 1071 15.51 -24.17 -33.44
C ILE B 1071 14.10 -23.95 -33.95
N GLU B 1072 13.68 -22.69 -34.02
CA GLU B 1072 12.36 -22.32 -34.49
C GLU B 1072 12.49 -21.38 -35.68
N TYR B 1073 12.08 -21.86 -36.86
CA TYR B 1073 12.29 -21.10 -38.10
C TYR B 1073 11.37 -19.89 -38.22
N PRO B 1074 10.14 -19.96 -37.71
CA PRO B 1074 9.30 -18.77 -37.86
C PRO B 1074 9.41 -17.84 -36.65
N ASN B 1109 2.21 -5.38 -4.37
CA ASN B 1109 2.34 -4.38 -5.43
C ASN B 1109 3.78 -4.26 -5.95
N ASN B 1110 4.26 -3.03 -6.12
CA ASN B 1110 5.63 -2.82 -6.59
C ASN B 1110 6.58 -2.80 -5.40
N ASP B 1111 6.43 -3.77 -4.50
CA ASP B 1111 7.31 -3.85 -3.35
C ASP B 1111 8.69 -4.36 -3.73
N ASP B 1112 8.77 -5.14 -4.81
CA ASP B 1112 10.05 -5.64 -5.31
C ASP B 1112 10.72 -4.69 -6.29
N TYR B 1113 10.16 -3.51 -6.51
CA TYR B 1113 10.81 -2.47 -7.30
C TYR B 1113 11.31 -1.32 -6.45
N ILE B 1114 10.59 -0.99 -5.38
CA ILE B 1114 11.10 0.01 -4.44
C ILE B 1114 12.27 -0.56 -3.65
N ASN B 1115 12.19 -1.83 -3.26
CA ASN B 1115 13.27 -2.45 -2.52
C ASN B 1115 14.45 -2.83 -3.40
N ALA B 1116 14.30 -2.81 -4.71
CA ALA B 1116 15.39 -3.08 -5.63
C ALA B 1116 15.96 -1.81 -6.26
N GLU B 1117 15.45 -0.65 -5.87
CA GLU B 1117 16.02 0.62 -6.29
C GLU B 1117 16.61 1.39 -5.12
N LEU B 1118 16.00 1.29 -3.94
CA LEU B 1118 16.64 1.77 -2.71
C LEU B 1118 17.92 0.99 -2.42
N GLU B 1119 17.96 -0.29 -2.78
CA GLU B 1119 19.18 -1.06 -2.62
C GLU B 1119 20.22 -0.65 -3.66
N ARG B 1120 19.79 -0.16 -4.81
CA ARG B 1120 20.73 0.29 -5.84
C ARG B 1120 21.33 1.65 -5.49
N GLN B 1121 20.54 2.55 -4.90
CA GLN B 1121 21.07 3.84 -4.49
C GLN B 1121 21.95 3.74 -3.27
N ARG B 1122 21.84 2.65 -2.49
CA ARG B 1122 22.74 2.48 -1.35
C ARG B 1122 24.15 2.16 -1.82
N ARG B 1123 24.26 1.36 -2.89
CA ARG B 1123 25.57 1.08 -3.48
C ARG B 1123 26.14 2.26 -4.22
N LYS B 1124 25.31 3.20 -4.66
CA LYS B 1124 25.81 4.37 -5.36
C LYS B 1124 26.34 5.43 -4.39
N LEU B 1125 25.66 5.62 -3.26
CA LEU B 1125 26.15 6.52 -2.23
C LEU B 1125 27.38 5.99 -1.52
N ARG B 1126 27.63 4.68 -1.58
CA ARG B 1126 28.86 4.15 -1.04
C ARG B 1126 30.03 4.41 -1.97
N ASP B 1127 29.79 4.47 -3.28
CA ASP B 1127 30.87 4.79 -4.20
C ASP B 1127 31.20 6.27 -4.20
N ILE B 1128 30.20 7.13 -3.97
CA ILE B 1128 30.47 8.56 -3.88
C ILE B 1128 31.22 8.87 -2.60
N SER B 1129 30.90 8.16 -1.51
CA SER B 1129 31.57 8.41 -0.24
C SER B 1129 33.01 7.92 -0.25
N ARG B 1130 33.31 6.85 -0.99
CA ARG B 1130 34.69 6.38 -1.04
C ARG B 1130 35.54 7.20 -1.99
N MET B 1131 34.96 7.70 -3.08
CA MET B 1131 35.70 8.58 -3.98
C MET B 1131 35.99 9.91 -3.31
N LEU B 1132 35.10 10.37 -2.44
CA LEU B 1132 35.25 11.67 -1.81
C LEU B 1132 36.23 11.62 -0.64
N GLU B 1133 36.41 10.47 -0.02
CA GLU B 1133 37.41 10.34 1.04
C GLU B 1133 38.81 10.15 0.48
N GLN B 1134 38.95 9.55 -0.70
CA GLN B 1134 40.25 9.45 -1.33
C GLN B 1134 40.71 10.79 -1.88
N GLN B 1135 39.75 11.64 -2.26
CA GLN B 1135 40.08 12.96 -2.77
C GLN B 1135 40.35 13.94 -1.65
N HIS B 1136 39.67 13.79 -0.52
CA HIS B 1136 39.92 14.63 0.64
C HIS B 1136 41.28 14.38 1.26
N HIS B 1137 41.87 13.21 1.04
CA HIS B 1137 43.23 12.96 1.47
C HIS B 1137 44.24 13.70 0.60
N LEU B 1138 43.94 13.87 -0.69
CA LEU B 1138 44.89 14.51 -1.59
C LEU B 1138 44.83 16.02 -1.48
N VAL B 1139 43.64 16.60 -1.33
CA VAL B 1139 43.48 18.04 -1.17
C VAL B 1139 44.15 18.49 0.12
N ARG B 1140 44.03 17.68 1.16
CA ARG B 1140 44.67 17.95 2.44
C ARG B 1140 46.19 17.75 2.37
N LEU B 1141 46.67 16.96 1.41
CA LEU B 1141 48.11 16.83 1.22
C LEU B 1141 48.69 18.03 0.50
N ILE B 1142 47.91 18.65 -0.39
CA ILE B 1142 48.41 19.77 -1.19
C ILE B 1142 48.75 20.94 -0.30
N VAL B 1143 47.89 21.27 0.67
CA VAL B 1143 48.15 22.39 1.56
C VAL B 1143 49.28 22.11 2.55
N GLN B 1144 49.68 20.84 2.71
CA GLN B 1144 50.83 20.54 3.55
C GLN B 1144 52.13 20.82 2.83
N LYS B 1145 52.14 20.73 1.49
CA LYS B 1145 53.36 20.80 0.71
C LYS B 1145 53.26 21.83 -0.41
N MET B 1146 52.32 22.76 -0.30
CA MET B 1146 52.20 23.84 -1.27
C MET B 1146 53.24 24.91 -0.98
N GLU B 1147 53.79 25.48 -2.05
CA GLU B 1147 54.77 26.55 -1.94
C GLU B 1147 54.04 27.87 -1.76
N ILE B 1148 54.34 28.59 -0.68
CA ILE B 1148 53.70 29.87 -0.38
C ILE B 1148 54.80 30.90 -0.17
N LYS B 1149 54.96 31.81 -1.14
CA LYS B 1149 55.94 32.89 -1.04
C LYS B 1149 55.33 34.27 -1.11
N THR B 1150 54.54 34.57 -2.15
CA THR B 1150 54.02 35.91 -2.33
C THR B 1150 52.87 36.21 -1.37
N GLU B 1151 52.00 35.22 -1.15
CA GLU B 1151 50.83 35.40 -0.30
C GLU B 1151 51.07 34.97 1.13
N ALA B 1152 52.33 34.96 1.57
CA ALA B 1152 52.64 34.64 2.96
C ALA B 1152 52.34 35.85 3.84
N ASP B 1153 51.79 35.58 5.01
CA ASP B 1153 51.46 36.64 5.96
C ASP B 1153 52.72 37.22 6.60
N ASN C 477 54.86 9.44 -23.06
CA ASN C 477 53.82 10.43 -22.78
C ASN C 477 53.31 11.24 -23.97
N GLU C 478 52.63 12.34 -23.70
CA GLU C 478 52.01 13.14 -24.75
C GLU C 478 52.82 14.40 -25.01
N SER C 479 52.45 15.11 -26.07
CA SER C 479 53.21 16.27 -26.53
C SER C 479 53.03 17.44 -25.58
N PRO C 480 54.03 18.33 -25.48
CA PRO C 480 53.90 19.52 -24.62
C PRO C 480 52.82 20.49 -25.06
N LEU C 481 52.36 20.43 -26.31
CA LEU C 481 51.22 21.24 -26.73
C LEU C 481 49.90 20.54 -26.46
N HIS C 482 49.86 19.21 -26.53
CA HIS C 482 48.66 18.48 -26.16
C HIS C 482 48.43 18.50 -24.65
N PHE C 483 49.49 18.66 -23.86
CA PHE C 483 49.30 18.84 -22.43
C PHE C 483 48.75 20.21 -22.11
N ALA C 484 49.30 21.24 -22.76
CA ALA C 484 48.93 22.61 -22.41
C ALA C 484 47.56 22.97 -22.93
N ALA C 485 47.11 22.37 -24.04
CA ALA C 485 45.86 22.78 -24.65
C ALA C 485 44.65 22.26 -23.89
N ARG C 486 44.78 21.14 -23.20
CA ARG C 486 43.63 20.56 -22.52
C ARG C 486 43.49 20.96 -21.07
N TYR C 487 44.50 21.59 -20.47
CA TYR C 487 44.43 22.01 -19.08
C TYR C 487 44.47 23.54 -18.95
N GLY C 488 43.86 24.24 -19.90
CA GLY C 488 43.86 25.69 -19.84
C GLY C 488 45.18 26.20 -20.35
N ARG C 489 46.01 26.72 -19.44
CA ARG C 489 47.46 26.83 -19.59
C ARG C 489 47.83 27.70 -20.81
N TYR C 490 47.48 28.98 -20.69
CA TYR C 490 47.41 29.86 -21.85
C TYR C 490 48.78 30.35 -22.30
N ASN C 491 49.61 30.82 -21.36
CA ASN C 491 50.90 31.38 -21.71
C ASN C 491 51.89 30.32 -22.19
N THR C 492 51.65 29.05 -21.90
CA THR C 492 52.48 27.98 -22.43
C THR C 492 52.08 27.65 -23.87
N VAL C 493 50.79 27.76 -24.20
CA VAL C 493 50.33 27.56 -25.57
C VAL C 493 50.88 28.67 -26.47
N ARG C 494 50.81 29.92 -26.01
CA ARG C 494 51.28 31.05 -26.79
C ARG C 494 52.80 31.01 -26.96
N GLN C 495 53.52 30.42 -26.02
CA GLN C 495 54.97 30.33 -26.12
C GLN C 495 55.40 29.17 -27.03
N LEU C 496 54.67 28.06 -27.01
CA LEU C 496 55.04 26.95 -27.89
C LEU C 496 54.71 27.25 -29.34
N LEU C 497 53.69 28.06 -29.60
CA LEU C 497 53.38 28.49 -30.95
C LEU C 497 54.24 29.66 -31.40
N ASP C 498 55.10 30.18 -30.52
CA ASP C 498 56.04 31.24 -30.85
C ASP C 498 57.39 30.70 -31.28
N SER C 499 57.65 29.41 -31.04
CA SER C 499 58.94 28.82 -31.35
C SER C 499 59.02 28.48 -32.85
N GLU C 500 60.21 28.00 -33.25
CA GLU C 500 60.43 27.61 -34.64
C GLU C 500 59.75 26.30 -34.98
N LYS C 501 59.51 25.45 -33.96
CA LYS C 501 58.73 24.24 -34.17
C LYS C 501 57.25 24.54 -34.30
N GLY C 502 56.80 25.71 -33.84
CA GLY C 502 55.40 26.03 -33.75
C GLY C 502 54.69 26.41 -35.04
N SER C 503 54.93 25.64 -36.09
CA SER C 503 54.24 25.81 -37.36
C SER C 503 53.62 24.51 -37.83
N PHE C 504 54.26 23.37 -37.59
CA PHE C 504 53.69 22.08 -37.90
C PHE C 504 53.25 21.30 -36.66
N ILE C 505 53.55 21.82 -35.46
CA ILE C 505 53.06 21.18 -34.24
C ILE C 505 51.62 21.58 -33.95
N ILE C 506 51.12 22.63 -34.61
CA ILE C 506 49.77 23.13 -34.35
C ILE C 506 48.72 22.21 -34.95
N ASN C 507 49.06 21.39 -35.94
CA ASN C 507 48.11 20.55 -36.64
C ASN C 507 48.44 19.07 -36.49
N GLU C 508 49.05 18.68 -35.38
CA GLU C 508 49.51 17.32 -35.17
C GLU C 508 48.49 16.56 -34.34
N SER C 509 48.08 15.39 -34.81
CA SER C 509 47.15 14.55 -34.09
C SER C 509 47.90 13.57 -33.18
N ASP C 510 47.14 12.94 -32.30
CA ASP C 510 47.62 11.93 -31.39
C ASP C 510 47.09 10.56 -31.82
N GLY C 511 47.29 9.56 -30.97
CA GLY C 511 46.83 8.22 -31.27
C GLY C 511 45.32 8.11 -31.37
N ALA C 512 44.60 8.96 -30.64
CA ALA C 512 43.15 9.04 -30.80
C ALA C 512 42.74 9.89 -32.00
N GLY C 513 43.67 10.63 -32.59
CA GLY C 513 43.42 11.38 -33.80
C GLY C 513 43.09 12.84 -33.60
N MET C 514 43.13 13.33 -32.36
CA MET C 514 42.70 14.69 -32.05
C MET C 514 43.86 15.67 -32.16
N THR C 515 43.63 16.79 -32.84
CA THR C 515 44.58 17.90 -32.90
C THR C 515 44.51 18.67 -31.58
N PRO C 516 45.39 19.64 -31.34
CA PRO C 516 45.19 20.54 -30.19
C PRO C 516 43.92 21.38 -30.27
N LEU C 517 43.33 21.55 -31.44
CA LEU C 517 42.07 22.27 -31.54
C LEU C 517 40.91 21.44 -31.04
N HIS C 518 41.01 20.10 -31.15
CA HIS C 518 39.95 19.24 -30.66
C HIS C 518 39.95 19.17 -29.14
N ILE C 519 41.13 19.04 -28.54
CA ILE C 519 41.18 18.77 -27.11
C ILE C 519 40.95 20.05 -26.31
N SER C 520 41.26 21.20 -26.90
CA SER C 520 41.02 22.47 -26.23
C SER C 520 39.53 22.78 -26.13
N SER C 521 38.74 22.32 -27.10
CA SER C 521 37.31 22.58 -27.12
C SER C 521 36.50 21.46 -26.52
N GLN C 522 37.03 20.24 -26.49
CA GLN C 522 36.40 19.16 -25.74
C GLN C 522 36.38 19.48 -24.26
N GLN C 523 37.46 20.07 -23.76
CA GLN C 523 37.59 20.45 -22.37
C GLN C 523 37.00 21.81 -22.06
N GLY C 524 36.62 22.57 -23.08
CA GLY C 524 35.88 23.79 -22.86
C GLY C 524 36.72 25.00 -22.49
N HIS C 525 37.93 25.10 -23.00
CA HIS C 525 38.81 26.23 -22.74
C HIS C 525 38.66 27.22 -23.88
N THR C 526 37.92 28.31 -23.62
CA THR C 526 37.41 29.12 -24.71
C THR C 526 38.36 30.23 -25.15
N ARG C 527 39.34 30.59 -24.34
CA ARG C 527 40.34 31.57 -24.78
C ARG C 527 41.65 30.93 -25.19
N VAL C 528 41.76 29.61 -25.06
CA VAL C 528 42.87 28.89 -25.67
C VAL C 528 42.50 28.42 -27.07
N VAL C 529 41.22 28.07 -27.28
CA VAL C 529 40.75 27.66 -28.59
C VAL C 529 40.66 28.86 -29.52
N GLN C 530 40.57 30.08 -28.98
CA GLN C 530 40.55 31.27 -29.80
C GLN C 530 41.93 31.59 -30.35
N LEU C 531 42.97 31.42 -29.54
CA LEU C 531 44.33 31.68 -30.01
C LEU C 531 44.77 30.64 -31.03
N LEU C 532 44.24 29.42 -30.97
CA LEU C 532 44.52 28.44 -32.01
C LEU C 532 43.85 28.80 -33.33
N LEU C 533 42.78 29.60 -33.29
CA LEU C 533 42.12 30.03 -34.52
C LEU C 533 42.69 31.32 -35.07
N ASN C 534 43.27 32.17 -34.23
CA ASN C 534 43.95 33.35 -34.73
C ASN C 534 45.27 32.98 -35.42
N ARG C 535 45.87 31.85 -35.03
CA ARG C 535 47.06 31.35 -35.70
C ARG C 535 46.74 30.42 -36.85
N GLY C 536 45.46 30.25 -37.18
CA GLY C 536 45.05 29.48 -38.34
C GLY C 536 45.28 27.99 -38.24
N ALA C 537 44.53 27.33 -37.35
CA ALA C 537 44.59 25.88 -37.27
C ALA C 537 43.61 25.27 -38.27
N LEU C 538 43.94 24.08 -38.75
CA LEU C 538 43.09 23.42 -39.73
C LEU C 538 42.00 22.62 -39.04
N LEU C 539 40.87 22.48 -39.73
CA LEU C 539 39.68 21.86 -39.15
C LEU C 539 39.63 20.38 -39.55
N HIS C 540 40.60 19.63 -39.06
CA HIS C 540 40.63 18.20 -39.33
C HIS C 540 39.61 17.48 -38.46
N ARG C 541 39.47 16.19 -38.69
CA ARG C 541 38.52 15.36 -37.99
C ARG C 541 39.23 14.13 -37.45
N ASP C 542 38.78 13.65 -36.29
CA ASP C 542 39.46 12.56 -35.60
C ASP C 542 39.09 11.21 -36.22
N HIS C 543 39.44 10.13 -35.52
CA HIS C 543 39.17 8.79 -36.03
C HIS C 543 37.68 8.47 -36.00
N THR C 544 36.92 9.08 -35.10
CA THR C 544 35.47 8.95 -35.14
C THR C 544 34.82 9.93 -36.10
N GLY C 545 35.58 10.86 -36.67
CA GLY C 545 35.05 11.74 -37.69
C GLY C 545 34.33 12.95 -37.18
N ARG C 546 34.75 13.51 -36.04
CA ARG C 546 34.04 14.59 -35.39
C ARG C 546 34.86 15.88 -35.44
N ASN C 547 34.19 16.99 -35.69
CA ASN C 547 34.79 18.31 -35.72
C ASN C 547 34.83 18.89 -34.32
N PRO C 548 35.48 20.05 -34.09
CA PRO C 548 35.43 20.65 -32.75
C PRO C 548 34.05 21.11 -32.27
N LEU C 549 33.04 21.24 -33.14
CA LEU C 549 31.70 21.55 -32.66
C LEU C 549 31.08 20.38 -31.92
N GLN C 550 31.28 19.19 -32.43
CA GLN C 550 30.61 18.02 -31.87
C GLN C 550 31.25 17.55 -30.57
N LEU C 551 32.55 17.77 -30.41
CA LEU C 551 33.20 17.37 -29.17
C LEU C 551 32.82 18.29 -28.02
N ALA C 552 32.66 19.58 -28.30
CA ALA C 552 32.21 20.50 -27.28
C ALA C 552 30.72 20.37 -26.99
N ALA C 553 29.95 19.85 -27.93
CA ALA C 553 28.54 19.60 -27.71
C ALA C 553 28.30 18.37 -26.87
N MET C 554 29.20 17.39 -26.93
CA MET C 554 29.10 16.22 -26.07
C MET C 554 29.36 16.57 -24.61
N SER C 555 30.12 17.62 -24.36
CA SER C 555 30.50 18.01 -23.02
C SER C 555 29.68 19.16 -22.48
N GLY C 556 28.86 19.79 -23.31
CA GLY C 556 27.94 20.80 -22.84
C GLY C 556 28.55 22.15 -22.55
N TYR C 557 29.64 22.50 -23.22
CA TYR C 557 30.25 23.81 -23.04
C TYR C 557 29.65 24.78 -24.03
N THR C 558 28.79 25.66 -23.54
CA THR C 558 27.98 26.52 -24.38
C THR C 558 28.77 27.70 -24.93
N GLU C 559 29.67 28.26 -24.13
CA GLU C 559 30.39 29.46 -24.55
C GLU C 559 31.43 29.19 -25.63
N THR C 560 31.85 27.95 -25.81
CA THR C 560 32.86 27.64 -26.81
C THR C 560 32.27 27.16 -28.13
N ILE C 561 30.96 26.88 -28.20
CA ILE C 561 30.33 26.61 -29.48
C ILE C 561 29.70 27.86 -30.07
N GLU C 562 29.47 28.88 -29.26
CA GLU C 562 29.07 30.17 -29.78
C GLU C 562 30.24 30.94 -30.37
N LEU C 563 31.47 30.55 -30.04
CA LEU C 563 32.67 31.16 -30.59
C LEU C 563 33.12 30.44 -31.86
N LEU C 564 33.02 29.11 -31.88
CA LEU C 564 33.38 28.36 -33.07
C LEU C 564 32.38 28.57 -34.20
N HIS C 565 31.13 28.86 -33.86
CA HIS C 565 30.12 29.14 -34.88
C HIS C 565 30.27 30.54 -35.46
N SER C 566 30.81 31.48 -34.68
CA SER C 566 30.98 32.84 -35.16
C SER C 566 32.10 32.97 -36.18
N VAL C 567 33.05 32.04 -36.20
CA VAL C 567 34.16 32.10 -37.14
C VAL C 567 34.09 31.00 -38.19
N HIS C 568 33.42 29.88 -37.91
CA HIS C 568 33.21 28.81 -38.89
C HIS C 568 31.74 28.41 -38.78
N SER C 569 30.90 28.98 -39.63
CA SER C 569 29.47 28.73 -39.59
C SER C 569 29.05 27.50 -40.38
N HIS C 570 30.00 26.72 -40.90
CA HIS C 570 29.68 25.54 -41.69
C HIS C 570 29.98 24.24 -40.96
N LEU C 571 30.36 24.31 -39.69
CA LEU C 571 30.60 23.11 -38.88
C LEU C 571 29.37 22.68 -38.10
N LEU C 572 28.29 23.46 -38.15
CA LEU C 572 27.08 23.12 -37.41
C LEU C 572 26.39 21.91 -38.01
N ASP C 573 26.17 21.93 -39.32
CA ASP C 573 25.41 20.91 -40.02
C ASP C 573 26.32 19.88 -40.66
N GLN C 574 27.15 19.23 -39.86
CA GLN C 574 28.01 18.15 -40.35
C GLN C 574 27.74 16.87 -39.59
N VAL C 575 28.24 15.77 -40.15
CA VAL C 575 28.01 14.44 -39.61
C VAL C 575 29.35 13.78 -39.30
N ASP C 576 29.30 12.53 -38.87
CA ASP C 576 30.50 11.79 -38.51
C ASP C 576 30.46 10.41 -39.17
N LYS C 577 31.30 9.50 -38.68
CA LYS C 577 31.36 8.15 -39.22
C LYS C 577 30.05 7.38 -39.00
N ASP C 578 29.32 7.67 -37.93
CA ASP C 578 28.03 7.07 -37.67
C ASP C 578 26.86 7.95 -38.12
N GLY C 579 27.13 9.06 -38.80
CA GLY C 579 26.08 9.91 -39.32
C GLY C 579 25.47 10.88 -38.32
N ASN C 580 25.92 10.86 -37.06
CA ASN C 580 25.35 11.71 -36.04
C ASN C 580 25.80 13.16 -36.21
N THR C 581 24.86 14.09 -36.01
CA THR C 581 25.19 15.51 -35.97
C THR C 581 25.45 15.93 -34.53
N ALA C 582 25.47 17.24 -34.28
CA ALA C 582 25.71 17.74 -32.94
C ALA C 582 24.49 17.58 -32.04
N LEU C 583 23.28 17.67 -32.60
CA LEU C 583 22.08 17.41 -31.80
C LEU C 583 21.95 15.95 -31.42
N HIS C 584 22.49 15.03 -32.22
CA HIS C 584 22.46 13.63 -31.85
C HIS C 584 23.41 13.35 -30.70
N LEU C 585 24.57 14.01 -30.70
CA LEU C 585 25.58 13.73 -29.68
C LEU C 585 25.26 14.42 -28.36
N ALA C 586 24.53 15.54 -28.39
CA ALA C 586 24.15 16.20 -27.16
C ALA C 586 22.98 15.51 -26.46
N THR C 587 22.19 14.70 -27.17
CA THR C 587 21.11 13.95 -26.54
C THR C 587 21.52 12.56 -26.11
N MET C 588 22.60 12.01 -26.68
CA MET C 588 23.10 10.72 -26.20
C MET C 588 23.74 10.84 -24.83
N GLU C 589 24.10 12.04 -24.39
CA GLU C 589 24.77 12.23 -23.11
C GLU C 589 24.06 13.24 -22.21
N ASN C 590 22.81 13.60 -22.53
CA ASN C 590 21.89 14.35 -21.68
C ASN C 590 22.48 15.73 -21.32
N LYS C 591 22.60 16.57 -22.34
CA LYS C 591 23.10 17.93 -22.21
C LYS C 591 21.99 18.90 -22.58
N PRO C 592 21.06 19.19 -21.67
CA PRO C 592 19.87 19.97 -22.06
C PRO C 592 20.18 21.43 -22.38
N HIS C 593 21.19 22.01 -21.75
CA HIS C 593 21.47 23.43 -21.95
C HIS C 593 22.15 23.68 -23.29
N ALA C 594 22.76 22.66 -23.88
CA ALA C 594 23.34 22.83 -25.21
C ALA C 594 22.28 22.70 -26.29
N ILE C 595 21.26 21.85 -26.08
CA ILE C 595 20.21 21.62 -27.07
C ILE C 595 19.43 22.90 -27.35
N SER C 596 19.24 23.73 -26.32
CA SER C 596 18.59 25.02 -26.50
C SER C 596 19.47 26.02 -27.24
N VAL C 597 20.75 25.73 -27.42
CA VAL C 597 21.67 26.65 -28.08
C VAL C 597 22.02 26.09 -29.45
N LEU C 598 22.07 24.76 -29.56
CA LEU C 598 22.23 24.13 -30.87
C LEU C 598 21.05 24.40 -31.79
N MET C 599 19.87 24.61 -31.24
CA MET C 599 18.68 24.83 -32.05
C MET C 599 18.27 26.29 -32.18
N SER C 600 18.78 27.16 -31.31
CA SER C 600 18.54 28.59 -31.52
C SER C 600 19.40 29.19 -32.62
N MET C 601 20.36 28.43 -33.14
CA MET C 601 21.17 28.87 -34.27
C MET C 601 20.88 28.08 -35.54
N GLY C 602 19.81 27.28 -35.55
CA GLY C 602 19.36 26.64 -36.77
C GLY C 602 20.13 25.41 -37.19
N CYS C 603 20.10 24.36 -36.39
CA CYS C 603 20.68 23.09 -36.78
C CYS C 603 19.68 22.29 -37.61
N LYS C 604 20.18 21.54 -38.59
CA LYS C 604 19.33 20.74 -39.46
C LYS C 604 18.94 19.45 -38.76
N LEU C 605 17.64 19.17 -38.71
CA LEU C 605 17.15 17.92 -38.12
C LEU C 605 17.21 16.84 -39.19
N VAL C 606 18.23 16.01 -39.14
CA VAL C 606 18.42 14.95 -40.13
C VAL C 606 18.44 13.60 -39.42
N TYR C 607 18.63 12.53 -40.19
CA TYR C 607 18.72 11.18 -39.64
C TYR C 607 20.14 10.66 -39.80
N ASN C 608 20.46 9.64 -39.00
CA ASN C 608 21.78 9.02 -39.06
C ASN C 608 21.74 7.76 -39.92
N VAL C 609 22.82 6.98 -39.86
CA VAL C 609 22.92 5.74 -40.62
C VAL C 609 21.94 4.69 -40.08
N LEU C 610 21.73 4.68 -38.76
CA LEU C 610 20.74 3.80 -38.15
C LEU C 610 19.37 4.46 -38.05
N ASP C 611 19.06 5.35 -39.01
CA ASP C 611 17.77 6.00 -39.31
C ASP C 611 16.93 6.37 -38.08
N MET C 612 17.61 6.98 -37.11
CA MET C 612 16.97 7.62 -35.97
C MET C 612 17.25 9.11 -36.00
N SER C 613 16.48 9.86 -35.23
CA SER C 613 16.62 11.29 -35.12
C SER C 613 17.09 11.67 -33.72
N ALA C 614 17.18 12.98 -33.48
CA ALA C 614 17.53 13.45 -32.14
C ALA C 614 16.42 13.19 -31.15
N ILE C 615 15.16 13.19 -31.59
CA ILE C 615 14.05 12.95 -30.70
C ILE C 615 13.95 11.46 -30.39
N ASP C 616 14.43 10.62 -31.31
CA ASP C 616 14.34 9.19 -31.12
C ASP C 616 15.25 8.70 -30.00
N TYR C 617 16.40 9.35 -29.79
CA TYR C 617 17.27 8.95 -28.69
C TYR C 617 16.75 9.45 -27.35
N ALA C 618 16.11 10.61 -27.31
CA ALA C 618 15.60 11.14 -26.06
C ALA C 618 14.42 10.35 -25.53
N ILE C 619 13.69 9.64 -26.40
CA ILE C 619 12.60 8.78 -25.97
C ILE C 619 13.10 7.37 -25.70
N TYR C 620 14.08 6.89 -26.46
CA TYR C 620 14.61 5.55 -26.26
C TYR C 620 15.43 5.46 -24.98
N TYR C 621 16.38 6.39 -24.79
CA TYR C 621 17.14 6.43 -23.55
C TYR C 621 16.34 6.99 -22.38
N LYS C 622 15.17 7.60 -22.65
CA LYS C 622 14.28 8.21 -21.66
C LYS C 622 14.98 9.30 -20.84
N TYR C 623 15.38 10.35 -21.55
CA TYR C 623 15.81 11.57 -20.89
C TYR C 623 14.69 12.60 -20.99
N PRO C 624 13.92 12.85 -19.94
CA PRO C 624 12.82 13.82 -20.05
C PRO C 624 13.28 15.25 -20.25
N GLU C 625 14.30 15.71 -19.52
CA GLU C 625 14.70 17.11 -19.65
C GLU C 625 15.56 17.38 -20.89
N ALA C 626 15.90 16.35 -21.65
CA ALA C 626 16.52 16.54 -22.96
C ALA C 626 15.50 16.63 -24.08
N ALA C 627 14.43 15.84 -23.98
CA ALA C 627 13.34 15.97 -24.94
C ALA C 627 12.55 17.24 -24.69
N LEU C 628 12.47 17.69 -23.45
CA LEU C 628 11.70 18.88 -23.11
C LEU C 628 12.37 20.15 -23.59
N ALA C 629 13.67 20.10 -23.90
CA ALA C 629 14.37 21.26 -24.41
C ALA C 629 14.18 21.46 -25.90
N MET C 630 13.46 20.56 -26.59
CA MET C 630 13.23 20.70 -28.01
C MET C 630 11.79 20.47 -28.47
N VAL C 631 10.92 19.90 -27.63
CA VAL C 631 9.49 19.95 -27.95
C VAL C 631 8.81 21.14 -27.29
N THR C 632 9.53 21.89 -26.46
CA THR C 632 9.02 23.10 -25.83
C THR C 632 9.92 24.28 -26.19
N HIS C 633 10.64 24.18 -27.31
CA HIS C 633 11.46 25.26 -27.81
C HIS C 633 10.57 26.40 -28.28
N GLU C 634 11.11 27.61 -28.28
CA GLU C 634 10.27 28.78 -28.54
C GLU C 634 9.93 28.93 -30.02
N GLU C 635 10.86 28.63 -30.92
CA GLU C 635 10.64 28.89 -32.34
C GLU C 635 10.56 27.64 -33.20
N ARG C 636 11.17 26.54 -32.79
CA ARG C 636 11.24 25.35 -33.63
C ARG C 636 10.51 24.17 -33.01
N ALA C 637 9.48 24.45 -32.19
CA ALA C 637 8.72 23.38 -31.56
C ALA C 637 7.85 22.66 -32.57
N ASN C 638 7.32 23.39 -33.56
CA ASN C 638 6.42 22.80 -34.53
C ASN C 638 7.17 21.93 -35.55
N GLU C 639 8.43 22.25 -35.82
CA GLU C 639 9.20 21.43 -36.75
C GLU C 639 9.66 20.14 -36.08
N VAL C 640 9.89 20.18 -34.77
CA VAL C 640 10.24 18.98 -34.01
C VAL C 640 9.07 18.02 -33.94
N MET C 641 7.86 18.54 -33.82
CA MET C 641 6.70 17.68 -33.64
C MET C 641 6.26 17.03 -34.95
N ALA C 642 6.70 17.54 -36.09
CA ALA C 642 6.38 16.95 -37.39
C ALA C 642 7.57 16.16 -37.93
N LEU C 643 7.77 14.96 -37.37
CA LEU C 643 8.74 14.01 -37.90
C LEU C 643 8.10 12.66 -38.17
N ARG C 644 8.68 11.94 -39.12
CA ARG C 644 8.20 10.63 -39.55
C ARG C 644 9.38 9.67 -39.47
N SER C 645 9.23 8.59 -38.72
CA SER C 645 10.35 7.67 -38.49
C SER C 645 9.83 6.24 -38.62
N ASP C 646 10.68 5.29 -38.24
CA ASP C 646 10.36 3.87 -38.22
C ASP C 646 10.17 3.34 -36.80
N LYS C 647 11.04 3.77 -35.87
CA LYS C 647 10.84 3.42 -34.48
C LYS C 647 9.64 4.14 -33.89
N HIS C 648 9.43 5.39 -34.29
CA HIS C 648 8.31 6.19 -33.82
C HIS C 648 7.68 6.88 -35.02
N PRO C 649 6.60 6.33 -35.58
CA PRO C 649 5.98 6.96 -36.76
C PRO C 649 5.29 8.28 -36.47
N CYS C 650 4.92 8.54 -35.22
CA CYS C 650 4.29 9.80 -34.83
C CYS C 650 4.77 10.13 -33.43
N VAL C 651 5.35 11.31 -33.25
CA VAL C 651 6.03 11.60 -31.99
C VAL C 651 5.04 11.95 -30.88
N THR C 652 3.90 12.55 -31.21
CA THR C 652 2.92 12.85 -30.18
C THR C 652 2.14 11.64 -29.72
N LEU C 653 2.23 10.53 -30.44
CA LEU C 653 1.74 9.25 -29.96
C LEU C 653 2.82 8.44 -29.26
N ALA C 654 4.08 8.85 -29.40
CA ALA C 654 5.18 8.19 -28.73
C ALA C 654 5.52 8.83 -27.40
N LEU C 655 5.19 10.11 -27.22
CA LEU C 655 5.41 10.75 -25.93
C LEU C 655 4.38 10.28 -24.91
N ILE C 656 3.10 10.19 -25.31
CA ILE C 656 2.05 9.79 -24.40
C ILE C 656 2.08 8.30 -24.07
N ALA C 657 2.86 7.51 -24.80
CA ALA C 657 3.06 6.12 -24.44
C ALA C 657 4.28 5.93 -23.55
N SER C 658 5.36 6.66 -23.79
CA SER C 658 6.60 6.45 -23.06
C SER C 658 6.72 7.35 -21.84
N MET C 659 6.70 8.67 -22.04
CA MET C 659 6.86 9.62 -20.94
C MET C 659 5.80 10.73 -21.00
N PRO C 660 4.75 10.61 -20.20
CA PRO C 660 3.64 11.57 -20.31
C PRO C 660 3.87 12.91 -19.65
N LYS C 661 4.86 13.04 -18.76
CA LYS C 661 5.12 14.33 -18.14
C LYS C 661 5.76 15.32 -19.11
N VAL C 662 6.35 14.83 -20.20
CA VAL C 662 6.79 15.72 -21.25
C VAL C 662 5.59 16.26 -22.02
N PHE C 663 4.57 15.44 -22.22
CA PHE C 663 3.39 15.88 -22.95
C PHE C 663 2.47 16.74 -22.11
N GLU C 664 2.61 16.68 -20.78
CA GLU C 664 1.95 17.65 -19.90
C GLU C 664 2.39 19.07 -20.22
N ALA C 665 3.67 19.25 -20.52
CA ALA C 665 4.18 20.59 -20.78
C ALA C 665 3.90 21.06 -22.21
N VAL C 666 3.72 20.13 -23.14
CA VAL C 666 3.33 20.52 -24.49
C VAL C 666 1.90 21.03 -24.50
N GLN C 667 1.04 20.43 -23.68
CA GLN C 667 -0.34 20.89 -23.57
C GLN C 667 -0.43 22.22 -22.83
N ASP C 668 0.49 22.50 -21.91
CA ASP C 668 0.47 23.77 -21.21
C ASP C 668 0.91 24.94 -22.10
N LYS C 669 1.64 24.66 -23.18
CA LYS C 669 2.02 25.69 -24.12
C LYS C 669 0.91 26.02 -25.10
N CYS C 670 -0.16 25.21 -25.15
CA CYS C 670 -1.24 25.44 -26.08
C CYS C 670 -2.38 26.28 -25.50
N ILE C 671 -2.28 26.68 -24.24
CA ILE C 671 -3.28 27.55 -23.62
C ILE C 671 -2.63 28.91 -23.41
N THR C 672 -2.76 29.78 -24.40
CA THR C 672 -2.10 31.08 -24.41
C THR C 672 -3.10 32.16 -23.97
N LYS C 673 -2.91 32.69 -22.77
CA LYS C 673 -3.83 33.67 -22.22
C LYS C 673 -3.39 35.08 -22.57
N ALA C 674 -4.37 35.93 -22.90
CA ALA C 674 -4.09 37.32 -23.20
C ALA C 674 -3.79 38.10 -21.93
N ASN C 675 -3.18 39.28 -22.10
CA ASN C 675 -2.74 40.09 -20.98
C ASN C 675 -3.69 41.22 -20.61
N CYS C 676 -4.96 41.14 -21.01
CA CYS C 676 -5.95 42.13 -20.63
C CYS C 676 -6.54 41.71 -19.28
N LYS C 677 -5.79 41.97 -18.21
CA LYS C 677 -6.16 41.50 -16.88
C LYS C 677 -7.30 42.30 -16.26
N LYS C 678 -7.64 43.46 -16.82
CA LYS C 678 -8.59 44.35 -16.18
C LYS C 678 -10.03 43.97 -16.54
N ASP C 679 -10.87 43.85 -15.51
CA ASP C 679 -12.33 43.75 -15.56
C ASP C 679 -12.87 42.53 -16.32
N SER C 680 -11.99 41.59 -16.72
CA SER C 680 -12.30 40.52 -17.67
C SER C 680 -12.99 41.05 -18.93
N LYS C 681 -12.46 42.15 -19.50
CA LYS C 681 -13.11 42.77 -20.69
C LYS C 681 -12.63 42.17 -22.01
N SER C 682 -11.32 41.92 -22.14
CA SER C 682 -10.82 41.22 -23.32
C SER C 682 -9.87 40.10 -22.92
N PHE C 683 -10.08 39.51 -21.74
CA PHE C 683 -9.25 38.42 -21.24
C PHE C 683 -9.70 37.13 -21.89
N TYR C 684 -9.18 36.85 -23.08
CA TYR C 684 -9.56 35.65 -23.83
C TYR C 684 -8.45 34.62 -23.76
N ILE C 685 -8.85 33.36 -23.56
CA ILE C 685 -7.93 32.23 -23.58
C ILE C 685 -8.02 31.60 -24.96
N LYS C 686 -6.87 31.32 -25.56
CA LYS C 686 -6.77 30.83 -26.92
C LYS C 686 -6.34 29.36 -26.88
N TYR C 687 -7.22 28.47 -27.33
CA TYR C 687 -6.98 27.03 -27.30
C TYR C 687 -6.64 26.58 -28.72
N SER C 688 -5.37 26.28 -28.96
CA SER C 688 -4.91 25.80 -30.25
C SER C 688 -4.50 24.35 -30.09
N PHE C 689 -5.24 23.43 -30.72
CA PHE C 689 -5.01 22.03 -30.41
C PHE C 689 -3.83 21.48 -31.20
N ALA C 690 -4.00 21.30 -32.51
CA ALA C 690 -2.95 21.13 -33.52
C ALA C 690 -2.04 19.91 -33.35
N PHE C 691 -2.15 19.19 -32.25
CA PHE C 691 -1.25 18.11 -31.86
C PHE C 691 -2.11 16.91 -31.51
N LEU C 692 -3.31 17.18 -31.01
CA LEU C 692 -4.28 16.14 -30.70
C LEU C 692 -4.85 15.51 -31.96
N GLN C 693 -4.74 16.18 -33.10
CA GLN C 693 -5.12 15.61 -34.39
C GLN C 693 -3.85 15.21 -35.13
N CYS C 694 -3.72 13.92 -35.44
CA CYS C 694 -2.56 13.43 -36.15
C CYS C 694 -2.93 13.30 -37.63
N PRO C 695 -2.33 14.09 -38.53
CA PRO C 695 -2.64 13.95 -39.96
C PRO C 695 -2.12 12.63 -40.53
N PHE C 696 -0.87 12.36 -40.27
CA PHE C 696 -0.30 11.13 -40.77
C PHE C 696 -0.55 9.93 -39.87
N MET C 697 -0.37 10.01 -38.57
CA MET C 697 -0.66 8.79 -37.82
C MET C 697 -1.38 9.08 -36.54
N ALA C 712 -4.94 9.15 -44.41
CA ALA C 712 -3.89 8.29 -43.86
C ALA C 712 -4.48 7.17 -43.01
N SER C 713 -4.87 7.49 -41.79
CA SER C 713 -5.45 6.53 -40.87
C SER C 713 -6.93 6.81 -40.68
N PRO C 714 -7.80 5.79 -40.81
CA PRO C 714 -9.23 5.97 -40.51
C PRO C 714 -9.56 5.76 -39.03
N ILE C 715 -8.77 6.35 -38.16
CA ILE C 715 -9.03 6.34 -36.72
C ILE C 715 -9.48 7.74 -36.33
N PRO C 716 -10.66 7.90 -35.71
CA PRO C 716 -11.23 9.23 -35.52
C PRO C 716 -10.53 10.14 -34.52
N LEU C 717 -10.31 9.67 -33.30
CA LEU C 717 -9.62 10.44 -32.27
C LEU C 717 -8.36 9.68 -31.90
N PRO C 718 -7.26 9.87 -32.64
CA PRO C 718 -6.09 9.00 -32.44
C PRO C 718 -5.31 9.32 -31.18
N ALA C 719 -5.20 10.59 -30.79
CA ALA C 719 -4.40 10.93 -29.62
C ALA C 719 -5.13 10.58 -28.33
N LEU C 720 -6.44 10.81 -28.28
CA LEU C 720 -7.19 10.52 -27.07
C LEU C 720 -7.43 9.04 -26.89
N ASN C 721 -7.55 8.27 -27.97
CA ASN C 721 -7.67 6.82 -27.83
C ASN C 721 -6.37 6.16 -27.45
N THR C 722 -5.24 6.82 -27.65
CA THR C 722 -3.96 6.25 -27.23
C THR C 722 -3.74 6.45 -25.75
N MET C 723 -4.12 7.61 -25.21
CA MET C 723 -3.96 7.86 -23.79
C MET C 723 -5.06 7.24 -22.93
N VAL C 724 -5.92 6.42 -23.52
CA VAL C 724 -6.86 5.58 -22.77
C VAL C 724 -6.35 4.15 -22.64
N THR C 725 -5.78 3.61 -23.71
CA THR C 725 -5.21 2.26 -23.67
C THR C 725 -3.97 2.19 -22.78
N HIS C 726 -3.34 3.30 -22.48
CA HIS C 726 -2.22 3.35 -21.54
C HIS C 726 -2.63 3.82 -20.15
N GLY C 727 -3.87 4.25 -19.97
CA GLY C 727 -4.32 4.65 -18.64
C GLY C 727 -3.80 5.98 -18.18
N ARG C 728 -3.56 6.91 -19.10
CA ARG C 728 -3.00 8.21 -18.78
C ARG C 728 -4.13 9.14 -18.35
N VAL C 729 -4.50 9.03 -17.08
CA VAL C 729 -5.68 9.76 -16.61
C VAL C 729 -5.38 11.23 -16.35
N GLU C 730 -4.11 11.62 -16.21
CA GLU C 730 -3.81 13.03 -15.99
C GLU C 730 -3.78 13.81 -17.29
N LEU C 731 -3.42 13.16 -18.40
CA LEU C 731 -3.51 13.80 -19.70
C LEU C 731 -4.96 14.00 -20.13
N LEU C 732 -5.84 13.07 -19.78
CA LEU C 732 -7.25 13.19 -20.15
C LEU C 732 -7.96 14.27 -19.34
N ALA C 733 -7.52 14.51 -18.11
CA ALA C 733 -8.16 15.49 -17.25
C ALA C 733 -7.57 16.89 -17.40
N HIS C 734 -6.59 17.06 -18.26
CA HIS C 734 -5.95 18.36 -18.48
C HIS C 734 -6.89 19.26 -19.27
N PRO C 735 -6.90 20.57 -18.98
CA PRO C 735 -7.86 21.47 -19.63
C PRO C 735 -7.67 21.69 -21.12
N LEU C 736 -6.71 21.06 -21.79
CA LEU C 736 -6.71 21.11 -23.24
C LEU C 736 -7.53 19.98 -23.83
N SER C 737 -7.49 18.79 -23.21
CA SER C 737 -8.30 17.68 -23.67
C SER C 737 -9.78 17.88 -23.33
N GLN C 738 -10.07 18.54 -22.21
CA GLN C 738 -11.46 18.79 -21.84
C GLN C 738 -12.13 19.77 -22.77
N LYS C 739 -11.40 20.81 -23.19
CA LYS C 739 -11.95 21.77 -24.13
C LYS C 739 -12.00 21.23 -25.55
N TYR C 740 -11.25 20.17 -25.85
CA TYR C 740 -11.35 19.54 -27.14
C TYR C 740 -12.55 18.60 -27.20
N LEU C 741 -12.94 18.00 -26.07
CA LEU C 741 -14.10 17.14 -26.05
C LEU C 741 -15.39 17.95 -26.05
N GLN C 742 -15.49 18.97 -25.20
CA GLN C 742 -16.73 19.73 -25.16
C GLN C 742 -16.82 20.79 -26.25
N MET C 743 -15.84 20.86 -27.15
CA MET C 743 -16.08 21.50 -28.43
C MET C 743 -16.76 20.54 -29.39
N LYS C 744 -16.34 19.28 -29.40
CA LYS C 744 -16.99 18.27 -30.21
C LYS C 744 -18.34 17.87 -29.64
N TRP C 745 -18.55 18.08 -28.35
CA TRP C 745 -19.84 17.78 -27.74
C TRP C 745 -20.88 18.80 -28.15
N ASN C 746 -20.59 20.08 -27.96
CA ASN C 746 -21.54 21.15 -28.21
C ASN C 746 -21.75 21.47 -29.68
N SER C 747 -21.12 20.74 -30.61
CA SER C 747 -21.31 21.00 -32.03
C SER C 747 -22.21 19.97 -32.70
N TYR C 748 -21.95 18.68 -32.48
CA TYR C 748 -22.79 17.64 -33.08
C TYR C 748 -23.21 16.59 -32.06
N GLY C 749 -22.38 16.36 -31.05
CA GLY C 749 -22.53 15.18 -30.21
C GLY C 749 -23.57 15.30 -29.13
N LYS C 750 -23.95 16.53 -28.79
CA LYS C 750 -24.97 16.75 -27.78
C LYS C 750 -26.35 16.38 -28.29
N TYR C 751 -26.55 16.40 -29.60
CA TYR C 751 -27.86 16.20 -30.17
C TYR C 751 -28.05 14.84 -30.82
N PHE C 752 -27.01 14.05 -30.98
CA PHE C 752 -27.17 12.65 -31.33
C PHE C 752 -27.20 11.75 -30.11
N HIS C 753 -27.16 12.34 -28.92
CA HIS C 753 -27.31 11.64 -27.65
C HIS C 753 -28.60 12.00 -26.94
N LEU C 754 -29.03 13.25 -27.03
CA LEU C 754 -30.32 13.65 -26.46
C LEU C 754 -31.46 13.14 -27.32
N ALA C 755 -31.32 13.21 -28.64
CA ALA C 755 -32.39 12.72 -29.52
C ALA C 755 -32.44 11.21 -29.58
N ASN C 756 -31.39 10.52 -29.16
CA ASN C 756 -31.42 9.07 -29.12
C ASN C 756 -32.11 8.57 -27.87
N LEU C 757 -31.86 9.22 -26.73
CA LEU C 757 -32.47 8.83 -25.47
C LEU C 757 -33.91 9.31 -25.34
N LEU C 758 -34.34 10.23 -26.19
CA LEU C 758 -35.70 10.74 -26.11
C LEU C 758 -36.65 10.03 -27.08
N ILE C 759 -36.15 9.48 -28.18
CA ILE C 759 -37.04 8.70 -29.04
C ILE C 759 -37.11 7.25 -28.61
N TYR C 760 -36.20 6.80 -27.74
CA TYR C 760 -36.39 5.49 -27.12
C TYR C 760 -37.37 5.58 -25.96
N SER C 761 -37.37 6.70 -25.24
CA SER C 761 -38.26 6.87 -24.10
C SER C 761 -39.69 7.23 -24.53
N ILE C 762 -39.95 7.38 -25.82
CA ILE C 762 -41.32 7.35 -26.31
C ILE C 762 -41.75 5.91 -26.53
N PHE C 763 -40.84 5.06 -27.01
CA PHE C 763 -41.14 3.65 -27.20
C PHE C 763 -41.34 2.93 -25.88
N LEU C 764 -40.61 3.33 -24.85
CA LEU C 764 -40.71 2.66 -23.56
C LEU C 764 -42.05 2.92 -22.88
N VAL C 765 -42.67 4.06 -23.15
CA VAL C 765 -43.94 4.39 -22.50
C VAL C 765 -45.14 3.95 -23.32
N PHE C 766 -44.96 3.48 -24.54
CA PHE C 766 -46.05 2.88 -25.27
C PHE C 766 -46.04 1.36 -25.24
N VAL C 767 -44.94 0.74 -24.82
CA VAL C 767 -44.95 -0.68 -24.53
C VAL C 767 -45.52 -0.92 -23.13
N THR C 768 -45.25 0.00 -22.21
CA THR C 768 -45.76 -0.13 -20.85
C THR C 768 -47.26 0.13 -20.78
N ILE C 769 -47.76 1.09 -21.57
CA ILE C 769 -49.19 1.38 -21.57
C ILE C 769 -49.96 0.27 -22.29
N TYR C 770 -49.40 -0.27 -23.38
CA TYR C 770 -50.10 -1.29 -24.15
C TYR C 770 -50.24 -2.60 -23.38
N SER C 771 -49.31 -2.91 -22.49
CA SER C 771 -49.45 -4.10 -21.68
C SER C 771 -50.47 -3.93 -20.57
N SER C 772 -50.59 -2.72 -20.03
CA SER C 772 -51.59 -2.48 -19.00
C SER C 772 -52.98 -2.34 -19.59
N LEU C 773 -53.11 -2.06 -20.87
CA LEU C 773 -54.40 -2.04 -21.53
C LEU C 773 -54.81 -3.41 -22.04
N MET C 774 -53.86 -4.28 -22.35
CA MET C 774 -54.17 -5.62 -22.78
C MET C 774 -54.64 -6.49 -21.62
N MET C 775 -54.23 -6.15 -20.40
CA MET C 775 -54.65 -6.94 -19.24
C MET C 775 -55.99 -6.50 -18.71
N ASN C 776 -56.37 -5.24 -18.89
CA ASN C 776 -57.66 -4.76 -18.45
C ASN C 776 -58.73 -4.88 -19.52
N ASN C 777 -58.38 -5.35 -20.73
CA ASN C 777 -59.34 -5.54 -21.81
C ASN C 777 -59.15 -6.94 -22.35
N ILE C 778 -59.79 -7.92 -21.71
CA ILE C 778 -59.74 -9.31 -22.14
C ILE C 778 -61.11 -9.91 -21.90
N GLU C 779 -61.53 -10.82 -22.78
CA GLU C 779 -62.90 -11.31 -22.81
C GLU C 779 -62.91 -12.83 -22.88
N LEU C 780 -64.13 -13.38 -22.85
CA LEU C 780 -64.43 -14.82 -22.87
C LEU C 780 -63.70 -15.59 -21.77
N GLU C 819 -60.90 -20.24 -25.31
CA GLU C 819 -60.65 -19.15 -26.24
C GLU C 819 -60.89 -17.81 -25.57
N GLU C 820 -60.07 -16.82 -25.90
CA GLU C 820 -60.21 -15.46 -25.39
C GLU C 820 -59.91 -14.47 -26.49
N ARG C 821 -60.34 -13.22 -26.28
CA ARG C 821 -60.16 -12.18 -27.26
C ARG C 821 -60.04 -10.83 -26.57
N ILE C 822 -59.51 -9.86 -27.29
CA ILE C 822 -59.29 -8.51 -26.77
C ILE C 822 -60.37 -7.58 -27.34
N ASN C 823 -60.96 -6.77 -26.47
CA ASN C 823 -61.76 -5.63 -26.91
C ASN C 823 -60.87 -4.63 -27.63
N ARG C 824 -61.00 -4.54 -28.95
CA ARG C 824 -60.16 -3.65 -29.76
C ARG C 824 -60.67 -2.23 -29.56
N THR C 825 -60.09 -1.55 -28.57
CA THR C 825 -60.45 -0.18 -28.23
C THR C 825 -59.60 0.78 -29.06
N THR C 826 -60.10 2.02 -29.24
CA THR C 826 -59.34 3.03 -29.96
C THR C 826 -58.12 3.51 -29.19
N ALA C 827 -58.04 3.24 -27.88
CA ALA C 827 -56.83 3.57 -27.13
C ALA C 827 -55.77 2.49 -27.27
N ILE C 828 -56.17 1.22 -27.38
CA ILE C 828 -55.18 0.16 -27.59
C ILE C 828 -54.77 0.05 -29.04
N LEU C 829 -55.47 0.72 -29.94
CA LEU C 829 -55.12 0.70 -31.34
C LEU C 829 -54.13 1.82 -31.68
N PHE C 830 -54.27 2.97 -31.03
CA PHE C 830 -53.31 4.04 -31.23
C PHE C 830 -51.96 3.69 -30.61
N CYS C 831 -51.97 2.98 -29.48
CA CYS C 831 -50.73 2.49 -28.91
C CYS C 831 -50.15 1.34 -29.72
N ALA C 832 -50.96 0.67 -30.53
CA ALA C 832 -50.46 -0.40 -31.37
C ALA C 832 -49.72 0.14 -32.60
N VAL C 833 -50.19 1.25 -33.15
CA VAL C 833 -49.62 1.78 -34.39
C VAL C 833 -48.28 2.46 -34.12
N VAL C 834 -48.14 3.15 -32.98
CA VAL C 834 -46.90 3.82 -32.62
C VAL C 834 -45.77 2.82 -32.40
N ILE C 835 -46.11 1.61 -31.93
CA ILE C 835 -45.09 0.58 -31.74
C ILE C 835 -44.60 0.04 -33.08
N VAL C 836 -45.53 -0.25 -34.00
CA VAL C 836 -45.13 -0.87 -35.26
C VAL C 836 -44.47 0.12 -36.20
N VAL C 837 -44.74 1.42 -36.04
CA VAL C 837 -44.02 2.44 -36.82
C VAL C 837 -42.59 2.58 -36.31
N TYR C 838 -42.40 2.46 -34.99
CA TYR C 838 -41.05 2.54 -34.43
C TYR C 838 -40.20 1.34 -34.83
N ILE C 839 -40.79 0.17 -35.03
CA ILE C 839 -40.00 -0.99 -35.41
C ILE C 839 -39.51 -0.86 -36.85
N LEU C 840 -40.37 -0.39 -37.75
CA LEU C 840 -40.00 -0.25 -39.15
C LEU C 840 -38.97 0.86 -39.35
N LEU C 841 -39.11 1.95 -38.61
CA LEU C 841 -38.16 3.05 -38.71
C LEU C 841 -36.82 2.73 -38.06
N ASN C 842 -36.80 1.84 -37.07
CA ASN C 842 -35.55 1.44 -36.43
C ASN C 842 -35.03 0.12 -36.99
N SER C 843 -35.71 -0.47 -37.96
CA SER C 843 -35.10 -1.54 -38.75
C SER C 843 -34.41 -1.00 -39.99
N MET C 844 -34.76 0.20 -40.42
CA MET C 844 -34.01 0.89 -41.46
C MET C 844 -32.76 1.57 -40.91
N ARG C 845 -32.54 1.51 -39.60
CA ARG C 845 -31.29 1.99 -39.02
C ARG C 845 -30.33 0.85 -38.77
N GLU C 846 -30.84 -0.35 -38.47
CA GLU C 846 -29.99 -1.50 -38.20
C GLU C 846 -29.88 -2.44 -39.40
N LEU C 847 -30.10 -1.94 -40.60
CA LEU C 847 -29.65 -2.59 -41.82
C LEU C 847 -28.58 -1.81 -42.55
N ILE C 848 -28.57 -0.49 -42.39
CA ILE C 848 -27.41 0.32 -42.74
C ILE C 848 -26.23 -0.04 -41.84
N GLN C 849 -26.52 -0.39 -40.58
CA GLN C 849 -25.48 -0.75 -39.62
C GLN C 849 -24.80 -2.06 -39.98
N ILE C 850 -25.50 -2.98 -40.64
CA ILE C 850 -24.90 -4.27 -40.99
C ILE C 850 -23.89 -4.10 -42.13
N TYR C 851 -24.09 -3.12 -43.00
CA TYR C 851 -23.14 -2.88 -44.08
C TYR C 851 -21.81 -2.36 -43.55
N GLN C 852 -21.84 -1.52 -42.52
CA GLN C 852 -20.62 -0.99 -41.94
C GLN C 852 -20.00 -1.90 -40.91
N GLN C 853 -20.70 -2.95 -40.49
CA GLN C 853 -20.25 -3.83 -39.41
C GLN C 853 -20.47 -5.28 -39.85
N LYS C 854 -20.00 -5.62 -41.05
CA LYS C 854 -20.19 -6.93 -41.66
C LYS C 854 -19.55 -8.06 -40.86
N LEU C 855 -20.37 -8.92 -40.27
CA LEU C 855 -20.06 -10.15 -39.53
C LEU C 855 -19.33 -9.92 -38.21
N HIS C 856 -19.01 -8.68 -37.85
CA HIS C 856 -18.66 -8.33 -36.49
C HIS C 856 -19.84 -7.66 -35.79
N TYR C 857 -21.03 -7.79 -36.37
CA TYR C 857 -22.27 -7.27 -35.80
C TYR C 857 -22.77 -8.16 -34.67
N ILE C 858 -22.50 -9.47 -34.77
CA ILE C 858 -22.99 -10.42 -33.78
C ILE C 858 -22.18 -10.38 -32.49
N LEU C 859 -20.97 -9.81 -32.52
CA LEU C 859 -20.11 -9.76 -31.34
C LEU C 859 -20.45 -8.60 -30.40
N GLU C 860 -21.41 -7.75 -30.76
CA GLU C 860 -21.65 -6.54 -30.00
C GLU C 860 -22.41 -6.81 -28.70
N THR C 861 -23.41 -7.71 -28.76
CA THR C 861 -24.25 -8.26 -27.68
C THR C 861 -25.27 -7.23 -27.18
N VAL C 862 -25.14 -5.98 -27.61
CA VAL C 862 -26.17 -4.99 -27.34
C VAL C 862 -27.16 -4.94 -28.50
N ASN C 863 -26.73 -5.35 -29.69
CA ASN C 863 -27.63 -5.43 -30.82
C ASN C 863 -28.55 -6.64 -30.72
N LEU C 864 -28.08 -7.73 -30.13
CA LEU C 864 -28.93 -8.92 -30.00
C LEU C 864 -30.03 -8.72 -28.96
N ILE C 865 -29.81 -7.84 -27.99
CA ILE C 865 -30.89 -7.43 -27.11
C ILE C 865 -31.96 -6.68 -27.89
N SER C 866 -31.55 -5.89 -28.88
CA SER C 866 -32.50 -5.08 -29.62
C SER C 866 -33.28 -5.91 -30.64
N TRP C 867 -32.73 -7.04 -31.11
CA TRP C 867 -33.49 -7.85 -32.05
C TRP C 867 -34.50 -8.75 -31.37
N VAL C 868 -34.20 -9.21 -30.15
CA VAL C 868 -35.20 -9.96 -29.41
C VAL C 868 -36.32 -9.04 -28.93
N LEU C 869 -35.99 -7.79 -28.63
CA LEU C 869 -36.98 -6.81 -28.18
C LEU C 869 -37.93 -6.41 -29.31
N TYR C 870 -37.43 -6.30 -30.55
CA TYR C 870 -38.27 -5.83 -31.63
C TYR C 870 -39.18 -6.91 -32.18
N ILE C 871 -38.70 -8.16 -32.20
CA ILE C 871 -39.53 -9.26 -32.67
C ILE C 871 -40.61 -9.57 -31.66
N SER C 872 -40.29 -9.53 -30.37
CA SER C 872 -41.26 -9.85 -29.33
C SER C 872 -42.33 -8.77 -29.19
N ALA C 873 -41.99 -7.52 -29.50
CA ALA C 873 -42.98 -6.46 -29.47
C ALA C 873 -43.87 -6.45 -30.70
N LEU C 874 -43.53 -7.21 -31.74
CA LEU C 874 -44.42 -7.42 -32.86
C LEU C 874 -45.39 -8.56 -32.63
N VAL C 875 -44.95 -9.62 -31.96
CA VAL C 875 -45.84 -10.74 -31.64
C VAL C 875 -46.87 -10.30 -30.61
N MET C 876 -46.49 -9.41 -29.70
CA MET C 876 -47.39 -8.84 -28.69
C MET C 876 -48.51 -8.03 -29.33
N VAL C 877 -48.24 -7.37 -30.46
CA VAL C 877 -49.11 -6.34 -30.98
C VAL C 877 -50.06 -6.85 -32.06
N THR C 878 -49.85 -8.08 -32.56
CA THR C 878 -50.72 -8.62 -33.60
C THR C 878 -52.19 -8.87 -33.25
N PRO C 879 -52.63 -9.17 -32.01
CA PRO C 879 -54.09 -9.30 -31.80
C PRO C 879 -54.87 -8.01 -31.90
N ALA C 880 -54.23 -6.85 -31.98
CA ALA C 880 -54.93 -5.60 -32.21
C ALA C 880 -55.15 -5.33 -33.69
N PHE C 881 -54.62 -6.18 -34.57
CA PHE C 881 -54.67 -5.96 -36.00
C PHE C 881 -55.55 -6.98 -36.73
N GLN C 882 -56.01 -8.00 -36.04
CA GLN C 882 -56.82 -9.01 -36.69
C GLN C 882 -58.30 -8.77 -36.41
N PRO C 883 -59.20 -9.17 -37.33
CA PRO C 883 -60.64 -9.03 -37.06
C PRO C 883 -61.09 -9.93 -35.92
N ASP C 884 -60.70 -11.20 -35.98
CA ASP C 884 -60.84 -12.10 -34.84
C ASP C 884 -59.64 -11.85 -33.94
N GLY C 885 -59.74 -10.83 -33.09
CA GLY C 885 -58.64 -10.45 -32.23
C GLY C 885 -58.42 -11.40 -31.08
N GLY C 886 -58.01 -12.63 -31.39
CA GLY C 886 -57.86 -13.65 -30.37
C GLY C 886 -56.49 -13.61 -29.73
N ILE C 887 -56.42 -14.18 -28.53
CA ILE C 887 -55.20 -14.20 -27.75
C ILE C 887 -54.81 -15.65 -27.53
N ASN C 888 -53.52 -15.88 -27.27
CA ASN C 888 -52.99 -17.19 -26.96
C ASN C 888 -51.91 -17.04 -25.90
N THR C 889 -51.31 -18.16 -25.50
CA THR C 889 -50.21 -18.12 -24.54
C THR C 889 -48.88 -17.75 -25.18
N ILE C 890 -48.84 -17.49 -26.49
CA ILE C 890 -47.65 -16.95 -27.11
C ILE C 890 -47.67 -15.42 -27.07
N HIS C 891 -48.81 -14.81 -26.80
CA HIS C 891 -48.89 -13.37 -26.72
C HIS C 891 -48.65 -12.86 -25.31
N TYR C 892 -49.04 -13.64 -24.31
CA TYR C 892 -48.68 -13.34 -22.94
C TYR C 892 -47.18 -13.49 -22.73
N SER C 893 -46.58 -14.49 -23.38
CA SER C 893 -45.15 -14.73 -23.22
C SER C 893 -44.33 -13.69 -23.97
N ALA C 894 -44.84 -13.22 -25.11
CA ALA C 894 -44.13 -12.17 -25.84
C ALA C 894 -44.26 -10.83 -25.16
N ALA C 895 -45.37 -10.59 -24.46
CA ALA C 895 -45.56 -9.32 -23.77
C ALA C 895 -44.67 -9.23 -22.55
N SER C 896 -44.36 -10.34 -21.90
CA SER C 896 -43.52 -10.30 -20.71
C SER C 896 -42.04 -10.20 -21.06
N ILE C 897 -41.64 -10.70 -22.24
CA ILE C 897 -40.27 -10.53 -22.69
C ILE C 897 -40.04 -9.12 -23.21
N ALA C 898 -41.07 -8.53 -23.84
CA ALA C 898 -40.93 -7.18 -24.39
C ALA C 898 -40.88 -6.13 -23.29
N VAL C 899 -41.66 -6.32 -22.22
CA VAL C 899 -41.68 -5.34 -21.13
C VAL C 899 -40.43 -5.45 -20.27
N PHE C 900 -39.91 -6.66 -20.08
CA PHE C 900 -38.66 -6.80 -19.34
C PHE C 900 -37.48 -6.23 -20.10
N LEU C 901 -37.35 -6.54 -21.38
CA LEU C 901 -36.21 -6.06 -22.14
C LEU C 901 -36.31 -4.58 -22.52
N SER C 902 -37.50 -3.99 -22.45
CA SER C 902 -37.60 -2.55 -22.70
C SER C 902 -37.04 -1.75 -21.54
N TRP C 903 -37.26 -2.23 -20.31
CA TRP C 903 -36.74 -1.56 -19.13
C TRP C 903 -35.31 -1.98 -18.82
N PHE C 904 -34.89 -3.16 -19.27
CA PHE C 904 -33.49 -3.53 -19.04
C PHE C 904 -32.57 -2.80 -19.99
N ARG C 905 -33.07 -2.40 -21.16
CA ARG C 905 -32.27 -1.66 -22.12
C ARG C 905 -32.19 -0.18 -21.76
N LEU C 906 -33.04 0.29 -20.85
CA LEU C 906 -32.92 1.66 -20.34
C LEU C 906 -31.72 1.80 -19.42
N LEU C 907 -31.30 0.72 -18.75
CA LEU C 907 -30.09 0.79 -17.93
C LEU C 907 -28.83 0.96 -18.76
N LEU C 908 -28.87 0.58 -20.04
CA LEU C 908 -27.69 0.73 -20.87
C LEU C 908 -27.51 2.17 -21.35
N PHE C 909 -28.54 3.02 -21.19
CA PHE C 909 -28.40 4.45 -21.46
C PHE C 909 -27.90 5.22 -20.25
N LEU C 910 -28.16 4.73 -19.04
CA LEU C 910 -27.78 5.44 -17.83
C LEU C 910 -26.35 5.15 -17.39
N GLN C 911 -25.55 4.48 -18.22
CA GLN C 911 -24.13 4.33 -17.92
C GLN C 911 -23.40 5.67 -17.98
N ARG C 912 -23.90 6.59 -18.79
CA ARG C 912 -23.14 7.73 -19.23
C ARG C 912 -23.53 9.03 -18.54
N PHE C 913 -24.24 8.95 -17.44
CA PHE C 913 -24.59 10.14 -16.66
C PHE C 913 -23.64 10.27 -15.48
N ASP C 914 -23.91 11.23 -14.62
CA ASP C 914 -23.06 11.51 -13.47
C ASP C 914 -23.82 11.18 -12.19
N GLN C 915 -23.12 10.53 -11.26
CA GLN C 915 -23.57 10.00 -9.97
C GLN C 915 -24.58 8.86 -10.06
N VAL C 916 -25.02 8.52 -11.27
CA VAL C 916 -25.93 7.40 -11.49
C VAL C 916 -25.38 6.56 -12.63
N GLY C 917 -24.12 6.78 -12.98
CA GLY C 917 -23.56 6.09 -14.11
C GLY C 917 -22.45 5.15 -13.70
N ILE C 918 -21.89 5.37 -12.52
CA ILE C 918 -20.86 4.48 -12.02
C ILE C 918 -21.46 3.22 -11.41
N TYR C 919 -22.74 3.26 -11.02
CA TYR C 919 -23.37 2.09 -10.41
C TYR C 919 -23.93 1.12 -11.43
N VAL C 920 -24.04 1.53 -12.69
CA VAL C 920 -24.40 0.60 -13.75
C VAL C 920 -23.15 -0.05 -14.33
N VAL C 921 -22.01 0.61 -14.23
CA VAL C 921 -20.74 0.00 -14.61
C VAL C 921 -20.36 -1.08 -13.60
N MET C 922 -20.67 -0.88 -12.33
CA MET C 922 -20.46 -1.91 -11.32
C MET C 922 -21.41 -3.09 -11.50
N PHE C 923 -22.63 -2.82 -11.97
CA PHE C 923 -23.61 -3.89 -12.19
C PHE C 923 -23.20 -4.79 -13.33
N LEU C 924 -22.77 -4.20 -14.45
CA LEU C 924 -22.44 -4.95 -15.65
C LEU C 924 -21.03 -5.50 -15.63
N GLU C 925 -20.24 -5.22 -14.60
CA GLU C 925 -18.95 -5.85 -14.45
C GLU C 925 -18.98 -7.04 -13.50
N ILE C 926 -19.80 -6.99 -12.45
CA ILE C 926 -20.01 -8.20 -11.66
C ILE C 926 -21.01 -9.14 -12.28
N LEU C 927 -21.63 -8.76 -13.40
CA LEU C 927 -22.42 -9.66 -14.23
C LEU C 927 -21.57 -10.44 -15.22
N GLN C 928 -20.45 -9.88 -15.67
CA GLN C 928 -19.58 -10.61 -16.57
C GLN C 928 -18.79 -11.69 -15.84
N THR C 929 -18.47 -11.47 -14.57
CA THR C 929 -17.79 -12.49 -13.79
C THR C 929 -18.74 -13.59 -13.39
N LEU C 930 -19.99 -13.24 -13.09
CA LEU C 930 -20.97 -14.20 -12.61
C LEU C 930 -21.50 -15.11 -13.71
N ILE C 931 -21.30 -14.77 -14.97
CA ILE C 931 -21.63 -15.71 -16.05
C ILE C 931 -20.50 -16.73 -16.22
N LYS C 932 -19.25 -16.30 -16.07
CA LYS C 932 -18.13 -17.22 -16.17
C LYS C 932 -18.03 -18.18 -15.00
N VAL C 933 -18.71 -17.90 -13.88
CA VAL C 933 -18.60 -18.73 -12.70
C VAL C 933 -19.88 -19.51 -12.43
N LEU C 934 -20.99 -19.18 -13.08
CA LEU C 934 -22.18 -20.01 -13.02
C LEU C 934 -22.31 -20.94 -14.21
N MET C 935 -21.27 -21.05 -15.03
CA MET C 935 -21.17 -22.16 -15.96
C MET C 935 -20.15 -23.19 -15.51
N VAL C 936 -19.18 -22.78 -14.71
CA VAL C 936 -18.28 -23.74 -14.07
C VAL C 936 -19.00 -24.46 -12.95
N PHE C 937 -19.73 -23.71 -12.12
CA PHE C 937 -20.43 -24.28 -10.98
C PHE C 937 -21.90 -24.50 -11.27
N SER C 938 -22.24 -24.75 -12.52
CA SER C 938 -23.42 -25.50 -12.86
C SER C 938 -23.15 -26.99 -12.88
N ILE C 939 -21.90 -27.38 -12.60
CA ILE C 939 -21.57 -28.78 -12.42
C ILE C 939 -22.00 -29.25 -11.04
N LEU C 940 -21.99 -28.35 -10.04
CA LEU C 940 -22.48 -28.69 -8.72
C LEU C 940 -24.00 -28.67 -8.62
N ILE C 941 -24.70 -28.10 -9.60
CA ILE C 941 -26.15 -28.20 -9.58
C ILE C 941 -26.61 -29.48 -10.28
N ILE C 942 -25.87 -29.93 -11.29
CA ILE C 942 -26.14 -31.24 -11.87
C ILE C 942 -25.73 -32.34 -10.91
N ALA C 943 -24.73 -32.09 -10.06
CA ALA C 943 -24.28 -33.09 -9.09
C ALA C 943 -25.34 -33.32 -8.01
N PHE C 944 -25.79 -32.24 -7.37
CA PHE C 944 -26.81 -32.38 -6.33
C PHE C 944 -28.20 -32.61 -6.91
N GLY C 945 -28.51 -31.99 -8.04
CA GLY C 945 -29.85 -32.09 -8.59
C GLY C 945 -30.18 -33.48 -9.10
N LEU C 946 -29.18 -34.23 -9.54
CA LEU C 946 -29.38 -35.64 -9.85
C LEU C 946 -29.33 -36.51 -8.62
N ALA C 947 -28.63 -36.07 -7.57
CA ALA C 947 -28.57 -36.86 -6.34
C ALA C 947 -29.89 -36.78 -5.58
N PHE C 948 -30.57 -35.63 -5.61
CA PHE C 948 -31.88 -35.55 -4.97
C PHE C 948 -32.97 -36.20 -5.80
N TYR C 949 -32.74 -36.42 -7.10
CA TYR C 949 -33.71 -37.15 -7.90
C TYR C 949 -33.67 -38.64 -7.61
N ILE C 950 -32.50 -39.19 -7.31
CA ILE C 950 -32.39 -40.60 -6.94
C ILE C 950 -33.09 -40.87 -5.62
N LEU C 951 -32.95 -39.94 -4.67
CA LEU C 951 -33.34 -40.20 -3.29
C LEU C 951 -34.78 -39.83 -2.97
N LEU C 952 -35.36 -38.85 -3.65
CA LEU C 952 -36.60 -38.24 -3.21
C LEU C 952 -37.72 -38.29 -4.24
N SER C 953 -37.61 -39.16 -5.25
CA SER C 953 -38.62 -39.18 -6.30
C SER C 953 -39.61 -40.33 -6.18
N LYS C 954 -39.21 -41.45 -5.58
CA LYS C 954 -40.12 -42.58 -5.39
C LYS C 954 -40.72 -42.63 -3.99
N ILE C 955 -40.99 -41.47 -3.40
CA ILE C 955 -41.67 -41.43 -2.11
C ILE C 955 -43.15 -41.68 -2.32
N ILE C 956 -43.68 -42.68 -1.61
CA ILE C 956 -45.08 -43.07 -1.77
C ILE C 956 -45.97 -41.99 -1.15
N ASP C 957 -47.10 -41.71 -1.82
CA ASP C 957 -48.02 -40.58 -1.60
C ASP C 957 -47.23 -39.28 -1.71
N PRO C 958 -46.85 -38.86 -2.92
CA PRO C 958 -46.05 -37.63 -3.06
C PRO C 958 -46.84 -36.38 -2.71
N GLN C 959 -46.44 -35.75 -1.61
CA GLN C 959 -47.03 -34.51 -1.17
C GLN C 959 -46.61 -33.37 -2.08
N PRO C 960 -47.27 -32.19 -1.98
CA PRO C 960 -46.76 -30.97 -2.63
C PRO C 960 -45.31 -30.58 -2.34
N ASN C 961 -44.75 -31.08 -1.23
CA ASN C 961 -43.34 -30.87 -0.93
C ASN C 961 -42.44 -31.60 -1.93
N HIS C 962 -42.64 -32.91 -2.07
CA HIS C 962 -41.77 -33.76 -2.88
C HIS C 962 -42.21 -33.87 -4.32
N LEU C 963 -43.12 -33.01 -4.76
CA LEU C 963 -43.59 -33.06 -6.14
C LEU C 963 -42.65 -32.32 -7.07
N SER C 964 -41.65 -31.62 -6.51
CA SER C 964 -40.67 -30.88 -7.29
C SER C 964 -39.40 -31.68 -7.54
N PHE C 965 -39.31 -32.92 -7.07
CA PHE C 965 -38.20 -33.79 -7.38
C PHE C 965 -38.60 -34.96 -8.26
N SER C 966 -39.69 -34.84 -9.01
CA SER C 966 -40.18 -35.94 -9.83
C SER C 966 -39.66 -35.90 -11.26
N ASN C 967 -38.92 -34.86 -11.63
CA ASN C 967 -38.26 -34.77 -12.93
C ASN C 967 -36.79 -34.43 -12.72
N ILE C 968 -36.01 -34.59 -13.78
CA ILE C 968 -34.65 -34.06 -13.81
C ILE C 968 -34.63 -32.56 -14.12
N PRO C 969 -35.41 -32.00 -15.07
CA PRO C 969 -35.40 -30.53 -15.19
C PRO C 969 -36.03 -29.79 -14.02
N MET C 970 -36.91 -30.42 -13.25
CA MET C 970 -37.51 -29.75 -12.11
C MET C 970 -36.64 -29.87 -10.87
N SER C 971 -35.81 -30.90 -10.80
CA SER C 971 -34.87 -31.03 -9.69
C SER C 971 -33.70 -30.08 -9.81
N LEU C 972 -33.42 -29.58 -11.01
CA LEU C 972 -32.32 -28.64 -11.17
C LEU C 972 -32.75 -27.22 -10.86
N LEU C 973 -34.03 -26.90 -11.03
CA LEU C 973 -34.55 -25.62 -10.58
C LEU C 973 -34.77 -25.60 -9.08
N ARG C 974 -35.15 -26.74 -8.50
CA ARG C 974 -35.36 -26.78 -7.06
C ARG C 974 -34.05 -26.66 -6.30
N THR C 975 -33.01 -27.32 -6.81
CA THR C 975 -31.68 -27.26 -6.19
C THR C 975 -31.09 -25.86 -6.28
N PHE C 976 -31.40 -25.13 -7.34
CA PHE C 976 -30.92 -23.75 -7.43
C PHE C 976 -31.71 -22.80 -6.54
N SER C 977 -32.95 -23.13 -6.21
CA SER C 977 -33.73 -22.25 -5.35
C SER C 977 -33.47 -22.49 -3.88
N MET C 978 -33.01 -23.69 -3.52
CA MET C 978 -32.78 -24.02 -2.12
C MET C 978 -31.35 -23.74 -1.69
N MET C 979 -30.56 -23.08 -2.52
CA MET C 979 -29.34 -22.43 -2.07
C MET C 979 -29.55 -20.94 -1.83
N LEU C 980 -30.73 -20.42 -2.15
CA LEU C 980 -31.09 -19.04 -1.85
C LEU C 980 -31.83 -18.91 -0.53
N GLY C 981 -32.15 -20.01 0.14
CA GLY C 981 -32.68 -19.93 1.47
C GLY C 981 -33.87 -20.82 1.77
N GLU C 982 -34.57 -21.29 0.74
CA GLU C 982 -35.79 -22.07 0.95
C GLU C 982 -35.44 -23.55 0.92
N LEU C 983 -34.90 -24.02 2.02
CA LEU C 983 -34.37 -25.37 2.09
C LEU C 983 -35.41 -26.38 2.54
N ASP C 984 -36.38 -25.93 3.36
CA ASP C 984 -37.53 -26.70 3.83
C ASP C 984 -37.10 -27.98 4.55
N PHE C 985 -36.37 -27.79 5.65
CA PHE C 985 -35.82 -28.92 6.38
C PHE C 985 -36.91 -29.73 7.07
N VAL C 986 -37.86 -29.05 7.71
CA VAL C 986 -38.84 -29.72 8.55
C VAL C 986 -40.15 -29.97 7.82
N GLY C 987 -40.13 -29.95 6.49
CA GLY C 987 -41.33 -30.30 5.76
C GLY C 987 -41.09 -31.42 4.78
N THR C 988 -39.86 -31.56 4.34
CA THR C 988 -39.49 -32.56 3.34
C THR C 988 -38.59 -33.65 3.88
N TYR C 989 -37.99 -33.46 5.04
CA TYR C 989 -37.11 -34.46 5.64
C TYR C 989 -37.56 -34.93 7.01
N VAL C 990 -38.04 -34.03 7.85
CA VAL C 990 -38.36 -34.41 9.23
C VAL C 990 -39.70 -35.11 9.30
N ASN C 991 -40.76 -34.51 8.75
CA ASN C 991 -42.07 -35.09 8.90
C ASN C 991 -42.30 -36.32 8.04
N THR C 992 -41.50 -36.51 7.00
CA THR C 992 -41.59 -37.74 6.25
C THR C 992 -40.74 -38.85 6.85
N TYR C 993 -39.80 -38.51 7.72
CA TYR C 993 -39.01 -39.53 8.39
C TYR C 993 -39.78 -40.16 9.53
N TYR C 994 -40.58 -39.38 10.24
CA TYR C 994 -41.36 -39.88 11.36
C TYR C 994 -42.71 -40.44 10.94
N ARG C 995 -43.15 -40.20 9.72
CA ARG C 995 -44.26 -40.94 9.15
C ARG C 995 -43.81 -42.22 8.47
N ASP C 996 -42.52 -42.54 8.53
CA ASP C 996 -41.88 -43.69 7.89
C ASP C 996 -42.13 -43.69 6.38
N GLN C 997 -41.95 -42.51 5.76
CA GLN C 997 -42.16 -42.35 4.33
C GLN C 997 -40.91 -41.96 3.57
N LEU C 998 -39.84 -41.58 4.26
CA LEU C 998 -38.60 -41.23 3.58
C LEU C 998 -37.95 -42.51 3.09
N LYS C 999 -37.63 -42.57 1.80
CA LYS C 999 -37.27 -43.83 1.15
C LYS C 999 -35.90 -44.31 1.58
N VAL C 1000 -34.88 -43.46 1.46
CA VAL C 1000 -33.52 -43.81 1.88
C VAL C 1000 -33.16 -42.87 3.02
N PRO C 1001 -33.37 -43.27 4.28
CA PRO C 1001 -33.27 -42.32 5.40
C PRO C 1001 -31.87 -41.76 5.68
N MET C 1002 -30.88 -42.61 5.92
CA MET C 1002 -29.60 -42.13 6.41
C MET C 1002 -28.74 -41.46 5.34
N THR C 1003 -29.02 -41.72 4.07
CA THR C 1003 -28.27 -41.06 3.00
C THR C 1003 -28.90 -39.74 2.60
N SER C 1004 -30.21 -39.60 2.79
CA SER C 1004 -30.87 -38.33 2.53
C SER C 1004 -30.43 -37.25 3.50
N PHE C 1005 -30.07 -37.63 4.72
CA PHE C 1005 -29.50 -36.67 5.67
C PHE C 1005 -28.00 -36.50 5.50
N LEU C 1006 -27.36 -37.28 4.64
CA LEU C 1006 -25.94 -37.10 4.33
C LEU C 1006 -25.74 -36.21 3.12
N ILE C 1007 -26.56 -36.38 2.07
CA ILE C 1007 -26.49 -35.52 0.91
C ILE C 1007 -26.98 -34.12 1.27
N LEU C 1008 -27.98 -34.02 2.14
CA LEU C 1008 -28.47 -32.72 2.58
C LEU C 1008 -27.46 -32.00 3.46
N SER C 1009 -26.74 -32.75 4.29
CA SER C 1009 -25.76 -32.14 5.19
C SER C 1009 -24.55 -31.64 4.41
N VAL C 1010 -24.11 -32.39 3.40
CA VAL C 1010 -23.02 -31.91 2.55
C VAL C 1010 -23.51 -30.86 1.56
N PHE C 1011 -24.82 -30.80 1.31
CA PHE C 1011 -25.38 -29.69 0.54
C PHE C 1011 -25.23 -28.38 1.30
N MET C 1012 -25.63 -28.37 2.57
CA MET C 1012 -25.67 -27.14 3.37
C MET C 1012 -24.28 -26.59 3.64
N ILE C 1013 -23.25 -27.44 3.60
CA ILE C 1013 -21.88 -26.98 3.79
C ILE C 1013 -21.44 -26.13 2.62
N LEU C 1014 -21.70 -26.59 1.40
CA LEU C 1014 -21.03 -25.97 0.27
C LEU C 1014 -21.94 -25.26 -0.74
N MET C 1015 -23.23 -25.58 -0.82
CA MET C 1015 -24.00 -24.73 -1.74
C MET C 1015 -24.51 -23.43 -1.10
N PRO C 1016 -25.28 -23.39 0.01
CA PRO C 1016 -25.72 -22.08 0.49
C PRO C 1016 -24.72 -21.35 1.36
N ILE C 1017 -23.71 -22.04 1.89
CA ILE C 1017 -22.65 -21.35 2.61
C ILE C 1017 -21.53 -21.03 1.64
N LEU C 1018 -20.88 -22.06 1.09
CA LEU C 1018 -19.57 -21.84 0.48
C LEU C 1018 -19.66 -21.29 -0.94
N LEU C 1019 -20.68 -21.67 -1.71
CA LEU C 1019 -20.78 -21.11 -3.06
C LEU C 1019 -21.37 -19.71 -3.05
N MET C 1020 -22.28 -19.43 -2.11
CA MET C 1020 -22.80 -18.08 -2.00
C MET C 1020 -21.78 -17.12 -1.40
N ASN C 1021 -20.81 -17.63 -0.65
CA ASN C 1021 -19.73 -16.76 -0.17
C ASN C 1021 -18.64 -16.56 -1.22
N LEU C 1022 -18.53 -17.47 -2.18
CA LEU C 1022 -17.66 -17.22 -3.33
C LEU C 1022 -18.19 -16.07 -4.16
N LEU C 1023 -19.51 -15.98 -4.32
CA LEU C 1023 -20.10 -14.93 -5.14
C LEU C 1023 -20.08 -13.58 -4.44
N ILE C 1024 -20.16 -13.56 -3.10
CA ILE C 1024 -20.01 -12.31 -2.37
C ILE C 1024 -18.57 -11.81 -2.47
N GLY C 1025 -17.60 -12.71 -2.31
CA GLY C 1025 -16.21 -12.30 -2.31
C GLY C 1025 -15.70 -11.87 -3.67
N LEU C 1026 -16.31 -12.36 -4.75
CA LEU C 1026 -15.96 -11.88 -6.08
C LEU C 1026 -16.56 -10.52 -6.37
N ALA C 1027 -17.68 -10.20 -5.72
CA ALA C 1027 -18.35 -8.93 -5.96
C ALA C 1027 -17.78 -7.81 -5.11
N VAL C 1028 -17.20 -8.13 -3.96
CA VAL C 1028 -16.54 -7.12 -3.16
C VAL C 1028 -15.25 -6.66 -3.84
N GLY C 1029 -14.55 -7.59 -4.49
CA GLY C 1029 -13.32 -7.25 -5.16
C GLY C 1029 -13.51 -6.52 -6.48
N ASP C 1030 -14.62 -6.76 -7.17
CA ASP C 1030 -14.87 -6.05 -8.42
C ASP C 1030 -15.38 -4.63 -8.19
N ILE C 1031 -16.03 -4.38 -7.05
CA ILE C 1031 -16.53 -3.04 -6.78
C ILE C 1031 -15.39 -2.12 -6.35
N GLU C 1032 -14.45 -2.64 -5.56
CA GLU C 1032 -13.32 -1.81 -5.17
C GLU C 1032 -12.27 -1.71 -6.28
N SER C 1033 -12.46 -2.38 -7.40
CA SER C 1033 -11.64 -2.16 -8.58
C SER C 1033 -12.23 -1.12 -9.52
N VAL C 1034 -13.56 -1.02 -9.58
CA VAL C 1034 -14.18 0.08 -10.33
C VAL C 1034 -14.02 1.38 -9.57
N ARG C 1035 -14.08 1.32 -8.24
CA ARG C 1035 -14.08 2.53 -7.44
C ARG C 1035 -12.69 3.19 -7.39
N ARG C 1036 -11.62 2.41 -7.48
CA ARG C 1036 -10.29 3.00 -7.63
C ARG C 1036 -10.12 3.64 -8.99
N ASN C 1037 -10.61 2.98 -10.04
CA ASN C 1037 -10.48 3.45 -11.41
C ASN C 1037 -11.71 4.21 -11.87
N ALA C 1038 -12.37 4.93 -10.97
CA ALA C 1038 -13.63 5.57 -11.31
C ALA C 1038 -13.40 6.82 -12.15
N GLN C 1039 -12.33 7.55 -11.90
CA GLN C 1039 -12.07 8.80 -12.59
C GLN C 1039 -11.46 8.59 -13.97
N LEU C 1040 -11.06 7.36 -14.30
CA LEU C 1040 -10.63 6.97 -15.63
C LEU C 1040 -11.75 6.36 -16.45
N LYS C 1041 -12.64 5.58 -15.82
CA LYS C 1041 -13.76 4.99 -16.54
C LYS C 1041 -14.79 6.01 -16.97
N ARG C 1042 -14.88 7.15 -16.27
CA ARG C 1042 -15.74 8.22 -16.75
C ARG C 1042 -15.14 8.92 -17.97
N LEU C 1043 -13.82 9.03 -18.01
CA LEU C 1043 -13.16 9.70 -19.14
C LEU C 1043 -12.98 8.77 -20.33
N ALA C 1044 -12.75 7.49 -20.09
CA ALA C 1044 -12.65 6.53 -21.18
C ALA C 1044 -13.99 6.27 -21.84
N MET C 1045 -15.09 6.54 -21.15
CA MET C 1045 -16.42 6.39 -21.73
C MET C 1045 -16.84 7.62 -22.50
N GLN C 1046 -16.34 8.79 -22.09
CA GLN C 1046 -16.59 10.03 -22.82
C GLN C 1046 -15.91 10.03 -24.18
N VAL C 1047 -14.74 9.39 -24.30
CA VAL C 1047 -14.03 9.39 -25.56
C VAL C 1047 -14.52 8.27 -26.49
N VAL C 1048 -15.02 7.15 -25.95
CA VAL C 1048 -15.53 6.09 -26.80
C VAL C 1048 -16.94 6.44 -27.28
N LEU C 1049 -17.60 7.40 -26.63
CA LEU C 1049 -18.86 7.92 -27.15
C LEU C 1049 -18.64 8.65 -28.46
N HIS C 1050 -17.65 9.54 -28.51
CA HIS C 1050 -17.36 10.27 -29.73
C HIS C 1050 -16.68 9.40 -30.78
N THR C 1051 -15.92 8.40 -30.35
CA THR C 1051 -15.18 7.55 -31.28
C THR C 1051 -16.14 6.72 -32.14
N GLU C 1052 -17.12 6.06 -31.51
CA GLU C 1052 -18.10 5.29 -32.25
C GLU C 1052 -19.07 6.15 -33.02
N LEU C 1053 -19.17 7.44 -32.69
CA LEU C 1053 -20.12 8.32 -33.34
C LEU C 1053 -19.52 8.96 -34.60
N GLU C 1054 -18.20 9.13 -34.64
CA GLU C 1054 -17.53 9.61 -35.84
C GLU C 1054 -17.60 8.59 -36.97
N ARG C 1055 -17.57 7.30 -36.65
CA ARG C 1055 -17.54 6.26 -37.67
C ARG C 1055 -18.88 6.13 -38.40
N LYS C 1056 -19.97 6.59 -37.79
CA LYS C 1056 -21.29 6.48 -38.39
C LYS C 1056 -21.58 7.62 -39.36
N LEU C 1057 -21.16 8.82 -39.02
CA LEU C 1057 -21.45 10.00 -39.83
C LEU C 1057 -20.56 10.06 -41.06
N PRO C 1058 -21.02 10.70 -42.14
CA PRO C 1058 -20.13 10.93 -43.29
C PRO C 1058 -19.10 12.00 -42.97
N HIS C 1059 -17.91 11.84 -43.57
CA HIS C 1059 -16.80 12.72 -43.28
C HIS C 1059 -16.97 14.13 -43.85
N VAL C 1060 -17.87 14.30 -44.82
CA VAL C 1060 -18.08 15.62 -45.42
C VAL C 1060 -18.81 16.57 -44.48
N TRP C 1061 -19.56 16.03 -43.51
CA TRP C 1061 -20.24 16.89 -42.54
C TRP C 1061 -19.31 17.30 -41.41
N LEU C 1062 -18.29 16.50 -41.13
CA LEU C 1062 -17.45 16.71 -39.95
C LEU C 1062 -16.52 17.91 -40.13
N GLN C 1063 -15.90 18.04 -41.31
CA GLN C 1063 -14.85 19.02 -41.52
C GLN C 1063 -15.36 20.46 -41.48
N ARG C 1064 -16.65 20.67 -41.68
CA ARG C 1064 -17.22 21.99 -41.43
C ARG C 1064 -17.27 22.29 -39.93
N VAL C 1065 -17.65 21.30 -39.12
CA VAL C 1065 -17.78 21.48 -37.68
C VAL C 1065 -16.56 20.98 -36.92
N ASP C 1066 -15.49 20.58 -37.60
CA ASP C 1066 -14.24 20.21 -36.95
C ASP C 1066 -13.39 21.46 -36.81
N LYS C 1067 -13.67 22.24 -35.77
CA LYS C 1067 -12.97 23.50 -35.56
C LYS C 1067 -11.54 23.28 -35.11
N MET C 1068 -10.68 24.21 -35.50
CA MET C 1068 -9.31 24.27 -35.02
C MET C 1068 -9.04 25.68 -34.50
N GLU C 1069 -8.17 25.77 -33.49
CA GLU C 1069 -7.80 27.03 -32.83
C GLU C 1069 -9.03 27.73 -32.25
N LEU C 1070 -9.61 27.10 -31.24
CA LEU C 1070 -10.75 27.67 -30.53
C LEU C 1070 -10.34 28.93 -29.77
N ILE C 1071 -11.12 30.01 -29.92
CA ILE C 1071 -10.95 31.23 -29.14
C ILE C 1071 -12.15 31.35 -28.20
N GLU C 1072 -11.88 31.53 -26.92
CA GLU C 1072 -12.91 31.69 -25.91
C GLU C 1072 -12.74 33.02 -25.20
N TYR C 1073 -13.70 33.93 -25.40
CA TYR C 1073 -13.57 35.29 -24.89
C TYR C 1073 -13.74 35.37 -23.38
N PRO C 1074 -14.59 34.54 -22.78
CA PRO C 1074 -14.71 34.68 -21.32
C PRO C 1074 -13.76 33.75 -20.57
N ASN C 1109 -2.42 3.71 -5.78
CA ASN C 1109 -2.18 4.94 -5.02
C ASN C 1109 -1.13 5.85 -5.68
N ASN C 1110 -0.20 6.39 -4.90
CA ASN C 1110 0.84 7.24 -5.46
C ASN C 1110 2.01 6.40 -5.94
N ASP C 1111 1.71 5.32 -6.67
CA ASP C 1111 2.76 4.47 -7.18
C ASP C 1111 3.47 5.12 -8.36
N ASP C 1112 2.79 6.01 -9.08
CA ASP C 1112 3.39 6.73 -10.19
C ASP C 1112 4.07 8.02 -9.76
N TYR C 1113 4.14 8.30 -8.46
CA TYR C 1113 4.92 9.43 -7.95
C TYR C 1113 6.17 8.99 -7.22
N ILE C 1114 6.13 7.84 -6.54
CA ILE C 1114 7.34 7.28 -5.96
C ILE C 1114 8.26 6.76 -7.06
N ASN C 1115 7.69 6.14 -8.08
CA ASN C 1115 8.50 5.62 -9.17
C ASN C 1115 8.96 6.70 -10.13
N ALA C 1116 8.40 7.91 -10.05
CA ALA C 1116 8.83 9.02 -10.88
C ALA C 1116 9.70 10.00 -10.11
N GLU C 1117 10.01 9.72 -8.86
CA GLU C 1117 10.96 10.51 -8.09
C GLU C 1117 12.21 9.73 -7.73
N LEU C 1118 12.06 8.42 -7.48
CA LEU C 1118 13.23 7.54 -7.40
C LEU C 1118 13.96 7.46 -8.73
N GLU C 1119 13.23 7.58 -9.84
CA GLU C 1119 13.89 7.63 -11.14
C GLU C 1119 14.57 8.98 -11.37
N ARG C 1120 14.07 10.03 -10.74
CA ARG C 1120 14.70 11.33 -10.87
C ARG C 1120 15.97 11.43 -10.03
N GLN C 1121 15.98 10.84 -8.85
CA GLN C 1121 17.19 10.83 -8.03
C GLN C 1121 18.26 9.91 -8.57
N ARG C 1122 17.90 8.95 -9.42
CA ARG C 1122 18.91 8.10 -10.02
C ARG C 1122 19.72 8.87 -11.07
N ARG C 1123 19.06 9.75 -11.81
CA ARG C 1123 19.76 10.61 -12.75
C ARG C 1123 20.56 11.70 -12.06
N LYS C 1124 20.20 12.06 -10.83
CA LYS C 1124 20.95 13.09 -10.12
C LYS C 1124 22.23 12.51 -9.50
N LEU C 1125 22.16 11.30 -8.95
CA LEU C 1125 23.34 10.64 -8.44
C LEU C 1125 24.31 10.22 -9.54
N ARG C 1126 23.83 10.09 -10.77
CA ARG C 1126 24.74 9.82 -11.88
C ARG C 1126 25.50 11.08 -12.29
N ASP C 1127 24.88 12.26 -12.13
CA ASP C 1127 25.59 13.48 -12.45
C ASP C 1127 26.60 13.85 -11.37
N ILE C 1128 26.31 13.52 -10.11
CA ILE C 1128 27.25 13.78 -9.04
C ILE C 1128 28.44 12.84 -9.16
N SER C 1129 28.21 11.60 -9.58
CA SER C 1129 29.30 10.64 -9.71
C SER C 1129 30.20 10.95 -10.89
N ARG C 1130 29.66 11.53 -11.97
CA ARG C 1130 30.51 11.87 -13.10
C ARG C 1130 31.27 13.16 -12.88
N MET C 1131 30.69 14.12 -12.16
CA MET C 1131 31.42 15.34 -11.82
C MET C 1131 32.54 15.04 -10.83
N LEU C 1132 32.35 14.05 -9.96
CA LEU C 1132 33.33 13.76 -8.94
C LEU C 1132 34.49 12.92 -9.48
N GLU C 1133 34.27 12.17 -10.55
CA GLU C 1133 35.36 11.43 -11.18
C GLU C 1133 36.19 12.31 -12.08
N GLN C 1134 35.60 13.34 -12.68
CA GLN C 1134 36.38 14.28 -13.47
C GLN C 1134 37.23 15.18 -12.58
N GLN C 1135 36.76 15.43 -11.36
CA GLN C 1135 37.50 16.25 -10.43
C GLN C 1135 38.59 15.47 -9.73
N HIS C 1136 38.36 14.18 -9.48
CA HIS C 1136 39.36 13.31 -8.87
C HIS C 1136 40.53 13.07 -9.81
N HIS C 1137 40.34 13.21 -11.12
CA HIS C 1137 41.46 13.14 -12.05
C HIS C 1137 42.33 14.38 -11.97
N LEU C 1138 41.74 15.54 -11.69
CA LEU C 1138 42.51 16.77 -11.66
C LEU C 1138 43.27 16.95 -10.35
N VAL C 1139 42.64 16.59 -9.23
CA VAL C 1139 43.30 16.66 -7.92
C VAL C 1139 44.49 15.72 -7.88
N ARG C 1140 44.34 14.55 -8.49
CA ARG C 1140 45.42 13.58 -8.58
C ARG C 1140 46.50 14.03 -9.56
N LEU C 1141 46.17 14.90 -10.50
CA LEU C 1141 47.19 15.47 -11.38
C LEU C 1141 48.02 16.53 -10.68
N ILE C 1142 47.40 17.28 -9.76
CA ILE C 1142 48.09 18.38 -9.08
C ILE C 1142 49.25 17.86 -8.26
N VAL C 1143 49.04 16.77 -7.52
CA VAL C 1143 50.11 16.22 -6.69
C VAL C 1143 51.20 15.54 -7.53
N GLN C 1144 50.94 15.26 -8.80
CA GLN C 1144 52.00 14.74 -9.66
C GLN C 1144 52.93 15.84 -10.13
N LYS C 1145 52.45 17.07 -10.22
CA LYS C 1145 53.19 18.17 -10.82
C LYS C 1145 53.25 19.39 -9.92
N MET C 1146 53.00 19.21 -8.62
CA MET C 1146 53.12 20.29 -7.66
C MET C 1146 54.58 20.51 -7.30
N GLU C 1147 54.94 21.77 -7.13
CA GLU C 1147 56.29 22.15 -6.75
C GLU C 1147 56.43 22.03 -5.23
N ILE C 1148 57.39 21.23 -4.78
CA ILE C 1148 57.63 21.01 -3.35
C ILE C 1148 59.09 21.33 -3.06
N LYS C 1149 59.33 22.45 -2.39
CA LYS C 1149 60.69 22.83 -2.00
C LYS C 1149 60.86 22.99 -0.49
N THR C 1150 60.04 23.80 0.15
CA THR C 1150 60.22 24.08 1.57
C THR C 1150 59.77 22.92 2.44
N GLU C 1151 58.67 22.28 2.07
CA GLU C 1151 58.11 21.20 2.87
C GLU C 1151 58.58 19.83 2.40
N ALA C 1152 59.71 19.76 1.71
CA ALA C 1152 60.28 18.49 1.30
C ALA C 1152 60.94 17.80 2.49
N ASP C 1153 60.75 16.49 2.57
CA ASP C 1153 61.34 15.70 3.65
C ASP C 1153 62.85 15.57 3.48
N ASN D 477 40.66 38.91 -21.60
CA ASN D 477 40.42 38.55 -20.19
C ASN D 477 40.01 39.68 -19.25
N GLU D 478 40.11 39.45 -17.96
CA GLU D 478 39.66 40.41 -16.96
C GLU D 478 40.85 41.12 -16.33
N SER D 479 40.54 42.16 -15.56
CA SER D 479 41.57 43.02 -14.99
C SER D 479 42.34 42.29 -13.89
N PRO D 480 43.61 42.66 -13.67
CA PRO D 480 44.38 42.04 -12.58
C PRO D 480 43.86 42.34 -11.19
N LEU D 481 43.04 43.37 -11.02
CA LEU D 481 42.39 43.60 -9.73
C LEU D 481 41.09 42.84 -9.61
N HIS D 482 40.37 42.64 -10.72
CA HIS D 482 39.17 41.81 -10.67
C HIS D 482 39.51 40.34 -10.52
N PHE D 483 40.70 39.92 -10.95
CA PHE D 483 41.14 38.55 -10.68
C PHE D 483 41.48 38.37 -9.21
N ALA D 484 42.22 39.33 -8.64
CA ALA D 484 42.71 39.16 -7.29
C ALA D 484 41.62 39.33 -6.25
N ALA D 485 40.60 40.14 -6.54
CA ALA D 485 39.60 40.44 -5.53
C ALA D 485 38.64 39.29 -5.31
N ARG D 486 38.42 38.45 -6.33
CA ARG D 486 37.43 37.39 -6.19
C ARG D 486 38.02 36.05 -5.75
N TYR D 487 39.34 35.90 -5.76
CA TYR D 487 39.97 34.65 -5.34
C TYR D 487 40.80 34.83 -4.07
N GLY D 488 40.35 35.68 -3.17
CA GLY D 488 41.08 35.91 -1.94
C GLY D 488 42.22 36.85 -2.22
N ARG D 489 43.45 36.34 -2.21
CA ARG D 489 44.61 36.91 -2.90
C ARG D 489 44.92 38.32 -2.38
N TYR D 490 45.32 38.36 -1.10
CA TYR D 490 45.31 39.60 -0.34
C TYR D 490 46.50 40.49 -0.66
N ASN D 491 47.72 39.92 -0.70
CA ASN D 491 48.90 40.74 -0.92
C ASN D 491 49.01 41.27 -2.35
N THR D 492 48.27 40.67 -3.28
CA THR D 492 48.21 41.20 -4.64
C THR D 492 47.24 42.37 -4.73
N VAL D 493 46.17 42.35 -3.95
CA VAL D 493 45.24 43.49 -3.89
C VAL D 493 45.92 44.69 -3.26
N ARG D 494 46.64 44.47 -2.16
CA ARG D 494 47.32 45.55 -1.46
C ARG D 494 48.45 46.14 -2.30
N GLN D 495 49.05 45.34 -3.18
CA GLN D 495 50.12 45.83 -4.04
C GLN D 495 49.60 46.58 -5.25
N LEU D 496 48.45 46.15 -5.80
CA LEU D 496 47.88 46.86 -6.94
C LEU D 496 47.28 48.20 -6.54
N LEU D 497 46.79 48.30 -5.31
CA LEU D 497 46.30 49.57 -4.80
C LEU D 497 47.42 50.46 -4.27
N ASP D 498 48.67 49.96 -4.29
CA ASP D 498 49.82 50.74 -3.89
C ASP D 498 50.49 51.42 -5.08
N SER D 499 50.13 51.02 -6.30
CA SER D 499 50.76 51.57 -7.50
C SER D 499 50.16 52.93 -7.86
N GLU D 500 50.73 53.55 -8.88
CA GLU D 500 50.23 54.85 -9.35
C GLU D 500 48.92 54.72 -10.11
N LYS D 501 48.64 53.54 -10.68
CA LYS D 501 47.36 53.29 -11.30
C LYS D 501 46.27 53.04 -10.25
N GLY D 502 46.67 52.71 -9.02
CA GLY D 502 45.73 52.29 -8.00
C GLY D 502 44.93 53.38 -7.32
N SER D 503 44.37 54.28 -8.10
CA SER D 503 43.47 55.32 -7.61
C SER D 503 42.16 55.34 -8.38
N PHE D 504 42.19 55.08 -9.68
CA PHE D 504 40.99 54.95 -10.48
C PHE D 504 40.68 53.52 -10.88
N ILE D 505 41.57 52.57 -10.59
CA ILE D 505 41.28 51.17 -10.85
C ILE D 505 40.42 50.57 -9.74
N ILE D 506 40.33 51.25 -8.59
CA ILE D 506 39.59 50.74 -7.45
C ILE D 506 38.08 50.82 -7.67
N ASN D 507 37.62 51.69 -8.57
CA ASN D 507 36.20 51.91 -8.77
C ASN D 507 35.78 51.58 -10.20
N GLU D 508 36.46 50.64 -10.83
CA GLU D 508 36.21 50.30 -12.23
C GLU D 508 35.30 49.08 -12.31
N SER D 509 34.23 49.21 -13.09
CA SER D 509 33.31 48.10 -13.30
C SER D 509 33.73 47.27 -14.50
N ASP D 510 33.11 46.11 -14.62
CA ASP D 510 33.30 45.19 -15.74
C ASP D 510 32.05 45.19 -16.61
N GLY D 511 32.01 44.24 -17.56
CA GLY D 511 30.86 44.14 -18.45
C GLY D 511 29.56 43.79 -17.73
N ALA D 512 29.65 43.06 -16.62
CA ALA D 512 28.49 42.82 -15.78
C ALA D 512 28.19 44.00 -14.86
N GLY D 513 29.09 44.97 -14.75
CA GLY D 513 28.85 46.17 -13.98
C GLY D 513 29.39 46.16 -12.56
N MET D 514 30.10 45.11 -12.15
CA MET D 514 30.53 44.96 -10.78
C MET D 514 31.90 45.57 -10.56
N THR D 515 32.05 46.36 -9.51
CA THR D 515 33.33 46.89 -9.08
C THR D 515 34.12 45.78 -8.38
N PRO D 516 35.39 46.00 -8.02
CA PRO D 516 36.06 45.03 -7.14
C PRO D 516 35.45 44.90 -5.75
N LEU D 517 34.66 45.88 -5.31
CA LEU D 517 33.98 45.76 -4.02
C LEU D 517 32.80 44.80 -4.10
N HIS D 518 32.18 44.68 -5.29
CA HIS D 518 31.08 43.75 -5.45
C HIS D 518 31.56 42.31 -5.48
N ILE D 519 32.64 42.05 -6.21
CA ILE D 519 33.03 40.66 -6.45
C ILE D 519 33.75 40.09 -5.23
N SER D 520 34.37 40.95 -4.44
CA SER D 520 35.05 40.50 -3.22
C SER D 520 34.04 40.05 -2.16
N SER D 521 32.86 40.65 -2.15
CA SER D 521 31.85 40.33 -1.16
C SER D 521 30.83 39.31 -1.68
N GLN D 522 30.67 39.21 -2.99
CA GLN D 522 29.88 38.11 -3.55
C GLN D 522 30.52 36.77 -3.26
N GLN D 523 31.85 36.71 -3.33
CA GLN D 523 32.62 35.51 -3.06
C GLN D 523 32.92 35.33 -1.58
N GLY D 524 32.65 36.32 -0.75
CA GLY D 524 32.76 36.15 0.68
C GLY D 524 34.14 36.26 1.26
N HIS D 525 34.99 37.11 0.69
CA HIS D 525 36.35 37.31 1.18
C HIS D 525 36.33 38.54 2.08
N THR D 526 36.37 38.30 3.39
CA THR D 526 36.00 39.33 4.34
C THR D 526 37.16 40.22 4.76
N ARG D 527 38.41 39.81 4.56
CA ARG D 527 39.52 40.69 4.85
C ARG D 527 40.12 41.32 3.60
N VAL D 528 39.60 40.99 2.43
CA VAL D 528 39.91 41.72 1.21
C VAL D 528 38.91 42.85 0.99
N VAL D 529 37.65 42.61 1.38
CA VAL D 529 36.62 43.64 1.27
C VAL D 529 36.82 44.73 2.33
N GLN D 530 37.54 44.41 3.40
CA GLN D 530 37.84 45.42 4.41
C GLN D 530 38.91 46.39 3.95
N LEU D 531 39.93 45.88 3.25
CA LEU D 531 40.99 46.75 2.73
C LEU D 531 40.47 47.64 1.61
N LEU D 532 39.47 47.19 0.86
CA LEU D 532 38.85 48.07 -0.12
C LEU D 532 38.05 49.18 0.53
N LEU D 533 37.59 49.01 1.76
CA LEU D 533 36.87 50.06 2.47
C LEU D 533 37.78 50.99 3.24
N ASN D 534 38.95 50.51 3.67
CA ASN D 534 39.92 51.41 4.29
C ASN D 534 40.55 52.35 3.27
N ARG D 535 40.60 51.94 2.00
CA ARG D 535 41.07 52.80 0.93
C ARG D 535 39.96 53.62 0.30
N GLY D 536 38.74 53.54 0.84
CA GLY D 536 37.64 54.37 0.39
C GLY D 536 37.11 54.04 -0.99
N ALA D 537 36.49 52.88 -1.15
CA ALA D 537 35.84 52.55 -2.39
C ALA D 537 34.41 53.08 -2.39
N LEU D 538 33.92 53.41 -3.59
CA LEU D 538 32.59 53.96 -3.71
C LEU D 538 31.55 52.86 -3.79
N LEU D 539 30.36 53.16 -3.30
CA LEU D 539 29.29 52.17 -3.20
C LEU D 539 28.37 52.23 -4.42
N HIS D 540 28.93 51.91 -5.57
CA HIS D 540 28.15 51.89 -6.79
C HIS D 540 27.27 50.65 -6.85
N ARG D 541 26.45 50.58 -7.88
CA ARG D 541 25.50 49.50 -8.06
C ARG D 541 25.65 48.95 -9.47
N ASP D 542 25.44 47.65 -9.62
CA ASP D 542 25.68 46.98 -10.89
C ASP D 542 24.50 47.20 -11.84
N HIS D 543 24.48 46.42 -12.93
CA HIS D 543 23.42 46.57 -13.92
C HIS D 543 22.08 46.06 -13.41
N THR D 544 22.09 45.13 -12.47
CA THR D 544 20.85 44.73 -11.81
C THR D 544 20.50 45.64 -10.64
N GLY D 545 21.37 46.56 -10.27
CA GLY D 545 21.04 47.54 -9.26
C GLY D 545 21.25 47.09 -7.84
N ARG D 546 22.24 46.25 -7.59
CA ARG D 546 22.44 45.64 -6.28
C ARG D 546 23.72 46.18 -5.63
N ASN D 547 23.65 46.43 -4.34
CA ASN D 547 24.78 46.89 -3.55
C ASN D 547 25.58 45.68 -3.05
N PRO D 548 26.74 45.88 -2.42
CA PRO D 548 27.46 44.71 -1.86
C PRO D 548 26.76 43.97 -0.72
N LEU D 549 25.72 44.53 -0.10
CA LEU D 549 24.97 43.75 0.90
C LEU D 549 24.15 42.67 0.25
N GLN D 550 23.53 42.97 -0.88
CA GLN D 550 22.61 42.03 -1.51
C GLN D 550 23.33 40.91 -2.22
N LEU D 551 24.53 41.16 -2.73
CA LEU D 551 25.27 40.10 -3.40
C LEU D 551 25.81 39.08 -2.40
N ALA D 552 26.23 39.55 -1.23
CA ALA D 552 26.68 38.63 -0.20
C ALA D 552 25.53 37.92 0.49
N ALA D 553 24.33 38.49 0.44
CA ALA D 553 23.16 37.84 0.99
C ALA D 553 22.64 36.74 0.08
N MET D 554 22.85 36.87 -1.23
CA MET D 554 22.47 35.80 -2.14
C MET D 554 23.36 34.58 -1.97
N SER D 555 24.57 34.76 -1.49
CA SER D 555 25.52 33.67 -1.34
C SER D 555 25.62 33.15 0.08
N GLY D 556 25.00 33.83 1.03
CA GLY D 556 24.93 33.32 2.39
C GLY D 556 26.18 33.48 3.21
N TYR D 557 27.00 34.48 2.91
CA TYR D 557 28.22 34.73 3.69
C TYR D 557 27.87 35.68 4.82
N THR D 558 27.81 35.15 6.03
CA THR D 558 27.30 35.87 7.18
C THR D 558 28.33 36.84 7.76
N GLU D 559 29.60 36.45 7.75
CA GLU D 559 30.62 37.27 8.38
C GLU D 559 30.95 38.53 7.59
N THR D 560 30.61 38.57 6.30
CA THR D 560 30.91 39.75 5.49
C THR D 560 29.76 40.74 5.39
N ILE D 561 28.55 40.37 5.84
CA ILE D 561 27.49 41.36 5.93
C ILE D 561 27.40 41.96 7.32
N GLU D 562 28.01 41.34 8.32
CA GLU D 562 28.15 41.96 9.62
C GLU D 562 29.26 42.99 9.64
N LEU D 563 30.16 42.94 8.66
CA LEU D 563 31.24 43.92 8.52
C LEU D 563 30.81 45.10 7.65
N LEU D 564 30.06 44.84 6.58
CA LEU D 564 29.57 45.92 5.75
C LEU D 564 28.48 46.74 6.44
N HIS D 565 27.75 46.12 7.37
CA HIS D 565 26.73 46.86 8.12
C HIS D 565 27.36 47.71 9.21
N SER D 566 28.52 47.31 9.73
CA SER D 566 29.17 48.07 10.79
C SER D 566 29.79 49.37 10.29
N VAL D 567 30.07 49.47 9.00
CA VAL D 567 30.67 50.67 8.43
C VAL D 567 29.70 51.44 7.53
N HIS D 568 28.72 50.77 6.94
CA HIS D 568 27.67 51.42 6.14
C HIS D 568 26.34 50.83 6.59
N SER D 569 25.67 51.52 7.51
CA SER D 569 24.41 51.02 8.06
C SER D 569 23.20 51.42 7.23
N HIS D 570 23.39 52.01 6.06
CA HIS D 570 22.28 52.45 5.23
C HIS D 570 22.12 51.60 3.97
N LEU D 571 22.89 50.52 3.84
CA LEU D 571 22.75 49.60 2.72
C LEU D 571 21.82 48.43 3.02
N LEU D 572 21.33 48.32 4.25
CA LEU D 572 20.45 47.22 4.62
C LEU D 572 19.09 47.36 3.95
N ASP D 573 18.48 48.54 4.08
CA ASP D 573 17.13 48.79 3.62
C ASP D 573 17.13 49.46 2.24
N GLN D 574 17.74 48.81 1.26
CA GLN D 574 17.72 49.31 -0.11
C GLN D 574 17.12 48.27 -1.04
N VAL D 575 16.79 48.73 -2.25
CA VAL D 575 16.12 47.89 -3.24
C VAL D 575 16.96 47.85 -4.50
N ASP D 576 16.45 47.20 -5.54
CA ASP D 576 17.16 47.04 -6.80
C ASP D 576 16.21 47.40 -7.94
N LYS D 577 16.59 47.00 -9.16
CA LYS D 577 15.78 47.26 -10.35
C LYS D 577 14.44 46.54 -10.29
N ASP D 578 14.36 45.38 -9.64
CA ASP D 578 13.11 44.66 -9.46
C ASP D 578 12.47 44.93 -8.10
N GLY D 579 13.01 45.85 -7.31
CA GLY D 579 12.41 46.20 -6.04
C GLY D 579 12.76 45.28 -4.88
N ASN D 580 13.53 44.23 -5.12
CA ASN D 580 13.84 43.26 -4.07
C ASN D 580 14.87 43.82 -3.09
N THR D 581 14.66 43.55 -1.81
CA THR D 581 15.64 43.88 -0.78
C THR D 581 16.55 42.68 -0.56
N ALA D 582 17.31 42.70 0.55
CA ALA D 582 18.19 41.60 0.86
C ALA D 582 17.44 40.38 1.39
N LEU D 583 16.33 40.59 2.10
CA LEU D 583 15.52 39.46 2.53
C LEU D 583 14.82 38.77 1.37
N HIS D 584 14.53 39.51 0.30
CA HIS D 584 13.93 38.89 -0.86
C HIS D 584 14.93 38.01 -1.59
N LEU D 585 16.18 38.46 -1.66
CA LEU D 585 17.20 37.73 -2.40
C LEU D 585 17.74 36.54 -1.65
N ALA D 586 17.70 36.58 -0.32
CA ALA D 586 18.15 35.43 0.47
C ALA D 586 17.11 34.32 0.52
N THR D 587 15.84 34.62 0.25
CA THR D 587 14.82 33.58 0.19
C THR D 587 14.59 33.02 -1.20
N MET D 588 14.99 33.74 -2.24
CA MET D 588 14.90 33.19 -3.58
C MET D 588 15.94 32.10 -3.82
N GLU D 589 16.98 32.02 -2.99
CA GLU D 589 18.04 31.04 -3.16
C GLU D 589 18.28 30.20 -1.93
N ASN D 590 17.35 30.21 -0.96
CA ASN D 590 17.29 29.30 0.18
C ASN D 590 18.56 29.38 1.04
N LYS D 591 18.73 30.54 1.67
CA LYS D 591 19.86 30.81 2.56
C LYS D 591 19.32 31.05 3.96
N PRO D 592 19.03 29.98 4.72
CA PRO D 592 18.36 30.17 6.01
C PRO D 592 19.22 30.82 7.07
N HIS D 593 20.53 30.63 7.03
CA HIS D 593 21.38 31.17 8.07
C HIS D 593 21.60 32.67 7.91
N ALA D 594 21.39 33.20 6.72
CA ALA D 594 21.47 34.65 6.52
C ALA D 594 20.20 35.35 6.97
N ILE D 595 19.04 34.69 6.81
CA ILE D 595 17.75 35.29 7.16
C ILE D 595 17.66 35.56 8.65
N SER D 596 18.28 34.71 9.46
CA SER D 596 18.34 34.95 10.90
C SER D 596 19.28 36.09 11.27
N VAL D 597 20.11 36.55 10.34
CA VAL D 597 21.07 37.61 10.61
C VAL D 597 20.60 38.89 9.94
N LEU D 598 19.94 38.75 8.79
CA LEU D 598 19.31 39.90 8.14
C LEU D 598 18.19 40.49 8.99
N MET D 599 17.55 39.68 9.82
CA MET D 599 16.42 40.15 10.62
C MET D 599 16.78 40.43 12.07
N SER D 600 17.92 39.94 12.55
CA SER D 600 18.37 40.32 13.88
C SER D 600 18.98 41.72 13.91
N MET D 601 19.20 42.35 12.75
CA MET D 601 19.67 43.72 12.67
C MET D 601 18.62 44.67 12.14
N GLY D 602 17.37 44.23 12.04
CA GLY D 602 16.28 45.12 11.73
C GLY D 602 16.12 45.51 10.27
N CYS D 603 15.84 44.53 9.41
CA CYS D 603 15.54 44.83 8.02
C CYS D 603 14.06 45.18 7.88
N LYS D 604 13.76 46.09 6.95
CA LYS D 604 12.39 46.52 6.73
C LYS D 604 11.67 45.50 5.84
N LEU D 605 10.52 45.03 6.30
CA LEU D 605 9.70 44.11 5.53
C LEU D 605 8.84 44.92 4.56
N VAL D 606 9.27 45.01 3.31
CA VAL D 606 8.54 45.78 2.30
C VAL D 606 8.14 44.87 1.16
N TYR D 607 7.50 45.43 0.14
CA TYR D 607 7.07 44.69 -1.04
C TYR D 607 7.88 45.13 -2.24
N ASN D 608 7.92 44.29 -3.26
CA ASN D 608 8.63 44.59 -4.49
C ASN D 608 7.69 45.14 -5.55
N VAL D 609 8.18 45.24 -6.78
CA VAL D 609 7.37 45.74 -7.89
C VAL D 609 6.25 44.76 -8.24
N LEU D 610 6.53 43.46 -8.13
CA LEU D 610 5.52 42.43 -8.33
C LEU D 610 4.79 42.08 -7.05
N ASP D 611 4.65 43.06 -6.14
CA ASP D 611 3.85 43.12 -4.90
C ASP D 611 3.78 41.80 -4.13
N MET D 612 4.95 41.18 -3.97
CA MET D 612 5.15 40.06 -3.07
C MET D 612 6.11 40.45 -1.96
N SER D 613 6.13 39.65 -0.90
CA SER D 613 6.99 39.87 0.24
C SER D 613 8.03 38.76 0.32
N ALA D 614 8.83 38.80 1.39
CA ALA D 614 9.80 37.74 1.62
C ALA D 614 9.13 36.44 2.00
N ILE D 615 7.98 36.51 2.66
CA ILE D 615 7.27 35.30 3.07
C ILE D 615 6.55 34.70 1.87
N ASP D 616 6.21 35.54 0.90
CA ASP D 616 5.48 35.06 -0.28
C ASP D 616 6.35 34.17 -1.15
N TYR D 617 7.66 34.43 -1.22
CA TYR D 617 8.52 33.56 -2.01
C TYR D 617 8.83 32.25 -1.29
N ALA D 618 8.89 32.26 0.03
CA ALA D 618 9.18 31.03 0.77
C ALA D 618 8.02 30.05 0.73
N ILE D 619 6.81 30.53 0.51
CA ILE D 619 5.64 29.65 0.38
C ILE D 619 5.43 29.26 -1.08
N TYR D 620 5.71 30.17 -2.01
CA TYR D 620 5.54 29.86 -3.43
C TYR D 620 6.59 28.88 -3.92
N TYR D 621 7.86 29.14 -3.64
CA TYR D 621 8.91 28.20 -4.00
C TYR D 621 8.95 26.99 -3.08
N LYS D 622 8.24 27.02 -1.94
CA LYS D 622 8.17 25.95 -0.95
C LYS D 622 9.54 25.60 -0.39
N TYR D 623 10.15 26.58 0.28
CA TYR D 623 11.32 26.31 1.09
C TYR D 623 10.91 26.30 2.55
N PRO D 624 10.78 25.13 3.18
CA PRO D 624 10.34 25.11 4.59
C PRO D 624 11.36 25.70 5.56
N GLU D 625 12.65 25.39 5.42
CA GLU D 625 13.62 25.90 6.38
C GLU D 625 14.01 27.35 6.14
N ALA D 626 13.52 27.97 5.07
CA ALA D 626 13.67 29.41 4.88
C ALA D 626 12.52 30.19 5.48
N ALA D 627 11.30 29.65 5.39
CA ALA D 627 10.17 30.26 6.08
C ALA D 627 10.25 30.06 7.58
N LEU D 628 10.84 28.95 8.01
CA LEU D 628 10.93 28.64 9.43
C LEU D 628 11.94 29.52 10.14
N ALA D 629 12.84 30.17 9.41
CA ALA D 629 13.81 31.08 10.00
C ALA D 629 13.24 32.46 10.26
N MET D 630 11.99 32.72 9.87
CA MET D 630 11.39 34.03 10.09
C MET D 630 9.98 34.01 10.66
N VAL D 631 9.28 32.88 10.66
CA VAL D 631 8.06 32.78 11.46
C VAL D 631 8.34 32.20 12.84
N THR D 632 9.57 31.77 13.09
CA THR D 632 9.98 31.26 14.39
C THR D 632 11.17 32.08 14.91
N HIS D 633 11.30 33.31 14.42
CA HIS D 633 12.33 34.22 14.89
C HIS D 633 12.02 34.64 16.33
N GLU D 634 13.05 35.02 17.06
CA GLU D 634 12.88 35.25 18.49
C GLU D 634 12.19 36.57 18.79
N GLU D 635 12.47 37.63 18.02
CA GLU D 635 11.94 38.95 18.34
C GLU D 635 10.97 39.49 17.32
N ARG D 636 11.03 39.07 16.07
CA ARG D 636 10.22 39.65 15.02
C ARG D 636 9.25 38.63 14.41
N ALA D 637 8.86 37.63 15.21
CA ALA D 637 7.92 36.61 14.72
C ALA D 637 6.53 37.19 14.56
N ASN D 638 6.14 38.11 15.45
CA ASN D 638 4.79 38.66 15.41
C ASN D 638 4.61 39.64 14.27
N GLU D 639 5.68 40.32 13.87
CA GLU D 639 5.58 41.25 12.75
C GLU D 639 5.53 40.51 11.42
N VAL D 640 6.16 39.35 11.35
CA VAL D 640 6.11 38.51 10.16
C VAL D 640 4.72 37.93 9.97
N MET D 641 4.06 37.57 11.06
CA MET D 641 2.77 36.92 10.96
C MET D 641 1.64 37.90 10.62
N ALA D 642 1.87 39.19 10.80
CA ALA D 642 0.88 40.20 10.46
C ALA D 642 1.25 40.90 9.15
N LEU D 643 0.99 40.21 8.04
CA LEU D 643 1.11 40.80 6.71
C LEU D 643 -0.15 40.60 5.91
N ARG D 644 -0.39 41.53 4.98
CA ARG D 644 -1.55 41.54 4.11
C ARG D 644 -1.06 41.62 2.67
N SER D 645 -1.46 40.66 1.85
CA SER D 645 -0.97 40.58 0.48
C SER D 645 -2.13 40.29 -0.46
N ASP D 646 -1.79 39.98 -1.71
CA ASP D 646 -2.76 39.60 -2.73
C ASP D 646 -2.69 38.12 -3.07
N LYS D 647 -1.47 37.57 -3.15
CA LYS D 647 -1.32 36.14 -3.33
C LYS D 647 -1.72 35.38 -2.07
N HIS D 648 -1.40 35.94 -0.90
CA HIS D 648 -1.73 35.33 0.38
C HIS D 648 -2.30 36.42 1.29
N PRO D 649 -3.63 36.54 1.39
CA PRO D 649 -4.21 37.60 2.24
C PRO D 649 -4.00 37.38 3.73
N CYS D 650 -3.75 36.15 4.16
CA CYS D 650 -3.48 35.85 5.56
C CYS D 650 -2.46 34.73 5.60
N VAL D 651 -1.35 34.94 6.30
CA VAL D 651 -0.24 34.01 6.19
C VAL D 651 -0.47 32.75 7.03
N THR D 652 -1.20 32.86 8.14
CA THR D 652 -1.48 31.67 8.94
C THR D 652 -2.55 30.79 8.33
N LEU D 653 -3.28 31.28 7.34
CA LEU D 653 -4.14 30.43 6.52
C LEU D 653 -3.43 29.93 5.27
N ALA D 654 -2.28 30.50 4.95
CA ALA D 654 -1.50 30.05 3.80
C ALA D 654 -0.47 29.02 4.18
N LEU D 655 -0.03 29.00 5.43
CA LEU D 655 0.90 27.97 5.88
C LEU D 655 0.19 26.63 6.05
N ILE D 656 -1.00 26.64 6.65
CA ILE D 656 -1.74 25.40 6.89
C ILE D 656 -2.34 24.82 5.62
N ALA D 657 -2.36 25.57 4.53
CA ALA D 657 -2.77 25.03 3.25
C ALA D 657 -1.59 24.49 2.44
N SER D 658 -0.44 25.16 2.49
CA SER D 658 0.69 24.79 1.65
C SER D 658 1.64 23.84 2.37
N MET D 659 2.22 24.27 3.49
CA MET D 659 3.19 23.48 4.22
C MET D 659 2.89 23.44 5.71
N PRO D 660 2.25 22.37 6.20
CA PRO D 660 1.81 22.35 7.60
C PRO D 660 2.89 22.05 8.61
N LYS D 661 4.05 21.52 8.20
CA LYS D 661 5.10 21.25 9.17
C LYS D 661 5.78 22.53 9.65
N VAL D 662 5.63 23.62 8.90
CA VAL D 662 6.07 24.92 9.41
C VAL D 662 5.13 25.41 10.49
N PHE D 663 3.84 25.14 10.34
CA PHE D 663 2.86 25.60 11.33
C PHE D 663 2.84 24.69 12.56
N GLU D 664 3.38 23.47 12.45
CA GLU D 664 3.63 22.65 13.63
C GLU D 664 4.59 23.34 14.61
N ALA D 665 5.60 24.03 14.07
CA ALA D 665 6.58 24.68 14.91
C ALA D 665 6.11 26.02 15.45
N VAL D 666 5.18 26.68 14.75
CA VAL D 666 4.61 27.91 15.27
C VAL D 666 3.71 27.62 16.46
N GLN D 667 3.00 26.48 16.43
CA GLN D 667 2.18 26.08 17.55
C GLN D 667 3.02 25.61 18.74
N ASP D 668 4.21 25.06 18.49
CA ASP D 668 5.06 24.64 19.60
C ASP D 668 5.70 25.82 20.32
N LYS D 669 5.78 26.98 19.69
CA LYS D 669 6.27 28.19 20.35
C LYS D 669 5.21 28.86 21.21
N CYS D 670 3.95 28.45 21.10
CA CYS D 670 2.87 29.06 21.85
C CYS D 670 2.59 28.37 23.17
N ILE D 671 3.28 27.27 23.48
CA ILE D 671 3.13 26.58 24.75
C ILE D 671 4.41 26.82 25.56
N THR D 672 4.40 27.89 26.35
CA THR D 672 5.58 28.32 27.10
C THR D 672 5.45 27.85 28.54
N LYS D 673 6.28 26.87 28.91
CA LYS D 673 6.23 26.28 30.24
C LYS D 673 7.16 27.01 31.20
N ALA D 674 6.69 27.20 32.43
CA ALA D 674 7.50 27.83 33.46
C ALA D 674 8.56 26.87 33.97
N ASN D 675 9.58 27.42 34.64
CA ASN D 675 10.72 26.65 35.10
C ASN D 675 10.65 26.25 36.57
N CYS D 676 9.46 26.27 37.17
CA CYS D 676 9.29 25.80 38.55
C CYS D 676 9.06 24.30 38.52
N LYS D 677 10.16 23.56 38.36
CA LYS D 677 10.09 22.12 38.18
C LYS D 677 9.79 21.36 39.47
N LYS D 678 9.89 22.01 40.62
CA LYS D 678 9.80 21.30 41.89
C LYS D 678 8.34 21.17 42.34
N ASP D 679 7.96 19.94 42.69
CA ASP D 679 6.73 19.56 43.39
C ASP D 679 5.44 19.89 42.63
N SER D 680 5.53 20.34 41.37
CA SER D 680 4.43 20.93 40.61
C SER D 680 3.72 22.03 41.42
N LYS D 681 4.50 22.92 42.05
CA LYS D 681 3.89 23.97 42.90
C LYS D 681 3.53 25.24 42.13
N SER D 682 4.39 25.69 41.22
CA SER D 682 4.04 26.79 40.35
C SER D 682 4.38 26.48 38.89
N PHE D 683 4.31 25.19 38.52
CA PHE D 683 4.61 24.75 37.16
C PHE D 683 3.38 24.99 36.30
N TYR D 684 3.25 26.19 35.77
CA TYR D 684 2.10 26.56 34.96
C TYR D 684 2.48 26.61 33.49
N ILE D 685 1.61 26.07 32.64
CA ILE D 685 1.78 26.13 31.19
C ILE D 685 0.92 27.28 30.69
N LYS D 686 1.49 28.11 29.83
CA LYS D 686 0.86 29.34 29.36
C LYS D 686 0.49 29.14 27.88
N TYR D 687 -0.80 29.13 27.59
CA TYR D 687 -1.33 28.91 26.25
C TYR D 687 -1.75 30.25 25.67
N SER D 688 -0.97 30.77 24.73
CA SER D 688 -1.29 32.03 24.06
C SER D 688 -1.63 31.71 22.62
N PHE D 689 -2.89 31.92 22.23
CA PHE D 689 -3.31 31.41 20.93
C PHE D 689 -2.90 32.39 19.83
N ALA D 690 -3.57 33.55 19.75
CA ALA D 690 -3.17 34.75 19.03
C ALA D 690 -2.99 34.62 17.52
N PHE D 691 -3.07 33.41 16.97
CA PHE D 691 -2.75 33.08 15.59
C PHE D 691 -3.92 32.29 15.03
N LEU D 692 -4.58 31.53 15.91
CA LEU D 692 -5.76 30.77 15.55
C LEU D 692 -6.96 31.67 15.31
N GLN D 693 -6.93 32.91 15.80
CA GLN D 693 -7.94 33.91 15.51
C GLN D 693 -7.38 34.88 14.49
N CYS D 694 -8.02 34.96 13.32
CA CYS D 694 -7.59 35.86 12.28
C CYS D 694 -8.45 37.12 12.34
N PRO D 695 -7.89 38.28 12.68
CA PRO D 695 -8.68 39.52 12.70
C PRO D 695 -9.11 39.95 11.32
N PHE D 696 -8.17 40.02 10.42
CA PHE D 696 -8.49 40.41 9.06
C PHE D 696 -9.00 39.25 8.20
N MET D 697 -8.37 38.10 8.18
CA MET D 697 -8.96 37.06 7.32
C MET D 697 -8.95 35.72 7.95
N ALA D 712 -14.42 42.14 9.82
CA ALA D 712 -13.83 41.76 8.54
C ALA D 712 -14.57 40.58 7.92
N SER D 713 -14.30 39.37 8.42
CA SER D 713 -14.94 38.16 7.92
C SER D 713 -15.92 37.63 8.95
N PRO D 714 -17.16 37.31 8.56
CA PRO D 714 -18.11 36.66 9.48
C PRO D 714 -17.98 35.13 9.49
N ILE D 715 -16.75 34.65 9.58
CA ILE D 715 -16.47 33.22 9.73
C ILE D 715 -16.00 32.99 11.16
N PRO D 716 -16.65 32.11 11.92
CA PRO D 716 -16.38 32.03 13.36
C PRO D 716 -15.03 31.47 13.77
N LEU D 717 -14.67 30.28 13.27
CA LEU D 717 -13.38 29.65 13.57
C LEU D 717 -12.64 29.52 12.25
N PRO D 718 -11.91 30.56 11.82
CA PRO D 718 -11.35 30.52 10.47
C PRO D 718 -10.14 29.62 10.32
N ALA D 719 -9.29 29.54 11.35
CA ALA D 719 -8.08 28.72 11.23
C ALA D 719 -8.39 27.24 11.34
N LEU D 720 -9.31 26.88 12.23
CA LEU D 720 -9.65 25.47 12.41
C LEU D 720 -10.51 24.94 11.28
N ASN D 721 -11.36 25.78 10.68
CA ASN D 721 -12.14 25.33 9.53
C ASN D 721 -11.30 25.21 8.27
N THR D 722 -10.13 25.84 8.23
CA THR D 722 -9.26 25.70 7.06
C THR D 722 -8.48 24.40 7.14
N MET D 723 -8.02 24.02 8.32
CA MET D 723 -7.27 22.77 8.46
C MET D 723 -8.17 21.54 8.53
N VAL D 724 -9.47 21.69 8.31
CA VAL D 724 -10.38 20.57 8.11
C VAL D 724 -10.64 20.31 6.63
N THR D 725 -10.83 21.38 5.84
CA THR D 725 -11.03 21.24 4.41
C THR D 725 -9.78 20.73 3.69
N HIS D 726 -8.61 20.84 4.31
CA HIS D 726 -7.39 20.29 3.77
C HIS D 726 -7.01 18.95 4.38
N GLY D 727 -7.71 18.51 5.41
CA GLY D 727 -7.43 17.22 6.01
C GLY D 727 -6.19 17.19 6.87
N ARG D 728 -5.85 18.29 7.51
CA ARG D 728 -4.63 18.41 8.32
C ARG D 728 -4.92 17.86 9.72
N VAL D 729 -4.85 16.54 9.84
CA VAL D 729 -5.26 15.90 11.08
C VAL D 729 -4.20 16.02 12.17
N GLU D 730 -2.95 16.33 11.82
CA GLU D 730 -1.93 16.48 12.86
C GLU D 730 -1.96 17.86 13.49
N LEU D 731 -2.38 18.87 12.73
CA LEU D 731 -2.57 20.20 13.30
C LEU D 731 -3.78 20.23 14.24
N LEU D 732 -4.82 19.47 13.93
CA LEU D 732 -6.01 19.45 14.78
C LEU D 732 -5.77 18.69 16.08
N ALA D 733 -4.88 17.71 16.06
CA ALA D 733 -4.61 16.91 17.26
C ALA D 733 -3.49 17.48 18.11
N HIS D 734 -2.91 18.60 17.72
CA HIS D 734 -1.84 19.24 18.47
C HIS D 734 -2.40 19.88 19.74
N PRO D 735 -1.66 19.86 20.84
CA PRO D 735 -2.19 20.37 22.12
C PRO D 735 -2.44 21.88 22.18
N LEU D 736 -2.21 22.65 21.12
CA LEU D 736 -2.68 24.03 21.15
C LEU D 736 -4.10 24.13 20.62
N SER D 737 -4.44 23.33 19.61
CA SER D 737 -5.81 23.33 19.10
C SER D 737 -6.76 22.64 20.06
N GLN D 738 -6.29 21.62 20.78
CA GLN D 738 -7.16 20.92 21.74
C GLN D 738 -7.51 21.80 22.92
N LYS D 739 -6.55 22.60 23.40
CA LYS D 739 -6.84 23.51 24.49
C LYS D 739 -7.61 24.74 24.05
N TYR D 740 -7.65 25.02 22.74
CA TYR D 740 -8.49 26.09 22.24
C TYR D 740 -9.93 25.63 22.10
N LEU D 741 -10.15 24.35 21.80
CA LEU D 741 -11.51 23.84 21.70
C LEU D 741 -12.14 23.62 23.07
N GLN D 742 -11.41 22.99 24.00
CA GLN D 742 -12.01 22.75 25.31
C GLN D 742 -11.92 23.96 26.23
N MET D 743 -11.42 25.09 25.76
CA MET D 743 -11.71 26.35 26.42
C MET D 743 -13.06 26.88 25.96
N LYS D 744 -13.36 26.75 24.67
CA LYS D 744 -14.66 27.16 24.14
C LYS D 744 -15.75 26.16 24.53
N TRP D 745 -15.37 24.92 24.84
CA TRP D 745 -16.34 23.93 25.28
C TRP D 745 -16.81 24.22 26.70
N ASN D 746 -15.86 24.37 27.63
CA ASN D 746 -16.18 24.55 29.05
C ASN D 746 -16.68 25.93 29.40
N SER D 747 -16.86 26.83 28.44
CA SER D 747 -17.37 28.17 28.73
C SER D 747 -18.82 28.35 28.33
N TYR D 748 -19.18 27.97 27.11
CA TYR D 748 -20.57 28.10 26.68
C TYR D 748 -21.09 26.82 26.02
N GLY D 749 -20.20 26.06 25.39
CA GLY D 749 -20.61 25.01 24.50
C GLY D 749 -21.03 23.71 25.17
N LYS D 750 -20.61 23.53 26.42
CA LYS D 750 -20.96 22.32 27.14
C LYS D 750 -22.41 22.35 27.56
N TYR D 751 -23.01 23.53 27.67
CA TYR D 751 -24.35 23.66 28.21
C TYR D 751 -25.40 23.96 27.14
N PHE D 752 -25.01 24.25 25.91
CA PHE D 752 -25.96 24.27 24.82
C PHE D 752 -26.02 22.93 24.09
N HIS D 753 -25.29 21.94 24.58
CA HIS D 753 -25.32 20.57 24.10
C HIS D 753 -25.94 19.61 25.09
N LEU D 754 -25.68 19.82 26.38
CA LEU D 754 -26.32 19.00 27.40
C LEU D 754 -27.79 19.39 27.58
N ALA D 755 -28.08 20.68 27.55
CA ALA D 755 -29.48 21.11 27.69
C ALA D 755 -30.29 20.86 26.44
N ASN D 756 -29.65 20.63 25.30
CA ASN D 756 -30.39 20.31 24.09
C ASN D 756 -30.76 18.84 24.06
N LEU D 757 -29.86 17.96 24.49
CA LEU D 757 -30.11 16.54 24.50
C LEU D 757 -30.96 16.10 25.66
N LEU D 758 -31.15 16.96 26.67
CA LEU D 758 -31.96 16.59 27.82
C LEU D 758 -33.38 17.10 27.72
N ILE D 759 -33.64 18.18 26.98
CA ILE D 759 -35.02 18.58 26.79
C ILE D 759 -35.66 17.88 25.60
N TYR D 760 -34.86 17.23 24.74
CA TYR D 760 -35.45 16.35 23.75
C TYR D 760 -35.80 15.00 24.36
N SER D 761 -35.00 14.53 25.31
CA SER D 761 -35.24 13.25 25.95
C SER D 761 -36.34 13.32 27.01
N ILE D 762 -36.91 14.49 27.26
CA ILE D 762 -38.19 14.55 27.96
C ILE D 762 -39.32 14.36 26.97
N PHE D 763 -39.17 14.91 25.76
CA PHE D 763 -40.18 14.73 24.73
C PHE D 763 -40.26 13.30 24.23
N LEU D 764 -39.12 12.61 24.19
CA LEU D 764 -39.10 11.23 23.70
C LEU D 764 -39.81 10.27 24.64
N VAL D 765 -39.83 10.57 25.95
CA VAL D 765 -40.46 9.67 26.90
C VAL D 765 -41.91 10.01 27.16
N PHE D 766 -42.41 11.13 26.65
CA PHE D 766 -43.84 11.40 26.72
C PHE D 766 -44.57 11.08 25.43
N VAL D 767 -43.86 10.88 24.32
CA VAL D 767 -44.49 10.32 23.13
C VAL D 767 -44.58 8.81 23.25
N THR D 768 -43.60 8.19 23.90
CA THR D 768 -43.60 6.73 24.07
C THR D 768 -44.65 6.31 25.09
N ILE D 769 -44.83 7.08 26.16
CA ILE D 769 -45.83 6.75 27.17
C ILE D 769 -47.24 7.00 26.64
N TYR D 770 -47.43 8.07 25.87
CA TYR D 770 -48.76 8.39 25.37
C TYR D 770 -49.27 7.38 24.36
N SER D 771 -48.38 6.76 23.60
CA SER D 771 -48.80 5.73 22.66
C SER D 771 -49.16 4.43 23.38
N SER D 772 -48.47 4.12 24.47
CA SER D 772 -48.79 2.92 25.23
C SER D 772 -50.03 3.09 26.08
N LEU D 773 -50.43 4.33 26.37
CA LEU D 773 -51.67 4.59 27.07
C LEU D 773 -52.86 4.70 26.13
N MET D 774 -52.63 5.08 24.88
CA MET D 774 -53.71 5.15 23.90
C MET D 774 -54.12 3.75 23.44
N MET D 775 -53.21 2.78 23.51
CA MET D 775 -53.53 1.43 23.09
C MET D 775 -54.21 0.63 24.18
N ASN D 776 -53.94 0.95 25.44
CA ASN D 776 -54.58 0.26 26.55
C ASN D 776 -55.86 0.94 26.99
N ASN D 777 -56.23 2.08 26.41
CA ASN D 777 -57.45 2.79 26.74
C ASN D 777 -58.19 3.08 25.45
N ILE D 778 -58.96 2.12 24.98
CA ILE D 778 -59.76 2.26 23.76
C ILE D 778 -61.08 1.54 24.00
N GLU D 779 -62.16 2.08 23.44
CA GLU D 779 -63.50 1.62 23.76
C GLU D 779 -64.30 1.41 22.48
N LEU D 780 -65.53 0.92 22.66
CA LEU D 780 -66.49 0.58 21.61
C LEU D 780 -65.93 -0.40 20.58
N GLU D 819 -67.22 2.83 15.10
CA GLU D 819 -66.79 3.98 15.87
C GLU D 819 -66.09 3.54 17.15
N GLU D 820 -65.04 4.27 17.54
CA GLU D 820 -64.32 4.00 18.77
C GLU D 820 -63.96 5.31 19.44
N ARG D 821 -63.59 5.23 20.72
CA ARG D 821 -63.27 6.42 21.49
C ARG D 821 -62.26 6.06 22.58
N ILE D 822 -61.60 7.08 23.11
CA ILE D 822 -60.58 6.91 24.14
C ILE D 822 -61.17 7.31 25.49
N ASN D 823 -60.94 6.48 26.51
CA ASN D 823 -61.16 6.89 27.89
C ASN D 823 -60.19 8.01 28.25
N ARG D 824 -60.69 9.23 28.37
CA ARG D 824 -59.86 10.40 28.68
C ARG D 824 -59.49 10.35 30.15
N THR D 825 -58.36 9.71 30.43
CA THR D 825 -57.84 9.55 31.78
C THR D 825 -56.98 10.75 32.13
N THR D 826 -56.82 11.01 33.44
CA THR D 826 -55.95 12.10 33.89
C THR D 826 -54.48 11.81 33.64
N ALA D 827 -54.10 10.55 33.39
CA ALA D 827 -52.72 10.25 33.04
C ALA D 827 -52.46 10.47 31.55
N ILE D 828 -53.44 10.21 30.69
CA ILE D 828 -53.26 10.48 29.27
C ILE D 828 -53.48 11.95 28.94
N LEU D 829 -54.01 12.73 29.87
CA LEU D 829 -54.21 14.14 29.64
C LEU D 829 -52.99 14.94 30.05
N PHE D 830 -52.31 14.52 31.11
CA PHE D 830 -51.07 15.18 31.50
C PHE D 830 -49.96 14.90 30.49
N CYS D 831 -49.94 13.71 29.92
CA CYS D 831 -48.99 13.42 28.83
C CYS D 831 -49.38 14.14 27.55
N ALA D 832 -50.64 14.53 27.41
CA ALA D 832 -51.07 15.27 26.22
C ALA D 832 -50.61 16.72 26.27
N VAL D 833 -50.62 17.33 27.46
CA VAL D 833 -50.32 18.76 27.58
C VAL D 833 -48.82 19.01 27.44
N VAL D 834 -47.98 18.11 27.96
CA VAL D 834 -46.54 18.24 27.87
C VAL D 834 -46.06 18.17 26.42
N ILE D 835 -46.76 17.40 25.59
CA ILE D 835 -46.40 17.31 24.18
C ILE D 835 -46.75 18.60 23.45
N VAL D 836 -47.94 19.14 23.68
CA VAL D 836 -48.37 20.32 22.93
C VAL D 836 -47.66 21.59 23.41
N VAL D 837 -47.18 21.61 24.65
CA VAL D 837 -46.36 22.74 25.12
C VAL D 837 -44.98 22.68 24.48
N TYR D 838 -44.44 21.48 24.29
CA TYR D 838 -43.13 21.34 23.65
C TYR D 838 -43.17 21.73 22.17
N ILE D 839 -44.31 21.52 21.50
CA ILE D 839 -44.39 21.89 20.08
C ILE D 839 -44.41 23.40 19.92
N LEU D 840 -45.17 24.10 20.76
CA LEU D 840 -45.28 25.55 20.67
C LEU D 840 -43.97 26.23 21.04
N LEU D 841 -43.29 25.70 22.06
CA LEU D 841 -42.02 26.28 22.48
C LEU D 841 -40.90 25.98 21.50
N ASN D 842 -40.98 24.88 20.75
CA ASN D 842 -39.97 24.56 19.75
C ASN D 842 -40.40 24.97 18.35
N SER D 843 -41.57 25.59 18.20
CA SER D 843 -41.88 26.29 16.96
C SER D 843 -41.49 27.76 17.03
N MET D 844 -41.31 28.30 18.24
CA MET D 844 -40.72 29.62 18.41
C MET D 844 -39.20 29.58 18.31
N ARG D 845 -38.60 28.40 18.16
CA ARG D 845 -37.17 28.29 17.91
C ARG D 845 -36.90 28.11 16.42
N GLU D 846 -37.80 27.46 15.70
CA GLU D 846 -37.60 27.22 14.27
C GLU D 846 -38.40 28.20 13.40
N LEU D 847 -38.73 29.37 13.93
CA LEU D 847 -39.11 30.51 13.12
C LEU D 847 -38.11 31.64 13.20
N ILE D 848 -37.39 31.76 14.32
CA ILE D 848 -36.18 32.57 14.37
C ILE D 848 -35.12 31.98 13.46
N GLN D 849 -35.09 30.65 13.33
CA GLN D 849 -34.11 29.96 12.48
C GLN D 849 -34.34 30.25 11.00
N ILE D 850 -35.60 30.49 10.59
CA ILE D 850 -35.87 30.75 9.18
C ILE D 850 -35.37 32.12 8.76
N TYR D 851 -35.34 33.09 9.70
CA TYR D 851 -34.83 34.42 9.38
C TYR D 851 -33.33 34.39 9.11
N GLN D 852 -32.59 33.57 9.85
CA GLN D 852 -31.15 33.46 9.66
C GLN D 852 -30.75 32.49 8.57
N GLN D 853 -31.70 31.70 8.06
CA GLN D 853 -31.41 30.65 7.09
C GLN D 853 -32.46 30.72 5.98
N LYS D 854 -32.66 31.92 5.42
CA LYS D 854 -33.67 32.18 4.40
C LYS D 854 -33.44 31.39 3.11
N LEU D 855 -34.34 30.44 2.84
CA LEU D 855 -34.45 29.60 1.64
C LEU D 855 -33.30 28.61 1.47
N HIS D 856 -32.31 28.61 2.34
CA HIS D 856 -31.39 27.49 2.48
C HIS D 856 -31.76 26.62 3.68
N TYR D 857 -32.97 26.81 4.21
CA TYR D 857 -33.49 26.02 5.31
C TYR D 857 -33.96 24.66 4.83
N ILE D 858 -34.43 24.58 3.58
CA ILE D 858 -34.97 23.33 3.05
C ILE D 858 -33.86 22.34 2.67
N LEU D 859 -32.63 22.83 2.51
CA LEU D 859 -31.51 21.96 2.10
C LEU D 859 -30.88 21.21 3.27
N GLU D 860 -31.35 21.43 4.50
CA GLU D 860 -30.68 20.89 5.67
C GLU D 860 -30.98 19.40 5.86
N THR D 861 -32.24 19.00 5.64
CA THR D 861 -32.83 17.65 5.63
C THR D 861 -32.95 17.08 7.05
N VAL D 862 -32.37 17.76 8.03
CA VAL D 862 -32.60 17.41 9.43
C VAL D 862 -33.77 18.23 9.98
N ASN D 863 -34.02 19.39 9.39
CA ASN D 863 -35.18 20.18 9.79
C ASN D 863 -36.48 19.61 9.25
N LEU D 864 -36.45 18.97 8.08
CA LEU D 864 -37.67 18.40 7.54
C LEU D 864 -38.10 17.15 8.30
N ILE D 865 -37.15 16.47 8.95
CA ILE D 865 -37.51 15.39 9.88
C ILE D 865 -38.25 15.98 11.08
N SER D 866 -37.86 17.17 11.52
CA SER D 866 -38.48 17.77 12.69
C SER D 866 -39.85 18.35 12.39
N TRP D 867 -40.14 18.71 11.15
CA TRP D 867 -41.47 19.24 10.86
C TRP D 867 -42.48 18.14 10.64
N VAL D 868 -42.07 16.99 10.12
CA VAL D 868 -42.99 15.86 10.02
C VAL D 868 -43.26 15.29 11.40
N LEU D 869 -42.27 15.34 12.28
CA LEU D 869 -42.42 14.82 13.64
C LEU D 869 -43.36 15.69 14.47
N TYR D 870 -43.33 17.00 14.28
CA TYR D 870 -44.12 17.89 15.13
C TYR D 870 -45.58 17.94 14.68
N ILE D 871 -45.83 17.87 13.37
CA ILE D 871 -47.20 17.86 12.87
C ILE D 871 -47.88 16.54 13.21
N SER D 872 -47.16 15.42 13.08
CA SER D 872 -47.74 14.11 13.35
C SER D 872 -48.00 13.90 14.83
N ALA D 873 -47.22 14.51 15.71
CA ALA D 873 -47.47 14.41 17.13
C ALA D 873 -48.59 15.33 17.60
N LEU D 874 -49.05 16.25 16.76
CA LEU D 874 -50.25 17.02 17.05
C LEU D 874 -51.51 16.30 16.60
N VAL D 875 -51.46 15.60 15.48
CA VAL D 875 -52.62 14.83 15.02
C VAL D 875 -52.87 13.65 15.95
N MET D 876 -51.81 13.08 16.51
CA MET D 876 -51.92 11.99 17.48
C MET D 876 -52.63 12.43 18.75
N VAL D 877 -52.45 13.69 19.15
CA VAL D 877 -52.80 14.13 20.49
C VAL D 877 -54.19 14.79 20.55
N THR D 878 -54.80 15.08 19.40
CA THR D 878 -56.12 15.71 19.39
C THR D 878 -57.31 14.92 19.96
N PRO D 879 -57.38 13.58 19.96
CA PRO D 879 -58.53 12.93 20.62
C PRO D 879 -58.55 13.06 22.13
N ALA D 880 -57.48 13.54 22.77
CA ALA D 880 -57.50 13.80 24.21
C ALA D 880 -58.05 15.18 24.54
N PHE D 881 -58.34 16.00 23.53
CA PHE D 881 -58.77 17.36 23.71
C PHE D 881 -60.21 17.61 23.31
N GLN D 882 -60.87 16.64 22.70
CA GLN D 882 -62.24 16.82 22.27
C GLN D 882 -63.20 16.19 23.27
N PRO D 883 -64.43 16.73 23.40
CA PRO D 883 -65.41 16.10 24.29
C PRO D 883 -65.83 14.73 23.79
N ASP D 884 -66.17 14.65 22.51
CA ASP D 884 -66.35 13.37 21.84
C ASP D 884 -64.96 12.90 21.41
N GLY D 885 -64.25 12.27 22.35
CA GLY D 885 -62.88 11.85 22.08
C GLY D 885 -62.80 10.65 21.17
N GLY D 886 -63.18 10.81 19.92
CA GLY D 886 -63.23 9.71 18.99
C GLY D 886 -61.89 9.49 18.29
N ILE D 887 -61.71 8.28 17.79
CA ILE D 887 -60.48 7.88 17.14
C ILE D 887 -60.83 7.50 15.69
N ASN D 888 -59.82 7.58 14.82
CA ASN D 888 -59.95 7.18 13.43
C ASN D 888 -58.65 6.52 13.00
N THR D 889 -58.60 6.10 11.74
CA THR D 889 -57.38 5.51 11.20
C THR D 889 -56.35 6.56 10.80
N ILE D 890 -56.63 7.85 10.97
CA ILE D 890 -55.62 8.88 10.79
C ILE D 890 -54.85 9.13 12.08
N HIS D 891 -55.38 8.67 13.22
CA HIS D 891 -54.69 8.85 14.48
C HIS D 891 -53.77 7.68 14.80
N TYR D 892 -54.13 6.48 14.36
CA TYR D 892 -53.21 5.35 14.44
C TYR D 892 -52.04 5.55 13.51
N SER D 893 -52.27 6.14 12.34
CA SER D 893 -51.20 6.34 11.39
C SER D 893 -50.28 7.47 11.81
N ALA D 894 -50.83 8.50 12.46
CA ALA D 894 -50.00 9.58 12.96
C ALA D 894 -49.20 9.16 14.18
N ALA D 895 -49.73 8.24 14.98
CA ALA D 895 -49.01 7.78 16.16
C ALA D 895 -47.84 6.90 15.79
N SER D 896 -47.94 6.16 14.68
CA SER D 896 -46.83 5.29 14.28
C SER D 896 -45.73 6.06 13.57
N ILE D 897 -46.05 7.17 12.93
CA ILE D 897 -45.03 8.01 12.32
C ILE D 897 -44.32 8.84 13.40
N ALA D 898 -45.06 9.26 14.43
CA ALA D 898 -44.47 10.06 15.48
C ALA D 898 -43.54 9.25 16.37
N VAL D 899 -43.88 7.99 16.63
CA VAL D 899 -43.04 7.16 17.48
C VAL D 899 -41.80 6.68 16.74
N PHE D 900 -41.92 6.41 15.44
CA PHE D 900 -40.76 6.03 14.66
C PHE D 900 -39.77 7.19 14.51
N LEU D 901 -40.27 8.37 14.16
CA LEU D 901 -39.38 9.50 13.95
C LEU D 901 -38.86 10.10 15.24
N SER D 902 -39.48 9.83 16.38
CA SER D 902 -38.93 10.30 17.65
C SER D 902 -37.68 9.53 18.04
N TRP D 903 -37.68 8.22 17.77
CA TRP D 903 -36.53 7.39 18.07
C TRP D 903 -35.51 7.41 16.96
N PHE D 904 -35.90 7.72 15.72
CA PHE D 904 -34.90 7.84 14.66
C PHE D 904 -34.12 9.13 14.79
N ARG D 905 -34.72 10.16 15.37
CA ARG D 905 -34.03 11.43 15.56
C ARG D 905 -33.11 11.40 16.78
N LEU D 906 -33.25 10.39 17.64
CA LEU D 906 -32.30 10.21 18.73
C LEU D 906 -30.96 9.72 18.23
N LEU D 907 -30.93 9.00 17.10
CA LEU D 907 -29.65 8.57 16.53
C LEU D 907 -28.85 9.74 15.99
N LEU D 908 -29.50 10.86 15.66
CA LEU D 908 -28.77 12.01 15.16
C LEU D 908 -28.06 12.77 16.27
N PHE D 909 -28.40 12.49 17.53
CA PHE D 909 -27.68 13.06 18.67
C PHE D 909 -26.49 12.22 19.07
N LEU D 910 -26.52 10.92 18.81
CA LEU D 910 -25.46 10.01 19.22
C LEU D 910 -24.31 9.95 18.22
N GLN D 911 -24.29 10.83 17.21
CA GLN D 911 -23.13 10.91 16.33
C GLN D 911 -21.90 11.43 17.07
N ARG D 912 -22.12 12.22 18.11
CA ARG D 912 -21.09 13.08 18.66
C ARG D 912 -20.52 12.57 19.98
N PHE D 913 -20.75 11.31 20.32
CA PHE D 913 -20.17 10.72 21.51
C PHE D 913 -18.96 9.90 21.12
N ASP D 914 -18.39 9.19 22.10
CA ASP D 914 -17.19 8.40 21.89
C ASP D 914 -17.51 6.92 22.04
N GLN D 915 -16.98 6.12 21.12
CA GLN D 915 -17.16 4.67 20.93
C GLN D 915 -18.56 4.28 20.50
N VAL D 916 -19.50 5.21 20.43
CA VAL D 916 -20.85 4.95 19.97
C VAL D 916 -21.22 6.02 18.96
N GLY D 917 -20.22 6.74 18.47
CA GLY D 917 -20.50 7.83 17.56
C GLY D 917 -19.94 7.58 16.18
N ILE D 918 -18.99 6.66 16.09
CA ILE D 918 -18.44 6.31 14.79
C ILE D 918 -19.35 5.33 14.06
N TYR D 919 -20.21 4.61 14.77
CA TYR D 919 -21.08 3.64 14.13
C TYR D 919 -22.36 4.25 13.60
N VAL D 920 -22.68 5.49 13.99
CA VAL D 920 -23.79 6.20 13.38
C VAL D 920 -23.31 6.97 12.15
N VAL D 921 -22.03 7.33 12.11
CA VAL D 921 -21.46 7.92 10.90
C VAL D 921 -21.36 6.87 9.79
N MET D 922 -21.07 5.62 10.16
CA MET D 922 -21.07 4.54 9.18
C MET D 922 -22.48 4.21 8.70
N PHE D 923 -23.48 4.37 9.55
CA PHE D 923 -24.86 4.09 9.17
C PHE D 923 -25.38 5.12 8.18
N LEU D 924 -25.13 6.39 8.45
CA LEU D 924 -25.63 7.47 7.62
C LEU D 924 -24.79 7.75 6.40
N GLU D 925 -23.67 7.06 6.23
CA GLU D 925 -22.89 7.16 5.00
C GLU D 925 -23.19 6.03 4.02
N ILE D 926 -23.46 4.81 4.52
CA ILE D 926 -23.96 3.78 3.62
C ILE D 926 -25.45 3.90 3.35
N LEU D 927 -26.13 4.86 4.00
CA LEU D 927 -27.49 5.24 3.65
C LEU D 927 -27.54 6.26 2.52
N GLN D 928 -26.51 7.11 2.39
CA GLN D 928 -26.48 8.06 1.29
C GLN D 928 -26.15 7.38 -0.03
N THR D 929 -25.35 6.33 -0.01
CA THR D 929 -25.05 5.58 -1.22
C THR D 929 -26.24 4.72 -1.64
N LEU D 930 -26.94 4.17 -0.67
CA LEU D 930 -28.04 3.25 -0.95
C LEU D 930 -29.30 3.97 -1.45
N ILE D 931 -29.39 5.28 -1.29
CA ILE D 931 -30.48 6.01 -1.92
C ILE D 931 -30.16 6.30 -3.38
N LYS D 932 -28.90 6.60 -3.68
CA LYS D 932 -28.50 6.82 -5.07
C LYS D 932 -28.51 5.57 -5.91
N VAL D 933 -28.52 4.39 -5.30
CA VAL D 933 -28.44 3.14 -6.05
C VAL D 933 -29.77 2.37 -6.02
N LEU D 934 -30.70 2.74 -5.15
CA LEU D 934 -32.05 2.19 -5.22
C LEU D 934 -33.02 3.10 -5.95
N MET D 935 -32.53 4.14 -6.61
CA MET D 935 -33.32 4.83 -7.62
C MET D 935 -32.86 4.49 -9.03
N VAL D 936 -31.60 4.09 -9.19
CA VAL D 936 -31.14 3.56 -10.47
C VAL D 936 -31.71 2.16 -10.68
N PHE D 937 -31.63 1.32 -9.66
CA PHE D 937 -32.09 -0.05 -9.74
C PHE D 937 -33.47 -0.24 -9.15
N SER D 938 -34.29 0.81 -9.19
CA SER D 938 -35.73 0.64 -9.19
C SER D 938 -36.25 0.44 -10.60
N ILE D 939 -35.36 0.46 -11.59
CA ILE D 939 -35.72 0.11 -12.96
C ILE D 939 -35.83 -1.39 -13.10
N LEU D 940 -35.04 -2.15 -12.35
CA LEU D 940 -35.15 -3.61 -12.35
C LEU D 940 -36.32 -4.12 -11.51
N ILE D 941 -36.93 -3.29 -10.67
CA ILE D 941 -38.13 -3.72 -9.98
C ILE D 941 -39.37 -3.44 -10.82
N ILE D 942 -39.35 -2.38 -11.62
CA ILE D 942 -40.41 -2.15 -12.59
C ILE D 942 -40.31 -3.16 -13.73
N ALA D 943 -39.10 -3.63 -14.04
CA ALA D 943 -38.91 -4.60 -15.11
C ALA D 943 -39.49 -5.96 -14.73
N PHE D 944 -39.11 -6.49 -13.57
CA PHE D 944 -39.63 -7.77 -13.12
C PHE D 944 -41.05 -7.66 -12.59
N GLY D 945 -41.38 -6.56 -11.90
CA GLY D 945 -42.68 -6.44 -11.29
C GLY D 945 -43.82 -6.32 -12.29
N LEU D 946 -43.53 -5.78 -13.46
CA LEU D 946 -44.51 -5.81 -14.55
C LEU D 946 -44.48 -7.12 -15.30
N ALA D 947 -43.35 -7.83 -15.28
CA ALA D 947 -43.28 -9.12 -15.96
C ALA D 947 -44.03 -10.19 -15.19
N PHE D 948 -44.01 -10.13 -13.86
CA PHE D 948 -44.80 -11.09 -13.07
C PHE D 948 -46.28 -10.73 -13.06
N TYR D 949 -46.64 -9.50 -13.38
CA TYR D 949 -48.05 -9.14 -13.49
C TYR D 949 -48.67 -9.70 -14.76
N ILE D 950 -47.90 -9.76 -15.86
CA ILE D 950 -48.39 -10.34 -17.09
C ILE D 950 -48.63 -11.83 -16.94
N LEU D 951 -47.75 -12.51 -16.21
CA LEU D 951 -47.71 -13.96 -16.21
C LEU D 951 -48.56 -14.60 -15.12
N LEU D 952 -48.77 -13.93 -13.99
CA LEU D 952 -49.30 -14.59 -12.80
C LEU D 952 -50.57 -13.93 -12.27
N SER D 953 -51.26 -13.12 -13.07
CA SER D 953 -52.44 -12.42 -12.57
C SER D 953 -53.75 -13.03 -13.01
N LYS D 954 -53.80 -13.70 -14.16
CA LYS D 954 -55.02 -14.35 -14.63
C LYS D 954 -55.04 -15.84 -14.33
N ILE D 955 -54.49 -16.25 -13.20
CA ILE D 955 -54.56 -17.65 -12.78
C ILE D 955 -55.94 -17.91 -12.21
N ILE D 956 -56.62 -18.92 -12.75
CA ILE D 956 -57.98 -19.24 -12.34
C ILE D 956 -57.95 -19.87 -10.95
N ASP D 957 -58.94 -19.50 -10.11
CA ASP D 957 -59.03 -19.75 -8.68
C ASP D 957 -57.79 -19.19 -7.99
N PRO D 958 -57.69 -17.85 -7.86
CA PRO D 958 -56.49 -17.26 -7.25
C PRO D 958 -56.38 -17.57 -5.77
N GLN D 959 -55.37 -18.37 -5.42
CA GLN D 959 -55.07 -18.72 -4.05
C GLN D 959 -54.48 -17.52 -3.32
N PRO D 960 -54.37 -17.58 -1.98
CA PRO D 960 -53.58 -16.58 -1.24
C PRO D 960 -52.14 -16.38 -1.68
N ASN D 961 -51.57 -17.36 -2.38
CA ASN D 961 -50.23 -17.20 -2.95
C ASN D 961 -50.22 -16.16 -4.06
N HIS D 962 -51.08 -16.32 -5.07
CA HIS D 962 -51.08 -15.48 -6.25
C HIS D 962 -51.98 -14.27 -6.13
N LEU D 963 -52.42 -13.95 -4.93
CA LEU D 963 -53.28 -12.81 -4.74
C LEU D 963 -52.48 -11.53 -4.62
N SER D 964 -51.16 -11.63 -4.55
CA SER D 964 -50.26 -10.48 -4.47
C SER D 964 -49.73 -10.04 -5.82
N PHE D 965 -50.12 -10.69 -6.91
CA PHE D 965 -49.77 -10.24 -8.25
C PHE D 965 -50.98 -9.77 -9.03
N SER D 966 -52.04 -9.34 -8.36
CA SER D 966 -53.25 -8.92 -9.03
C SER D 966 -53.30 -7.42 -9.31
N ASN D 967 -52.33 -6.67 -8.81
CA ASN D 967 -52.20 -5.25 -9.10
C ASN D 967 -50.79 -4.97 -9.61
N ILE D 968 -50.61 -3.78 -10.17
CA ILE D 968 -49.27 -3.27 -10.46
C ILE D 968 -48.61 -2.67 -9.20
N PRO D 969 -49.27 -1.90 -8.32
CA PRO D 969 -48.56 -1.51 -7.09
C PRO D 969 -48.30 -2.64 -6.11
N MET D 970 -49.07 -3.73 -6.17
CA MET D 970 -48.83 -4.83 -5.25
C MET D 970 -47.77 -5.79 -5.80
N SER D 971 -47.59 -5.82 -7.12
CA SER D 971 -46.53 -6.62 -7.71
C SER D 971 -45.16 -6.00 -7.55
N LEU D 972 -45.11 -4.69 -7.29
CA LEU D 972 -43.82 -4.05 -7.09
C LEU D 972 -43.34 -4.20 -5.65
N LEU D 973 -44.27 -4.34 -4.70
CA LEU D 973 -43.88 -4.66 -3.32
C LEU D 973 -43.53 -6.12 -3.18
N ARG D 974 -44.20 -6.99 -3.92
CA ARG D 974 -43.91 -8.42 -3.83
C ARG D 974 -42.55 -8.74 -4.41
N THR D 975 -42.21 -8.09 -5.55
CA THR D 975 -40.92 -8.29 -6.19
C THR D 975 -39.78 -7.78 -5.32
N PHE D 976 -40.02 -6.73 -4.55
CA PHE D 976 -38.99 -6.24 -3.65
C PHE D 976 -38.84 -7.12 -2.41
N SER D 977 -39.88 -7.84 -2.02
CA SER D 977 -39.77 -8.69 -0.85
C SER D 977 -39.18 -10.05 -1.18
N MET D 978 -39.28 -10.50 -2.43
CA MET D 978 -38.79 -11.81 -2.82
C MET D 978 -37.37 -11.76 -3.34
N MET D 979 -36.69 -10.63 -3.21
CA MET D 979 -35.25 -10.58 -3.30
C MET D 979 -34.59 -10.58 -1.93
N LEU D 980 -35.38 -10.51 -0.87
CA LEU D 980 -34.88 -10.64 0.49
C LEU D 980 -34.95 -12.06 1.02
N GLY D 981 -35.53 -12.99 0.26
CA GLY D 981 -35.46 -14.38 0.64
C GLY D 981 -36.75 -15.16 0.52
N GLU D 982 -37.89 -14.49 0.49
CA GLU D 982 -39.19 -15.16 0.48
C GLU D 982 -39.65 -15.32 -0.96
N LEU D 983 -39.08 -16.30 -1.63
CA LEU D 983 -39.31 -16.47 -3.05
C LEU D 983 -40.49 -17.39 -3.34
N ASP D 984 -40.75 -18.34 -2.44
CA ASP D 984 -41.90 -19.25 -2.47
C ASP D 984 -41.96 -20.05 -3.76
N PHE D 985 -40.91 -20.85 -3.98
CA PHE D 985 -40.78 -21.59 -5.22
C PHE D 985 -41.81 -22.71 -5.31
N VAL D 986 -42.02 -23.44 -4.23
CA VAL D 986 -42.84 -24.64 -4.26
C VAL D 986 -44.26 -24.36 -3.79
N GLY D 987 -44.69 -23.11 -3.79
CA GLY D 987 -46.06 -22.82 -3.44
C GLY D 987 -46.78 -22.05 -4.53
N THR D 988 -46.00 -21.31 -5.33
CA THR D 988 -46.54 -20.46 -6.38
C THR D 988 -46.20 -20.93 -7.78
N TYR D 989 -45.23 -21.83 -7.92
CA TYR D 989 -44.82 -22.31 -9.23
C TYR D 989 -44.95 -23.82 -9.36
N VAL D 990 -44.59 -24.58 -8.33
CA VAL D 990 -44.57 -26.03 -8.47
C VAL D 990 -45.96 -26.62 -8.34
N ASN D 991 -46.69 -26.27 -7.28
CA ASN D 991 -47.99 -26.90 -7.06
C ASN D 991 -49.06 -26.40 -8.00
N THR D 992 -48.88 -25.23 -8.59
CA THR D 992 -49.82 -24.79 -9.60
C THR D 992 -49.49 -25.31 -10.99
N TYR D 993 -48.28 -25.81 -11.19
CA TYR D 993 -47.93 -26.41 -12.47
C TYR D 993 -48.47 -27.83 -12.57
N TYR D 994 -48.48 -28.57 -11.46
CA TYR D 994 -48.97 -29.93 -11.47
C TYR D 994 -50.47 -30.03 -11.23
N ARG D 995 -51.11 -28.95 -10.80
CA ARG D 995 -52.56 -28.87 -10.84
C ARG D 995 -53.07 -28.34 -12.17
N ASP D 996 -52.17 -28.11 -13.13
CA ASP D 996 -52.46 -27.55 -14.45
C ASP D 996 -53.17 -26.20 -14.33
N GLN D 997 -52.65 -25.35 -13.44
CA GLN D 997 -53.23 -24.02 -13.22
C GLN D 997 -52.29 -22.88 -13.56
N LEU D 998 -51.01 -23.16 -13.80
CA LEU D 998 -50.09 -22.10 -14.18
C LEU D 998 -50.37 -21.70 -15.63
N LYS D 999 -50.58 -20.41 -15.85
CA LYS D 999 -51.14 -19.94 -17.12
C LYS D 999 -50.14 -20.06 -18.26
N VAL D 1000 -48.95 -19.49 -18.09
CA VAL D 1000 -47.90 -19.57 -19.09
C VAL D 1000 -46.75 -20.36 -18.48
N PRO D 1001 -46.69 -21.68 -18.69
CA PRO D 1001 -45.75 -22.52 -17.93
C PRO D 1001 -44.27 -22.28 -18.20
N MET D 1002 -43.82 -22.40 -19.44
CA MET D 1002 -42.39 -22.41 -19.71
C MET D 1002 -41.74 -21.03 -19.62
N THR D 1003 -42.52 -19.95 -19.69
CA THR D 1003 -41.97 -18.62 -19.56
C THR D 1003 -41.94 -18.17 -18.11
N SER D 1004 -42.85 -18.70 -17.29
CA SER D 1004 -42.83 -18.39 -15.87
C SER D 1004 -41.61 -18.97 -15.18
N PHE D 1005 -41.09 -20.09 -15.68
CA PHE D 1005 -39.85 -20.64 -15.16
C PHE D 1005 -38.62 -20.02 -15.81
N LEU D 1006 -38.78 -19.19 -16.83
CA LEU D 1006 -37.68 -18.46 -17.44
C LEU D 1006 -37.48 -17.09 -16.81
N ILE D 1007 -38.57 -16.37 -16.53
CA ILE D 1007 -38.48 -15.09 -15.85
C ILE D 1007 -38.06 -15.29 -14.40
N LEU D 1008 -38.51 -16.38 -13.77
CA LEU D 1008 -38.09 -16.68 -12.41
C LEU D 1008 -36.63 -17.09 -12.34
N SER D 1009 -36.15 -17.82 -13.34
CA SER D 1009 -34.76 -18.26 -13.34
C SER D 1009 -33.81 -17.10 -13.57
N VAL D 1010 -34.18 -16.16 -14.44
CA VAL D 1010 -33.36 -14.97 -14.64
C VAL D 1010 -33.56 -13.98 -13.50
N PHE D 1011 -34.66 -14.10 -12.74
CA PHE D 1011 -34.82 -13.32 -11.52
C PHE D 1011 -33.80 -13.74 -10.48
N MET D 1012 -33.67 -15.05 -10.25
CA MET D 1012 -32.81 -15.56 -9.18
C MET D 1012 -31.34 -15.33 -9.45
N ILE D 1013 -30.95 -15.18 -10.73
CA ILE D 1013 -29.57 -14.88 -11.06
C ILE D 1013 -29.19 -13.48 -10.59
N LEU D 1014 -30.04 -12.50 -10.85
CA LEU D 1014 -29.59 -11.12 -10.70
C LEU D 1014 -30.30 -10.30 -9.63
N MET D 1015 -31.51 -10.64 -9.21
CA MET D 1015 -32.02 -9.84 -8.10
C MET D 1015 -31.56 -10.33 -6.71
N PRO D 1016 -31.78 -11.58 -6.26
CA PRO D 1016 -31.32 -11.91 -4.91
C PRO D 1016 -29.86 -12.31 -4.82
N ILE D 1017 -29.22 -12.66 -5.92
CA ILE D 1017 -27.78 -12.89 -5.90
C ILE D 1017 -27.06 -11.61 -6.25
N LEU D 1018 -27.24 -11.11 -7.46
CA LEU D 1018 -26.30 -10.12 -7.99
C LEU D 1018 -26.57 -8.71 -7.50
N LEU D 1019 -27.83 -8.34 -7.28
CA LEU D 1019 -28.09 -7.00 -6.78
C LEU D 1019 -27.86 -6.91 -5.27
N MET D 1020 -28.13 -7.98 -4.55
CA MET D 1020 -27.84 -7.99 -3.12
C MET D 1020 -26.34 -8.07 -2.84
N ASN D 1021 -25.55 -8.60 -3.78
CA ASN D 1021 -24.11 -8.58 -3.62
C ASN D 1021 -23.50 -7.25 -4.05
N LEU D 1022 -24.19 -6.48 -4.88
CA LEU D 1022 -23.76 -5.11 -5.16
C LEU D 1022 -23.88 -4.27 -3.90
N LEU D 1023 -24.96 -4.47 -3.13
CA LEU D 1023 -25.17 -3.66 -1.94
C LEU D 1023 -24.25 -4.06 -0.80
N ILE D 1024 -23.85 -5.33 -0.73
CA ILE D 1024 -22.86 -5.74 0.26
C ILE D 1024 -21.50 -5.15 -0.08
N GLY D 1025 -21.11 -5.20 -1.36
CA GLY D 1025 -19.81 -4.72 -1.75
C GLY D 1025 -19.65 -3.22 -1.68
N LEU D 1026 -20.75 -2.48 -1.78
CA LEU D 1026 -20.68 -1.03 -1.60
C LEU D 1026 -20.57 -0.68 -0.12
N ALA D 1027 -21.09 -1.53 0.76
CA ALA D 1027 -21.06 -1.24 2.19
C ALA D 1027 -19.78 -1.67 2.84
N VAL D 1028 -19.08 -2.66 2.28
CA VAL D 1028 -17.76 -3.03 2.80
C VAL D 1028 -16.75 -1.94 2.48
N GLY D 1029 -16.88 -1.31 1.31
CA GLY D 1029 -15.94 -0.26 0.93
C GLY D 1029 -16.18 1.06 1.63
N ASP D 1030 -17.42 1.35 2.02
CA ASP D 1030 -17.69 2.59 2.74
C ASP D 1030 -17.31 2.50 4.20
N ILE D 1031 -17.33 1.30 4.80
CA ILE D 1031 -16.95 1.16 6.19
C ILE D 1031 -15.45 1.24 6.37
N GLU D 1032 -14.69 0.67 5.44
CA GLU D 1032 -13.24 0.79 5.53
C GLU D 1032 -12.72 2.13 5.04
N SER D 1033 -13.60 3.01 4.58
CA SER D 1033 -13.23 4.40 4.30
C SER D 1033 -13.50 5.31 5.48
N VAL D 1034 -14.54 5.02 6.28
CA VAL D 1034 -14.74 5.76 7.52
C VAL D 1034 -13.70 5.34 8.55
N ARG D 1035 -13.33 4.06 8.54
CA ARG D 1035 -12.44 3.53 9.58
C ARG D 1035 -11.00 4.00 9.40
N ARG D 1036 -10.57 4.24 8.16
CA ARG D 1036 -9.26 4.86 7.96
C ARG D 1036 -9.27 6.33 8.38
N ASN D 1037 -10.34 7.04 8.07
CA ASN D 1037 -10.48 8.45 8.38
C ASN D 1037 -11.25 8.69 9.67
N ALA D 1038 -11.09 7.80 10.64
CA ALA D 1038 -11.89 7.89 11.86
C ALA D 1038 -11.38 8.98 12.78
N GLN D 1039 -10.07 9.18 12.83
CA GLN D 1039 -9.48 10.15 13.74
C GLN D 1039 -9.56 11.57 13.21
N LEU D 1040 -9.96 11.76 11.96
CA LEU D 1040 -10.27 13.06 11.38
C LEU D 1040 -11.75 13.39 11.46
N LYS D 1041 -12.63 12.41 11.27
CA LYS D 1041 -14.06 12.66 11.37
C LYS D 1041 -14.52 12.97 12.78
N ARG D 1042 -13.79 12.51 13.79
CA ARG D 1042 -14.10 12.92 15.16
C ARG D 1042 -13.70 14.36 15.41
N LEU D 1043 -12.59 14.80 14.80
CA LEU D 1043 -12.11 16.17 14.99
C LEU D 1043 -12.84 17.16 14.10
N ALA D 1044 -13.21 16.75 12.89
CA ALA D 1044 -13.98 17.63 12.01
C ALA D 1044 -15.41 17.83 12.51
N MET D 1045 -15.92 16.92 13.33
CA MET D 1045 -17.25 17.06 13.90
C MET D 1045 -17.23 17.91 15.16
N GLN D 1046 -16.10 17.88 15.89
CA GLN D 1046 -15.94 18.73 17.07
C GLN D 1046 -15.86 20.20 16.68
N VAL D 1047 -15.29 20.52 15.53
CA VAL D 1047 -15.15 21.90 15.12
C VAL D 1047 -16.41 22.43 14.42
N VAL D 1048 -17.18 21.56 13.74
CA VAL D 1048 -18.41 22.01 13.12
C VAL D 1048 -19.53 22.14 14.15
N LEU D 1049 -19.36 21.53 15.33
CA LEU D 1049 -20.28 21.75 16.44
C LEU D 1049 -20.19 23.20 16.92
N HIS D 1050 -18.97 23.69 17.13
CA HIS D 1050 -18.78 25.06 17.59
C HIS D 1050 -19.02 26.07 16.48
N THR D 1051 -18.79 25.68 15.22
CA THR D 1051 -18.93 26.61 14.11
C THR D 1051 -20.39 26.99 13.90
N GLU D 1052 -21.29 26.00 13.87
CA GLU D 1052 -22.72 26.27 13.74
C GLU D 1052 -23.31 26.89 14.99
N LEU D 1053 -22.65 26.80 16.12
CA LEU D 1053 -23.18 27.31 17.36
C LEU D 1053 -22.82 28.78 17.57
N GLU D 1054 -21.69 29.22 17.01
CA GLU D 1054 -21.32 30.63 17.04
C GLU D 1054 -22.28 31.48 16.21
N ARG D 1055 -22.78 30.94 15.10
CA ARG D 1055 -23.63 31.71 14.19
C ARG D 1055 -25.01 31.99 14.78
N LYS D 1056 -25.43 31.20 15.77
CA LYS D 1056 -26.75 31.37 16.37
C LYS D 1056 -26.75 32.42 17.47
N LEU D 1057 -25.69 32.46 18.27
CA LEU D 1057 -25.61 33.36 19.42
C LEU D 1057 -25.29 34.78 18.97
N PRO D 1058 -25.70 35.79 19.74
CA PRO D 1058 -25.27 37.15 19.45
C PRO D 1058 -23.81 37.36 19.81
N HIS D 1059 -23.15 38.21 19.03
CA HIS D 1059 -21.71 38.43 19.19
C HIS D 1059 -21.35 39.18 20.46
N VAL D 1060 -22.31 39.88 21.08
CA VAL D 1060 -22.02 40.64 22.30
C VAL D 1060 -21.81 39.72 23.50
N TRP D 1061 -22.34 38.50 23.46
CA TRP D 1061 -22.13 37.57 24.56
C TRP D 1061 -20.79 36.84 24.43
N LEU D 1062 -20.29 36.70 23.19
CA LEU D 1062 -19.12 35.87 22.96
C LEU D 1062 -17.83 36.54 23.46
N GLN D 1063 -17.69 37.85 23.22
CA GLN D 1063 -16.43 38.53 23.49
C GLN D 1063 -16.10 38.62 24.98
N ARG D 1064 -17.09 38.49 25.85
CA ARG D 1064 -16.80 38.34 27.28
C ARG D 1064 -16.19 36.99 27.58
N VAL D 1065 -16.71 35.93 26.94
CA VAL D 1065 -16.23 34.57 27.18
C VAL D 1065 -15.25 34.09 26.13
N ASP D 1066 -14.83 34.97 25.20
CA ASP D 1066 -13.79 34.62 24.23
C ASP D 1066 -12.45 34.98 24.85
N LYS D 1067 -11.92 34.07 25.66
CA LYS D 1067 -10.67 34.32 26.36
C LYS D 1067 -9.48 34.25 25.40
N MET D 1068 -8.46 35.03 25.73
CA MET D 1068 -7.17 34.98 25.05
C MET D 1068 -6.09 34.83 26.11
N GLU D 1069 -5.00 34.15 25.73
CA GLU D 1069 -3.85 33.87 26.61
C GLU D 1069 -4.29 33.11 27.87
N LEU D 1070 -4.72 31.88 27.65
CA LEU D 1070 -5.10 31.01 28.76
C LEU D 1070 -3.89 30.64 29.61
N ILE D 1071 -4.03 30.77 30.93
CA ILE D 1071 -3.02 30.33 31.89
C ILE D 1071 -3.60 29.14 32.64
N GLU D 1072 -2.85 28.03 32.67
CA GLU D 1072 -3.26 26.82 33.37
C GLU D 1072 -2.21 26.47 34.41
N TYR D 1073 -2.59 26.55 35.69
CA TYR D 1073 -1.64 26.37 36.78
C TYR D 1073 -1.22 24.91 36.97
N PRO D 1074 -2.11 23.95 36.72
CA PRO D 1074 -1.65 22.57 36.91
C PRO D 1074 -1.10 21.96 35.62
N ASN D 1109 -2.00 5.48 4.37
CA ASN D 1109 -0.94 5.06 5.29
C ASN D 1109 0.11 6.16 5.50
N ASN D 1110 1.40 5.79 5.46
CA ASN D 1110 2.46 6.77 5.63
C ASN D 1110 2.81 7.39 4.29
N ASP D 1111 1.79 7.78 3.52
CA ASP D 1111 2.03 8.40 2.22
C ASP D 1111 2.53 9.83 2.38
N ASP D 1112 2.18 10.48 3.49
CA ASP D 1112 2.64 11.83 3.76
C ASP D 1112 3.98 11.87 4.50
N TYR D 1113 4.61 10.72 4.72
CA TYR D 1113 5.95 10.67 5.26
C TYR D 1113 6.98 10.25 4.23
N ILE D 1114 6.62 9.39 3.29
CA ILE D 1114 7.50 9.07 2.18
C ILE D 1114 7.61 10.26 1.23
N ASN D 1115 6.50 10.94 0.99
CA ASN D 1115 6.50 12.10 0.11
C ASN D 1115 7.09 13.34 0.76
N ALA D 1116 7.26 13.33 2.09
CA ALA D 1116 7.88 14.44 2.78
C ALA D 1116 9.32 14.16 3.16
N GLU D 1117 9.86 13.01 2.78
CA GLU D 1117 11.27 12.71 2.95
C GLU D 1117 11.99 12.57 1.62
N LEU D 1118 11.32 12.04 0.59
CA LEU D 1118 11.83 12.13 -0.76
C LEU D 1118 11.92 13.57 -1.24
N GLU D 1119 11.03 14.44 -0.77
CA GLU D 1119 11.13 15.85 -1.09
C GLU D 1119 12.27 16.52 -0.32
N ARG D 1120 12.62 15.98 0.84
CA ARG D 1120 13.72 16.53 1.61
C ARG D 1120 15.07 16.12 1.03
N GLN D 1121 15.18 14.89 0.54
CA GLN D 1121 16.43 14.46 -0.11
C GLN D 1121 16.64 15.10 -1.46
N ARG D 1122 15.58 15.61 -2.10
CA ARG D 1122 15.76 16.31 -3.36
C ARG D 1122 16.42 17.65 -3.16
N ARG D 1123 16.09 18.34 -2.07
CA ARG D 1123 16.76 19.58 -1.72
C ARG D 1123 18.17 19.37 -1.22
N LYS D 1124 18.49 18.18 -0.71
CA LYS D 1124 19.84 17.92 -0.24
C LYS D 1124 20.77 17.58 -1.40
N LEU D 1125 20.30 16.82 -2.38
CA LEU D 1125 21.09 16.54 -3.56
C LEU D 1125 21.28 17.77 -4.44
N ARG D 1126 20.42 18.77 -4.32
CA ARG D 1126 20.63 20.01 -5.04
C ARG D 1126 21.72 20.85 -4.39
N ASP D 1127 21.87 20.76 -3.07
CA ASP D 1127 22.94 21.49 -2.41
C ASP D 1127 24.30 20.83 -2.63
N ILE D 1128 24.33 19.51 -2.73
CA ILE D 1128 25.57 18.81 -3.00
C ILE D 1128 26.02 19.07 -4.43
N SER D 1129 25.07 19.16 -5.36
CA SER D 1129 25.41 19.40 -6.76
C SER D 1129 25.88 20.83 -6.99
N ARG D 1130 25.38 21.79 -6.23
CA ARG D 1130 25.84 23.17 -6.41
C ARG D 1130 27.16 23.42 -5.73
N MET D 1131 27.43 22.77 -4.60
CA MET D 1131 28.73 22.88 -3.95
C MET D 1131 29.82 22.22 -4.78
N LEU D 1132 29.46 21.16 -5.51
CA LEU D 1132 30.45 20.41 -6.27
C LEU D 1132 30.76 21.08 -7.60
N GLU D 1133 29.85 21.88 -8.13
CA GLU D 1133 30.14 22.64 -9.34
C GLU D 1133 30.94 23.89 -9.06
N GLN D 1134 30.77 24.50 -7.88
CA GLN D 1134 31.60 25.63 -7.51
C GLN D 1134 33.02 25.20 -7.20
N GLN D 1135 33.18 23.98 -6.72
CA GLN D 1135 34.51 23.46 -6.41
C GLN D 1135 35.21 22.96 -7.65
N HIS D 1136 34.47 22.41 -8.61
CA HIS D 1136 35.05 21.96 -9.86
C HIS D 1136 35.54 23.12 -10.71
N HIS D 1137 35.03 24.33 -10.50
CA HIS D 1137 35.56 25.49 -11.17
C HIS D 1137 36.90 25.91 -10.58
N LEU D 1138 37.11 25.71 -9.28
CA LEU D 1138 38.35 26.13 -8.65
C LEU D 1138 39.48 25.14 -8.90
N VAL D 1139 39.18 23.84 -8.86
CA VAL D 1139 40.19 22.81 -9.13
C VAL D 1139 40.68 22.93 -10.55
N ARG D 1140 39.77 23.23 -11.47
CA ARG D 1140 40.11 23.44 -12.87
C ARG D 1140 40.87 24.75 -13.09
N LEU D 1141 40.73 25.71 -12.17
CA LEU D 1141 41.52 26.93 -12.26
C LEU D 1141 42.94 26.70 -11.78
N ILE D 1142 43.14 25.81 -10.81
CA ILE D 1142 44.46 25.58 -10.24
C ILE D 1142 45.42 25.03 -11.29
N VAL D 1143 44.95 24.07 -12.09
CA VAL D 1143 45.81 23.49 -13.12
C VAL D 1143 46.07 24.44 -14.28
N GLN D 1144 45.28 25.52 -14.40
CA GLN D 1144 45.58 26.53 -15.41
C GLN D 1144 46.71 27.44 -15.00
N LYS D 1145 46.91 27.62 -13.68
CA LYS D 1145 47.85 28.60 -13.17
C LYS D 1145 48.80 28.01 -12.16
N MET D 1146 48.96 26.69 -12.16
CA MET D 1146 49.91 26.02 -11.29
C MET D 1146 51.31 26.14 -11.88
N GLU D 1147 52.29 26.32 -11.00
CA GLU D 1147 53.69 26.41 -11.40
C GLU D 1147 54.24 25.00 -11.57
N ILE D 1148 54.77 24.68 -12.74
CA ILE D 1148 55.33 23.37 -13.04
C ILE D 1148 56.75 23.56 -13.55
N LYS D 1149 57.73 23.23 -12.72
CA LYS D 1149 59.13 23.31 -13.11
C LYS D 1149 59.87 21.97 -13.06
N THR D 1150 59.84 21.29 -11.91
CA THR D 1150 60.61 20.06 -11.76
C THR D 1150 59.97 18.89 -12.50
N GLU D 1151 58.64 18.80 -12.45
CA GLU D 1151 57.92 17.71 -13.06
C GLU D 1151 57.46 18.01 -14.47
N ALA D 1152 58.10 18.95 -15.15
CA ALA D 1152 57.77 19.26 -16.53
C ALA D 1152 58.35 18.19 -17.45
N ASP D 1153 57.59 17.82 -18.46
CA ASP D 1153 58.03 16.81 -19.42
C ASP D 1153 59.11 17.37 -20.34
#